data_9B8B
#
_entry.id   9B8B
#
_cell.length_a   1.00
_cell.length_b   1.00
_cell.length_c   1.00
_cell.angle_alpha   90.00
_cell.angle_beta   90.00
_cell.angle_gamma   90.00
#
_symmetry.space_group_name_H-M   'P 1'
#
loop_
_entity.id
_entity.type
_entity.pdbx_description
1 polymer 'RM038 fragment antigen binding heavy chain'
2 polymer 'RM038 fragment antigen binding light chain'
3 polymer 'RM20A3 fragment antigen binding light chain'
4 polymer 'RM20A3 fragment antigen binding heavy chain'
5 polymer 'Envelope glycoprotein gp160'
6 polymer 'Transmembrane protein gp41'
7 branched 2-acetamido-2-deoxy-beta-D-glucopyranose-(1-4)-2-acetamido-2-deoxy-beta-D-glucopyranose
8 branched beta-D-mannopyranose-(1-4)-2-acetamido-2-deoxy-beta-D-glucopyranose-(1-4)-2-acetamido-2-deoxy-beta-D-glucopyranose
9 non-polymer 2-acetamido-2-deoxy-beta-D-glucopyranose
#
loop_
_entity_poly.entity_id
_entity_poly.type
_entity_poly.pdbx_seq_one_letter_code
_entity_poly.pdbx_strand_id
1 'polypeptide(L)'
;QCVEQLVESGGGLVQPGASLRLSCAASEFTFSDSDMHWVRQVPGQGLEWVSAISLGGDTHYPDSVKGRFTISRDNAKNSL
YLQMNSLRPEDTAVYYCARGGRGGYEDD(TYS)G(TYS)FYFIGGRRSLDVWGRGALVTVSS
;
H
2 'polypeptide(L)'
;DIVMTQTPLSLPVTPGEPASISCRSSQSLLDSEAGNTYLDWYLQRPGQSPQLLIYEVSNRASGVPDRFSGSGSDTDFTLK
VSRVEAEDVGVYYCMQGIQLPYSFGQGTKVEIK
;
L
3 'polypeptide(L)'
;ALTQPPSVSGSPGQSVTISCTGTSSDIGSYNYVSWYQQHPGKAPKLMIYDVTQRPSGVSDRFSGSKSGNTASLTISGLQA
DDEADYYCSAYAGRQTFYIFGGGTRLTVL
;
G,J,N
4 'polypeptide(L)'
;EVQLVETGGGLVQPGGSLKLSCRASGYTFSSFAMSWVRQAPGKGLEWVSLINDRGGLTFYVDSVKGRFTISRDNSKNTLS
LQMHSLRDGDTAVYYCATGGMSSALQSSKYYFDFWGQGALVTVS
;
I,K,M
5 'polypeptide(L)'
;MGILPSPGMPALLSLVSLLSVLLMGCVAETGAENLWVTVYYGVPVWKDAETTLFCASDAKAYETEKHNVWATHACVSTDP
NPQEIHLENVTEEFNMWKNNMVEQMHEDIISLWDQSLKPCVKLTPLCVGLQCTNVTNNITDDMRGELKNCSFNATTELRN
KRQKVYSLFYRLDIVPMVDLWTNYRLISCNTSAITQACPKVSFEPIPIHYCAPAGFAILKCKDKKFNGTGPCQNVSTVQC
THGIKPVVSTQLLLNGSLAEEEVIIRSENITNNAKNILVQLNTSVQINCTRPNNNTVKSIRIGPGQAFYYTGDIIGDIRQ
AHCNVSKATWNETLGKVVKQLRKHFGNNTIIRFAQSSGGDLEVTTHSFNCGGEFFYCNTSGLFNSTWISNTSVQGSNSTG
SNDSITLPCRIKQIINMWQRIGQAMYAPPIQGVIRCVSNITGLILTRDGGSTNSTTETFRPGGGDMRDNWRSELYKYKVV
KIEPLGVAPTRCKRRVVGRRRRRR
;
A,C,D
6 'polypeptide(L)'
;AVGIGAVSLGFLGAAGSTMGAASMTLTVQARNLLSGIVQQQSNLLRAPEPQQHLLKDTHWGIKQLQARVLAVEHYLRDQQ
LLGIWGCSGKLICCTNVPWNSSWSNRNLSEIWDNMTWLQWDKEISNYTQIIYGLLEESQNQQEKNEQDLLALD
;
B,E,F
#
# COMPACT_ATOMS: atom_id res chain seq x y z
N VAL A 3 -64.48 -44.25 23.30
CA VAL A 3 -63.88 -43.03 23.91
C VAL A 3 -62.48 -43.35 24.44
N GLU A 4 -61.79 -42.31 24.93
CA GLU A 4 -60.47 -42.43 25.53
C GLU A 4 -60.66 -42.52 27.04
N GLN A 5 -60.61 -43.74 27.58
CA GLN A 5 -60.81 -43.95 29.00
C GLN A 5 -60.08 -45.21 29.44
N LEU A 6 -59.26 -45.07 30.49
CA LEU A 6 -58.50 -46.18 31.05
C LEU A 6 -59.29 -46.85 32.16
N VAL A 7 -58.89 -48.09 32.48
CA VAL A 7 -59.51 -48.87 33.54
C VAL A 7 -58.43 -49.27 34.54
N GLU A 8 -58.61 -48.90 35.80
CA GLU A 8 -57.70 -49.29 36.86
C GLU A 8 -57.86 -50.77 37.20
N SER A 9 -56.75 -51.41 37.55
CA SER A 9 -56.75 -52.80 37.99
C SER A 9 -55.72 -52.97 39.09
N GLY A 10 -56.08 -53.77 40.09
CA GLY A 10 -55.27 -54.01 41.28
C GLY A 10 -55.88 -53.35 42.51
N GLY A 11 -55.50 -53.86 43.67
CA GLY A 11 -56.01 -53.39 44.94
C GLY A 11 -56.23 -54.54 45.89
N GLY A 12 -57.02 -54.27 46.93
CA GLY A 12 -57.33 -55.24 47.97
C GLY A 12 -57.10 -54.68 49.36
N LEU A 13 -57.38 -55.53 50.35
CA LEU A 13 -57.24 -55.19 51.76
C LEU A 13 -55.90 -55.69 52.26
N VAL A 14 -55.09 -54.78 52.82
CA VAL A 14 -53.75 -55.09 53.30
C VAL A 14 -53.60 -54.63 54.74
N GLN A 15 -52.54 -55.13 55.38
CA GLN A 15 -52.12 -54.77 56.73
C GLN A 15 -51.08 -53.65 56.66
N PRO A 16 -50.92 -52.88 57.73
CA PRO A 16 -49.86 -51.86 57.74
C PRO A 16 -48.49 -52.48 57.51
N GLY A 17 -47.69 -51.82 56.67
CA GLY A 17 -46.37 -52.28 56.29
C GLY A 17 -46.31 -53.07 54.99
N ALA A 18 -47.46 -53.46 54.44
CA ALA A 18 -47.48 -54.22 53.20
C ALA A 18 -47.15 -53.33 52.01
N SER A 19 -46.84 -53.97 50.89
CA SER A 19 -46.56 -53.30 49.62
C SER A 19 -47.58 -53.73 48.58
N LEU A 20 -47.85 -52.85 47.62
CA LEU A 20 -48.78 -53.17 46.53
C LEU A 20 -48.25 -52.65 45.20
N ARG A 21 -48.60 -53.35 44.13
CA ARG A 21 -48.29 -52.94 42.76
C ARG A 21 -49.61 -52.67 42.05
N LEU A 22 -49.97 -51.39 41.95
CA LEU A 22 -51.21 -50.96 41.32
C LEU A 22 -50.86 -50.47 39.92
N SER A 23 -51.74 -50.73 38.95
CA SER A 23 -51.43 -50.32 37.58
C SER A 23 -52.66 -49.83 36.85
N CYS A 24 -52.39 -49.01 35.83
CA CYS A 24 -53.37 -48.52 34.87
C CYS A 24 -52.96 -48.97 33.47
N ALA A 25 -53.92 -49.50 32.73
CA ALA A 25 -53.68 -49.93 31.36
C ALA A 25 -53.86 -48.77 30.38
N ALA A 26 -53.12 -48.85 29.28
CA ALA A 26 -53.28 -47.89 28.19
C ALA A 26 -54.62 -48.08 27.49
N SER A 27 -55.21 -46.97 27.06
CA SER A 27 -56.43 -47.02 26.27
C SER A 27 -56.41 -45.89 25.25
N GLU A 28 -56.61 -46.26 24.00
CA GLU A 28 -56.70 -45.33 22.87
C GLU A 28 -55.52 -44.35 22.81
N PHE A 29 -54.31 -44.89 22.96
CA PHE A 29 -53.07 -44.14 22.82
C PHE A 29 -52.95 -42.97 23.80
N THR A 30 -53.61 -43.07 24.96
CA THR A 30 -53.46 -42.06 26.00
C THR A 30 -52.22 -42.28 26.85
N PHE A 31 -51.54 -43.42 26.70
CA PHE A 31 -50.33 -43.74 27.44
C PHE A 31 -49.16 -43.93 26.47
N SER A 32 -48.91 -42.91 25.64
CA SER A 32 -47.80 -42.98 24.69
C SER A 32 -46.99 -41.71 24.83
N ASP A 33 -47.45 -40.61 24.22
CA ASP A 33 -46.83 -39.31 24.37
C ASP A 33 -47.73 -38.48 25.30
N SER A 34 -47.58 -38.70 26.60
CA SER A 34 -48.44 -37.99 27.55
C SER A 34 -47.90 -38.11 28.96
N ASP A 35 -48.14 -37.06 29.75
CA ASP A 35 -47.83 -37.10 31.17
C ASP A 35 -48.90 -37.92 31.87
N MET A 36 -48.56 -38.48 33.03
CA MET A 36 -49.51 -39.26 33.82
C MET A 36 -49.50 -38.82 35.27
N HIS A 37 -50.68 -38.90 35.90
CA HIS A 37 -50.86 -38.48 37.27
C HIS A 37 -51.61 -39.55 38.03
N TRP A 38 -51.32 -39.67 39.33
CA TRP A 38 -52.12 -40.46 40.26
C TRP A 38 -52.77 -39.51 41.25
N VAL A 39 -54.07 -39.68 41.44
CA VAL A 39 -54.90 -38.81 42.26
C VAL A 39 -55.67 -39.66 43.27
N ARG A 40 -55.80 -39.12 44.49
CA ARG A 40 -56.48 -39.75 45.60
C ARG A 40 -57.84 -39.11 45.82
N GLN A 41 -58.86 -39.94 46.00
CA GLN A 41 -60.20 -39.52 46.42
C GLN A 41 -60.41 -40.11 47.81
N VAL A 42 -60.39 -39.25 48.81
CA VAL A 42 -60.58 -39.68 50.20
C VAL A 42 -62.07 -39.84 50.47
N PRO A 43 -62.53 -40.96 51.04
CA PRO A 43 -63.97 -41.12 51.29
C PRO A 43 -64.49 -40.23 52.41
N GLY A 44 -64.69 -38.94 52.11
CA GLY A 44 -65.10 -37.96 53.11
C GLY A 44 -64.36 -36.63 53.06
N GLN A 45 -63.40 -36.50 52.14
CA GLN A 45 -62.66 -35.26 51.96
C GLN A 45 -62.53 -35.02 50.46
N GLY A 46 -61.87 -33.93 50.09
CA GLY A 46 -61.75 -33.58 48.69
C GLY A 46 -60.63 -34.32 47.98
N LEU A 47 -60.39 -33.89 46.75
CA LEU A 47 -59.38 -34.52 45.91
C LEU A 47 -57.99 -34.16 46.38
N GLU A 48 -57.11 -35.17 46.43
CA GLU A 48 -55.71 -34.96 46.78
C GLU A 48 -54.83 -35.58 45.69
N TRP A 49 -53.89 -34.80 45.19
CA TRP A 49 -52.93 -35.28 44.22
C TRP A 49 -51.90 -36.14 44.93
N VAL A 50 -51.55 -37.27 44.33
CA VAL A 50 -50.61 -38.22 44.89
C VAL A 50 -49.26 -38.15 44.20
N SER A 51 -49.26 -38.19 42.87
CA SER A 51 -47.97 -38.23 42.19
C SER A 51 -48.16 -37.87 40.72
N ALA A 52 -47.04 -37.59 40.06
CA ALA A 52 -47.06 -37.39 38.62
C ALA A 52 -45.75 -37.86 38.02
N ILE A 53 -45.82 -38.34 36.77
CA ILE A 53 -44.66 -38.77 36.01
C ILE A 53 -44.69 -38.10 34.65
N SER A 54 -43.53 -37.58 34.24
CA SER A 54 -43.32 -36.86 33.00
C SER A 54 -43.10 -37.80 31.82
N LEU A 55 -42.98 -37.19 30.64
CA LEU A 55 -42.68 -37.92 29.42
C LEU A 55 -41.34 -38.62 29.48
N GLY A 56 -40.36 -38.03 30.17
CA GLY A 56 -39.01 -38.54 30.24
C GLY A 56 -38.70 -39.39 31.45
N GLY A 57 -39.70 -39.73 32.25
CA GLY A 57 -39.50 -40.53 33.44
C GLY A 57 -39.16 -39.75 34.70
N ASP A 58 -39.34 -38.44 34.70
CA ASP A 58 -39.18 -37.68 35.92
C ASP A 58 -40.46 -37.84 36.73
N THR A 59 -40.32 -37.85 38.05
CA THR A 59 -41.47 -38.03 38.93
C THR A 59 -41.53 -36.89 39.93
N HIS A 60 -42.71 -36.74 40.53
CA HIS A 60 -42.90 -35.75 41.57
C HIS A 60 -43.99 -36.23 42.51
N TYR A 61 -43.76 -36.03 43.81
CA TYR A 61 -44.63 -36.43 44.90
C TYR A 61 -44.76 -35.27 45.87
N PRO A 62 -45.86 -35.16 46.60
CA PRO A 62 -45.91 -34.18 47.70
C PRO A 62 -45.14 -34.67 48.93
N ASP A 63 -44.93 -33.72 49.86
CA ASP A 63 -44.13 -33.98 51.06
C ASP A 63 -44.65 -35.15 51.88
N SER A 64 -45.96 -35.39 51.89
CA SER A 64 -46.51 -36.50 52.68
C SER A 64 -46.31 -37.85 52.01
N VAL A 65 -45.88 -37.86 50.75
CA VAL A 65 -45.74 -39.09 49.97
C VAL A 65 -44.29 -39.48 49.73
N LYS A 66 -43.37 -38.52 49.60
CA LYS A 66 -41.96 -38.80 49.30
C LYS A 66 -41.37 -39.84 50.23
N GLY A 67 -40.68 -40.81 49.63
CA GLY A 67 -40.07 -41.90 50.35
C GLY A 67 -40.96 -43.09 50.62
N ARG A 68 -42.24 -43.03 50.24
CA ARG A 68 -43.18 -44.11 50.49
C ARG A 68 -43.73 -44.72 49.21
N PHE A 69 -44.17 -43.89 48.26
CA PHE A 69 -44.76 -44.33 47.01
C PHE A 69 -43.75 -44.12 45.89
N THR A 70 -43.75 -45.02 44.91
CA THR A 70 -42.92 -44.91 43.73
C THR A 70 -43.80 -45.13 42.51
N ILE A 71 -43.60 -44.34 41.46
CA ILE A 71 -44.32 -44.54 40.21
C ILE A 71 -43.31 -44.73 39.09
N SER A 72 -43.75 -45.42 38.05
CA SER A 72 -42.89 -45.65 36.90
C SER A 72 -43.74 -45.98 35.69
N ARG A 73 -43.08 -45.90 34.53
CA ARG A 73 -43.64 -46.26 33.25
C ARG A 73 -42.62 -47.14 32.52
N ASP A 74 -43.09 -48.22 31.93
CA ASP A 74 -42.24 -49.07 31.10
C ASP A 74 -42.40 -48.79 29.61
N ASN A 75 -43.58 -48.30 29.19
CA ASN A 75 -43.91 -47.93 27.82
C ASN A 75 -43.97 -49.10 26.83
N ALA A 76 -43.08 -50.09 26.96
CA ALA A 76 -43.14 -51.25 26.06
C ALA A 76 -44.42 -52.04 26.29
N LYS A 77 -44.87 -52.13 27.54
CA LYS A 77 -46.07 -52.89 27.87
C LYS A 77 -47.29 -52.01 28.07
N ASN A 78 -47.17 -50.72 27.76
CA ASN A 78 -48.31 -49.79 27.70
C ASN A 78 -49.11 -49.74 29.01
N SER A 79 -48.39 -49.64 30.13
CA SER A 79 -49.06 -49.57 31.43
C SER A 79 -48.25 -48.70 32.39
N LEU A 80 -48.98 -48.00 33.26
CA LEU A 80 -48.43 -47.15 34.30
C LEU A 80 -48.46 -47.93 35.62
N TYR A 81 -47.37 -47.89 36.39
CA TYR A 81 -47.29 -48.63 37.65
C TYR A 81 -47.05 -47.68 38.82
N LEU A 82 -47.69 -48.01 39.94
CA LEU A 82 -47.53 -47.39 41.25
C LEU A 82 -47.19 -48.46 42.27
N GLN A 83 -45.99 -48.39 42.84
CA GLN A 83 -45.56 -49.32 43.88
C GLN A 83 -45.73 -48.60 45.21
N MET A 84 -46.70 -49.08 45.99
CA MET A 84 -47.04 -48.50 47.28
C MET A 84 -46.29 -49.23 48.37
N ASN A 85 -45.75 -48.47 49.33
CA ASN A 85 -45.03 -49.03 50.47
C ASN A 85 -45.34 -48.22 51.72
N SER A 86 -45.19 -48.87 52.87
CA SER A 86 -45.33 -48.25 54.20
C SER A 86 -46.65 -47.50 54.35
N LEU A 87 -47.75 -48.19 54.05
CA LEU A 87 -49.07 -47.58 54.11
C LEU A 87 -49.56 -47.45 55.54
N ARG A 88 -50.43 -46.47 55.76
CA ARG A 88 -51.01 -46.15 57.05
C ARG A 88 -52.53 -46.15 56.93
N PRO A 89 -53.25 -46.29 58.05
CA PRO A 89 -54.72 -46.17 57.99
C PRO A 89 -55.22 -44.87 57.38
N GLU A 90 -54.47 -43.78 57.52
CA GLU A 90 -54.87 -42.51 56.90
C GLU A 90 -54.86 -42.57 55.38
N ASP A 91 -54.20 -43.56 54.79
CA ASP A 91 -54.05 -43.67 53.34
C ASP A 91 -55.17 -44.49 52.69
N THR A 92 -56.18 -44.91 53.44
CA THR A 92 -57.32 -45.60 52.85
C THR A 92 -58.10 -44.65 51.95
N ALA A 93 -58.22 -45.00 50.66
CA ALA A 93 -58.82 -44.08 49.70
C ALA A 93 -58.98 -44.79 48.36
N VAL A 94 -59.70 -44.12 47.46
CA VAL A 94 -59.79 -44.56 46.06
C VAL A 94 -58.68 -43.86 45.27
N TYR A 95 -57.85 -44.64 44.59
CA TYR A 95 -56.75 -44.13 43.79
C TYR A 95 -57.01 -44.35 42.30
N TYR A 96 -56.70 -43.34 41.49
CA TYR A 96 -56.93 -43.46 40.06
C TYR A 96 -55.99 -42.59 39.26
N CYS A 97 -55.89 -42.92 37.97
CA CYS A 97 -54.99 -42.27 37.03
C CYS A 97 -55.67 -41.15 36.28
N ALA A 98 -54.84 -40.22 35.79
CA ALA A 98 -55.29 -39.16 34.90
C ALA A 98 -54.17 -38.88 33.90
N ARG A 99 -54.57 -38.38 32.73
CA ARG A 99 -53.60 -37.96 31.72
C ARG A 99 -53.29 -36.47 31.90
N GLY A 100 -52.05 -36.11 31.65
CA GLY A 100 -51.58 -34.73 31.67
C GLY A 100 -51.46 -34.17 30.27
N GLY A 101 -50.40 -33.41 30.05
CA GLY A 101 -50.17 -32.83 28.75
C GLY A 101 -49.60 -33.88 27.81
N ARG A 102 -49.39 -33.46 26.57
CA ARG A 102 -48.90 -34.35 25.50
C ARG A 102 -47.74 -33.71 24.78
N GLY A 103 -46.91 -34.56 24.17
CA GLY A 103 -45.76 -34.10 23.42
C GLY A 103 -45.50 -34.93 22.17
N GLY A 104 -44.30 -35.47 22.05
CA GLY A 104 -43.91 -36.22 20.87
C GLY A 104 -42.52 -36.78 21.09
N TYR A 105 -42.05 -37.58 20.13
CA TYR A 105 -40.76 -38.29 20.29
C TYR A 105 -39.97 -38.29 18.99
N GLU A 106 -39.18 -37.24 18.77
CA GLU A 106 -38.26 -37.15 17.65
C GLU A 106 -36.85 -36.99 18.22
N ASP A 107 -35.87 -37.61 17.56
CA ASP A 107 -34.52 -37.59 18.12
C ASP A 107 -33.82 -36.23 18.06
N ASP A 108 -34.45 -35.13 17.66
CA ASP A 108 -33.82 -33.80 17.76
C ASP A 108 -33.48 -33.56 19.23
N GLY A 110 -35.21 -35.99 22.74
CA GLY A 110 -36.25 -36.86 23.26
C GLY A 110 -37.30 -36.21 24.12
N PHE A 112 -40.78 -33.82 24.04
CA PHE A 112 -40.88 -32.37 24.00
C PHE A 112 -42.27 -31.88 24.37
N TYR A 113 -42.35 -30.82 25.17
CA TYR A 113 -43.61 -30.22 25.54
C TYR A 113 -43.93 -29.03 24.65
N PHE A 114 -45.22 -28.67 24.62
CA PHE A 114 -45.70 -27.53 23.85
C PHE A 114 -45.78 -26.28 24.71
N ILE A 115 -45.46 -25.14 24.11
CA ILE A 115 -45.67 -23.86 24.77
C ILE A 115 -47.16 -23.58 24.75
N GLY A 116 -47.76 -23.39 25.93
CA GLY A 116 -49.19 -23.20 25.98
C GLY A 116 -49.98 -24.47 25.77
N GLY A 117 -49.36 -25.64 25.97
CA GLY A 117 -50.03 -26.89 25.74
C GLY A 117 -50.93 -27.28 26.89
N ARG A 118 -51.52 -28.46 26.78
CA ARG A 118 -52.44 -28.92 27.80
C ARG A 118 -51.68 -29.30 29.07
N ARG A 119 -52.22 -28.89 30.22
CA ARG A 119 -51.73 -29.33 31.53
C ARG A 119 -52.84 -29.85 32.43
N SER A 120 -54.06 -29.96 31.93
CA SER A 120 -55.18 -30.41 32.76
C SER A 120 -55.09 -31.91 32.97
N LEU A 121 -55.86 -32.39 33.95
CA LEU A 121 -55.99 -33.81 34.20
C LEU A 121 -57.23 -34.30 33.46
N ASP A 122 -57.03 -35.27 32.55
CA ASP A 122 -58.09 -35.79 31.70
C ASP A 122 -57.93 -37.29 31.63
N VAL A 123 -58.81 -37.95 30.87
CA VAL A 123 -58.84 -39.40 30.74
C VAL A 123 -58.89 -40.04 32.12
N TRP A 124 -60.01 -39.85 32.81
CA TRP A 124 -60.18 -40.36 34.15
C TRP A 124 -60.69 -41.79 34.10
N GLY A 125 -60.19 -42.64 34.97
CA GLY A 125 -60.65 -44.02 35.06
C GLY A 125 -61.76 -44.17 36.09
N ARG A 126 -61.89 -45.39 36.60
CA ARG A 126 -62.91 -45.72 37.60
C ARG A 126 -62.36 -45.67 39.01
N GLY A 127 -61.12 -46.13 39.21
CA GLY A 127 -60.49 -46.11 40.51
C GLY A 127 -60.51 -47.41 41.28
N ALA A 128 -59.40 -47.68 41.97
CA ALA A 128 -59.28 -48.85 42.82
C ALA A 128 -59.36 -48.39 44.27
N LEU A 129 -59.97 -49.19 45.12
CA LEU A 129 -60.09 -48.89 46.55
C LEU A 129 -58.96 -49.59 47.29
N VAL A 130 -58.18 -48.82 48.03
CA VAL A 130 -57.09 -49.34 48.84
C VAL A 130 -57.44 -49.08 50.30
N THR A 131 -57.53 -50.16 51.08
CA THR A 131 -57.88 -50.12 52.49
C THR A 131 -56.77 -50.79 53.29
N VAL A 132 -56.32 -50.13 54.35
CA VAL A 132 -55.25 -50.64 55.19
C VAL A 132 -55.87 -51.25 56.45
N ASP B 1 -45.69 -23.73 48.12
CA ASP B 1 -46.78 -24.43 47.38
C ASP B 1 -47.86 -23.40 47.03
N ILE B 2 -48.90 -23.85 46.34
CA ILE B 2 -50.02 -23.01 45.95
C ILE B 2 -51.23 -23.49 46.74
N VAL B 3 -51.86 -22.57 47.46
CA VAL B 3 -53.06 -22.86 48.24
C VAL B 3 -54.25 -22.36 47.45
N MET B 4 -55.18 -23.27 47.16
CA MET B 4 -56.40 -22.95 46.42
C MET B 4 -57.53 -22.93 47.44
N THR B 5 -58.15 -21.76 47.62
CA THR B 5 -59.20 -21.57 48.61
C THR B 5 -60.54 -21.42 47.91
N GLN B 6 -61.48 -22.30 48.26
CA GLN B 6 -62.83 -22.25 47.72
C GLN B 6 -63.66 -21.37 48.65
N THR B 7 -64.38 -20.40 48.07
CA THR B 7 -65.14 -19.48 48.92
C THR B 7 -66.38 -20.16 49.50
N PRO B 8 -67.32 -20.66 48.70
CA PRO B 8 -68.43 -21.42 49.30
C PRO B 8 -67.98 -22.81 49.71
N LEU B 9 -68.56 -23.28 50.82
CA LEU B 9 -68.43 -24.66 51.26
C LEU B 9 -69.73 -25.42 51.11
N SER B 10 -70.84 -24.73 50.91
CA SER B 10 -72.16 -25.31 50.68
C SER B 10 -72.96 -24.25 49.94
N LEU B 11 -73.72 -24.66 48.93
CA LEU B 11 -74.50 -23.71 48.13
C LEU B 11 -75.75 -24.40 47.61
N PRO B 12 -76.84 -24.39 48.38
CA PRO B 12 -78.13 -24.82 47.84
C PRO B 12 -78.58 -23.83 46.76
N VAL B 13 -79.02 -24.38 45.63
CA VAL B 13 -79.46 -23.58 44.49
C VAL B 13 -80.82 -24.10 44.02
N THR B 14 -81.75 -23.18 43.83
CA THR B 14 -83.02 -23.53 43.20
C THR B 14 -82.77 -23.76 41.72
N PRO B 15 -83.27 -24.85 41.12
CA PRO B 15 -83.04 -25.07 39.68
C PRO B 15 -83.49 -23.92 38.76
N GLY B 16 -84.39 -23.07 39.22
CA GLY B 16 -84.89 -21.95 38.43
C GLY B 16 -84.16 -20.63 38.58
N GLU B 17 -83.01 -20.59 39.23
CA GLU B 17 -82.24 -19.37 39.46
C GLU B 17 -80.79 -19.61 39.10
N PRO B 18 -80.04 -18.55 38.76
CA PRO B 18 -78.61 -18.72 38.48
C PRO B 18 -77.81 -18.97 39.74
N ALA B 19 -76.56 -19.41 39.54
CA ALA B 19 -75.64 -19.68 40.63
C ALA B 19 -74.22 -19.27 40.23
N SER B 20 -73.42 -18.96 41.25
CA SER B 20 -72.03 -18.54 41.06
C SER B 20 -71.15 -19.26 42.08
N ILE B 21 -70.14 -19.99 41.58
CA ILE B 21 -69.18 -20.71 42.41
C ILE B 21 -67.81 -20.14 42.08
N SER B 22 -67.06 -19.73 43.11
CA SER B 22 -65.79 -19.06 42.89
C SER B 22 -64.74 -19.57 43.86
N CYS B 23 -63.48 -19.37 43.48
CA CYS B 23 -62.34 -19.75 44.29
C CYS B 23 -61.18 -18.83 43.93
N ARG B 24 -60.14 -18.86 44.78
CA ARG B 24 -58.96 -18.02 44.59
C ARG B 24 -57.68 -18.81 44.83
N SER B 25 -56.71 -18.60 43.95
CA SER B 25 -55.37 -19.16 44.10
C SER B 25 -54.49 -18.21 44.90
N SER B 26 -53.70 -18.77 45.81
CA SER B 26 -52.78 -17.97 46.62
C SER B 26 -51.64 -17.39 45.81
N GLN B 27 -51.36 -17.91 44.62
CA GLN B 27 -50.32 -17.41 43.74
C GLN B 27 -50.91 -17.12 42.37
N SER B 28 -50.28 -16.19 41.65
CA SER B 28 -50.69 -15.92 40.29
C SER B 28 -50.47 -17.15 39.42
N LEU B 29 -51.46 -17.45 38.58
CA LEU B 29 -51.42 -18.61 37.70
C LEU B 29 -51.08 -18.24 36.26
N LEU B 30 -50.58 -17.03 36.02
CA LEU B 30 -50.35 -16.56 34.66
C LEU B 30 -48.94 -16.93 34.21
N ASP B 31 -48.86 -17.62 33.08
CA ASP B 31 -47.59 -17.94 32.44
C ASP B 31 -47.31 -16.78 31.49
N SER B 32 -46.43 -15.87 31.91
CA SER B 32 -46.24 -14.62 31.19
C SER B 32 -45.68 -14.85 29.78
N GLU B 33 -44.74 -15.81 29.65
CA GLU B 33 -44.16 -16.05 28.33
C GLU B 33 -45.16 -16.72 27.40
N ALA B 34 -45.90 -17.72 27.89
CA ALA B 34 -46.90 -18.37 27.05
C ALA B 34 -48.16 -17.53 26.92
N GLY B 35 -48.52 -16.81 27.98
CA GLY B 35 -49.75 -16.04 28.02
C GLY B 35 -50.96 -16.81 28.50
N ASN B 36 -50.82 -18.11 28.76
CA ASN B 36 -51.91 -18.96 29.21
C ASN B 36 -51.93 -19.05 30.73
N THR B 37 -53.12 -18.93 31.30
CA THR B 37 -53.34 -19.10 32.74
C THR B 37 -53.95 -20.48 32.95
N TYR B 38 -53.36 -21.26 33.85
CA TYR B 38 -53.72 -22.67 34.01
C TYR B 38 -54.59 -22.84 35.24
N LEU B 39 -55.88 -23.07 35.00
CA LEU B 39 -56.91 -23.24 36.02
C LEU B 39 -57.85 -24.29 35.47
N ASP B 40 -58.39 -25.13 36.34
CA ASP B 40 -59.33 -26.17 35.90
C ASP B 40 -60.46 -26.33 36.90
N TRP B 41 -61.66 -26.54 36.38
CA TRP B 41 -62.83 -26.84 37.18
C TRP B 41 -63.22 -28.28 36.91
N TYR B 42 -63.56 -29.00 37.98
CA TYR B 42 -63.98 -30.39 37.90
C TYR B 42 -65.35 -30.51 38.56
N LEU B 43 -66.15 -31.48 38.10
CA LEU B 43 -67.48 -31.74 38.65
C LEU B 43 -67.60 -33.21 39.01
N GLN B 44 -67.87 -33.47 40.29
CA GLN B 44 -68.01 -34.80 40.83
C GLN B 44 -69.49 -35.16 40.92
N ARG B 45 -69.83 -36.35 40.42
CA ARG B 45 -71.18 -36.89 40.40
C ARG B 45 -71.24 -38.19 41.20
N PRO B 46 -72.44 -38.58 41.68
CA PRO B 46 -72.57 -39.88 42.34
C PRO B 46 -72.23 -41.07 41.46
N GLY B 47 -72.25 -40.91 40.13
CA GLY B 47 -71.96 -41.98 39.21
C GLY B 47 -70.50 -42.00 38.83
N GLN B 48 -70.13 -41.26 37.79
CA GLN B 48 -68.74 -41.14 37.38
C GLN B 48 -68.17 -39.99 38.20
N SER B 49 -67.36 -40.32 39.22
CA SER B 49 -66.91 -39.30 40.17
C SER B 49 -65.91 -38.33 39.55
N PRO B 50 -64.75 -38.76 39.04
CA PRO B 50 -63.88 -37.78 38.38
C PRO B 50 -64.39 -37.39 37.00
N GLN B 51 -64.20 -36.12 36.64
CA GLN B 51 -64.57 -35.62 35.32
C GLN B 51 -64.08 -34.19 35.11
N LEU B 52 -63.37 -33.94 34.01
CA LEU B 52 -62.95 -32.58 33.66
C LEU B 52 -64.15 -31.77 33.18
N LEU B 53 -64.33 -30.57 33.74
CA LEU B 53 -65.43 -29.69 33.34
C LEU B 53 -64.94 -28.49 32.53
N ILE B 54 -64.08 -27.63 33.09
CA ILE B 54 -63.63 -26.41 32.41
C ILE B 54 -62.13 -26.36 32.41
N TYR B 55 -61.56 -26.04 31.24
CA TYR B 55 -60.13 -25.88 31.02
C TYR B 55 -59.81 -24.40 30.83
N GLU B 56 -58.92 -23.87 31.66
CA GLU B 56 -58.51 -22.48 31.63
C GLU B 56 -59.71 -21.52 31.69
N VAL B 57 -59.74 -20.44 30.90
CA VAL B 57 -60.81 -19.46 30.88
C VAL B 57 -61.60 -19.61 29.59
N SER B 58 -62.91 -19.83 29.72
CA SER B 58 -63.84 -19.87 28.60
C SER B 58 -63.42 -20.85 27.51
N ASN B 59 -63.02 -22.06 27.92
CA ASN B 59 -62.66 -23.12 26.99
C ASN B 59 -63.27 -24.40 27.56
N ARG B 60 -64.43 -24.76 27.04
CA ARG B 60 -65.18 -25.91 27.53
C ARG B 60 -64.50 -27.22 27.12
N ALA B 61 -64.48 -28.17 28.04
CA ALA B 61 -64.01 -29.50 27.70
C ALA B 61 -65.04 -30.19 26.81
N SER B 62 -64.57 -31.20 26.07
CA SER B 62 -65.45 -31.96 25.19
C SER B 62 -66.58 -32.60 25.98
N GLY B 63 -67.80 -32.46 25.47
CA GLY B 63 -68.97 -33.00 26.12
C GLY B 63 -69.64 -32.08 27.12
N VAL B 64 -69.07 -30.92 27.41
CA VAL B 64 -69.60 -29.99 28.40
C VAL B 64 -70.49 -28.97 27.70
N PRO B 65 -71.75 -28.77 28.11
CA PRO B 65 -72.61 -27.79 27.44
C PRO B 65 -72.21 -26.36 27.75
N ASP B 66 -72.73 -25.45 26.91
CA ASP B 66 -72.41 -24.03 26.98
C ASP B 66 -72.71 -23.39 28.33
N ARG B 67 -73.69 -23.94 29.06
CA ARG B 67 -74.09 -23.34 30.34
C ARG B 67 -72.99 -23.36 31.40
N PHE B 68 -71.92 -24.14 31.23
CA PHE B 68 -70.86 -24.22 32.23
C PHE B 68 -69.71 -23.24 31.98
N SER B 69 -69.80 -22.39 30.95
CA SER B 69 -68.71 -21.47 30.63
C SER B 69 -68.45 -20.52 31.79
N GLY B 70 -67.18 -20.40 32.17
CA GLY B 70 -66.78 -19.60 33.31
C GLY B 70 -66.10 -18.29 32.92
N SER B 71 -65.50 -17.67 33.94
CA SER B 71 -64.81 -16.40 33.80
C SER B 71 -63.85 -16.25 34.96
N GLY B 72 -63.02 -15.22 34.90
CA GLY B 72 -62.10 -14.93 35.98
C GLY B 72 -60.80 -14.36 35.48
N SER B 73 -59.88 -14.19 36.44
CA SER B 73 -58.55 -13.65 36.21
C SER B 73 -57.53 -14.68 36.67
N ASP B 74 -56.30 -14.27 36.97
CA ASP B 74 -55.25 -15.23 37.27
C ASP B 74 -55.19 -15.60 38.76
N THR B 75 -56.08 -15.06 39.59
CA THR B 75 -56.13 -15.46 41.00
C THR B 75 -57.54 -15.92 41.36
N ASP B 76 -58.49 -14.98 41.36
CA ASP B 76 -59.89 -15.26 41.68
C ASP B 76 -60.63 -15.60 40.39
N PHE B 77 -61.20 -16.80 40.32
CA PHE B 77 -61.97 -17.19 39.14
C PHE B 77 -63.24 -17.93 39.55
N THR B 78 -64.24 -17.83 38.66
CA THR B 78 -65.63 -18.15 38.97
C THR B 78 -66.28 -18.89 37.81
N LEU B 79 -67.23 -19.75 38.14
CA LEU B 79 -68.23 -20.27 37.21
C LEU B 79 -69.56 -19.62 37.53
N LYS B 80 -70.26 -19.19 36.49
CA LYS B 80 -71.59 -18.62 36.61
C LYS B 80 -72.51 -19.40 35.67
N VAL B 81 -73.57 -19.96 36.23
CA VAL B 81 -74.50 -20.80 35.47
C VAL B 81 -75.88 -20.18 35.57
N SER B 82 -76.55 -20.06 34.43
CA SER B 82 -77.88 -19.44 34.39
C SER B 82 -78.93 -20.31 35.06
N ARG B 83 -78.81 -21.63 34.95
CA ARG B 83 -79.75 -22.56 35.55
C ARG B 83 -79.01 -23.85 35.90
N VAL B 84 -79.32 -24.39 37.07
CA VAL B 84 -78.73 -25.64 37.54
C VAL B 84 -79.72 -26.76 37.23
N GLU B 85 -79.30 -27.68 36.37
CA GLU B 85 -80.10 -28.82 35.97
C GLU B 85 -79.89 -29.98 36.95
N ALA B 86 -80.82 -30.94 36.90
CA ALA B 86 -80.72 -32.11 37.78
C ALA B 86 -79.44 -32.89 37.55
N GLU B 87 -78.99 -32.98 36.30
CA GLU B 87 -77.74 -33.66 36.00
C GLU B 87 -76.50 -32.86 36.42
N ASP B 88 -76.66 -31.57 36.73
CA ASP B 88 -75.55 -30.69 37.05
C ASP B 88 -75.27 -30.59 38.55
N VAL B 89 -75.95 -31.37 39.38
CA VAL B 89 -75.83 -31.23 40.83
C VAL B 89 -74.73 -32.17 41.31
N GLY B 90 -73.69 -31.60 41.91
CA GLY B 90 -72.56 -32.38 42.35
C GLY B 90 -71.58 -31.51 43.12
N VAL B 91 -70.36 -32.02 43.27
CA VAL B 91 -69.32 -31.34 44.04
C VAL B 91 -68.32 -30.73 43.06
N TYR B 92 -68.12 -29.42 43.14
CA TYR B 92 -67.21 -28.72 42.24
C TYR B 92 -65.84 -28.56 42.88
N TYR B 93 -64.78 -28.71 42.07
CA TYR B 93 -63.40 -28.59 42.54
C TYR B 93 -62.63 -27.62 41.66
N CYS B 94 -61.73 -26.87 42.29
CA CYS B 94 -60.76 -25.99 41.64
C CYS B 94 -59.38 -26.64 41.66
N MET B 95 -58.67 -26.53 40.54
CA MET B 95 -57.29 -27.00 40.47
C MET B 95 -56.44 -25.96 39.76
N GLN B 96 -55.20 -25.84 40.21
CA GLN B 96 -54.17 -25.02 39.58
C GLN B 96 -53.27 -25.92 38.76
N GLY B 97 -52.82 -25.42 37.61
CA GLY B 97 -51.98 -26.18 36.71
C GLY B 97 -50.57 -25.67 36.45
N ILE B 98 -50.01 -24.82 37.32
CA ILE B 98 -48.68 -24.25 37.05
C ILE B 98 -47.57 -24.93 37.83
N GLN B 99 -47.89 -25.68 38.88
CA GLN B 99 -46.89 -26.39 39.66
C GLN B 99 -47.33 -27.83 39.86
N LEU B 100 -46.35 -28.72 39.94
CA LEU B 100 -46.61 -30.15 40.07
C LEU B 100 -47.46 -30.57 41.27
N PRO B 101 -47.43 -29.90 42.43
CA PRO B 101 -48.35 -30.30 43.52
C PRO B 101 -49.83 -30.34 43.14
N TYR B 102 -50.28 -29.58 42.14
CA TYR B 102 -51.68 -29.62 41.67
C TYR B 102 -52.69 -29.55 42.83
N SER B 103 -52.49 -28.58 43.71
CA SER B 103 -53.35 -28.44 44.88
C SER B 103 -54.80 -28.22 44.47
N PHE B 104 -55.71 -28.87 45.20
CA PHE B 104 -57.14 -28.73 45.03
C PHE B 104 -57.72 -27.96 46.22
N GLY B 105 -58.79 -27.22 45.96
CA GLY B 105 -59.51 -26.55 47.03
C GLY B 105 -60.61 -27.43 47.61
N GLN B 106 -61.36 -26.83 48.54
CA GLN B 106 -62.50 -27.52 49.13
C GLN B 106 -63.61 -27.65 48.11
N GLY B 107 -64.41 -28.70 48.24
CA GLY B 107 -65.53 -28.89 47.33
C GLY B 107 -66.74 -28.09 47.75
N THR B 108 -67.54 -27.70 46.76
CA THR B 108 -68.81 -27.02 46.96
C THR B 108 -69.93 -28.01 46.67
N LYS B 109 -70.72 -28.34 47.68
CA LYS B 109 -71.80 -29.30 47.53
C LYS B 109 -73.08 -28.57 47.17
N VAL B 110 -73.67 -28.93 46.04
CA VAL B 110 -74.91 -28.31 45.57
C VAL B 110 -76.09 -29.10 46.15
N GLU B 111 -77.08 -28.36 46.67
CA GLU B 111 -78.27 -28.93 47.28
C GLU B 111 -79.50 -28.42 46.53
N ILE B 112 -80.61 -29.14 46.72
CA ILE B 112 -81.89 -28.75 46.14
C ILE B 112 -82.59 -27.83 47.12
N LYS B 113 -82.91 -26.61 46.67
CA LYS B 113 -83.57 -25.61 47.50
C LYS B 113 -85.05 -25.57 47.18
N ALA C 1 40.62 50.93 -10.31
CA ALA C 1 39.30 50.35 -10.55
C ALA C 1 38.22 51.39 -10.32
N LEU C 2 38.13 51.89 -9.09
CA LEU C 2 37.14 52.88 -8.69
C LEU C 2 37.80 54.25 -8.65
N THR C 3 37.31 55.16 -9.49
CA THR C 3 37.89 56.49 -9.60
C THR C 3 37.35 57.38 -8.49
N GLN C 4 38.24 58.09 -7.82
CA GLN C 4 37.92 58.97 -6.71
C GLN C 4 38.50 60.35 -6.97
N PRO C 5 37.93 61.40 -6.39
CA PRO C 5 38.42 62.76 -6.68
C PRO C 5 39.81 62.96 -6.11
N PRO C 6 40.60 63.90 -6.66
CA PRO C 6 41.99 64.06 -6.18
C PRO C 6 42.09 64.82 -4.87
N SER C 7 41.63 64.16 -3.79
CA SER C 7 41.80 64.64 -2.42
C SER C 7 41.22 66.05 -2.22
N VAL C 8 39.89 66.13 -2.31
CA VAL C 8 39.20 67.42 -2.18
C VAL C 8 39.42 67.97 -0.78
N SER C 9 39.05 69.23 -0.57
CA SER C 9 39.33 69.93 0.68
C SER C 9 38.17 70.86 1.00
N GLY C 10 38.13 71.32 2.25
CA GLY C 10 37.16 72.33 2.64
C GLY C 10 37.40 72.76 4.07
N SER C 11 36.78 73.88 4.40
CA SER C 11 36.93 74.53 5.70
C SER C 11 36.06 73.86 6.77
N PRO C 12 36.44 73.98 8.04
CA PRO C 12 35.60 73.38 9.09
C PRO C 12 34.30 74.18 9.20
N GLY C 13 33.17 73.49 9.11
CA GLY C 13 31.87 74.11 9.08
C GLY C 13 31.20 74.05 7.71
N GLN C 14 31.83 73.39 6.74
CA GLN C 14 31.34 73.20 5.38
C GLN C 14 31.28 71.70 5.13
N SER C 15 30.63 71.30 4.04
CA SER C 15 30.51 69.89 3.67
C SER C 15 31.19 69.61 2.34
N VAL C 16 31.52 68.33 2.13
CA VAL C 16 32.15 67.86 0.91
C VAL C 16 31.41 66.63 0.40
N THR C 17 31.57 66.39 -0.91
CA THR C 17 31.09 65.19 -1.59
C THR C 17 32.30 64.49 -2.20
N ILE C 18 32.48 63.22 -1.85
CA ILE C 18 33.57 62.38 -2.36
C ILE C 18 32.92 61.36 -3.30
N SER C 19 33.21 61.48 -4.59
CA SER C 19 32.62 60.58 -5.58
C SER C 19 33.37 59.25 -5.65
N CYS C 20 32.68 58.25 -6.19
CA CYS C 20 33.24 56.92 -6.44
C CYS C 20 32.51 56.39 -7.66
N THR C 21 33.22 56.22 -8.78
CA THR C 21 32.63 55.83 -10.04
C THR C 21 33.25 54.55 -10.57
N GLY C 22 32.50 53.90 -11.46
CA GLY C 22 32.97 52.69 -12.10
C GLY C 22 32.07 52.33 -13.25
N THR C 23 32.14 51.08 -13.68
CA THR C 23 31.36 50.59 -14.81
C THR C 23 30.08 49.90 -14.31
N SER C 24 29.34 49.34 -15.27
CA SER C 24 28.05 48.72 -14.96
C SER C 24 28.21 47.48 -14.10
N SER C 25 29.32 46.76 -14.22
CA SER C 25 29.54 45.57 -13.42
C SER C 25 30.05 45.86 -12.02
N ASP C 26 30.45 47.09 -11.72
CA ASP C 26 30.99 47.46 -10.41
C ASP C 26 30.00 48.25 -9.57
N ILE C 27 29.35 49.26 -10.16
CA ILE C 27 28.46 50.17 -9.46
C ILE C 27 27.03 50.07 -9.99
N GLY C 28 26.88 50.12 -11.31
CA GLY C 28 25.54 50.24 -11.89
C GLY C 28 24.62 49.08 -11.56
N SER C 29 25.16 47.86 -11.55
CA SER C 29 24.33 46.68 -11.34
C SER C 29 24.17 46.28 -9.87
N TYR C 30 24.90 46.90 -8.94
CA TYR C 30 24.87 46.51 -7.54
C TYR C 30 24.69 47.74 -6.66
N ASN C 31 23.96 47.55 -5.55
CA ASN C 31 23.76 48.57 -4.53
C ASN C 31 24.62 48.32 -3.29
N TYR C 32 25.67 47.52 -3.41
CA TYR C 32 26.53 47.19 -2.28
C TYR C 32 27.81 48.02 -2.34
N VAL C 33 27.65 49.30 -2.01
CA VAL C 33 28.75 50.26 -2.01
C VAL C 33 28.97 50.71 -0.57
N SER C 34 30.22 50.64 -0.12
CA SER C 34 30.60 50.96 1.25
C SER C 34 31.77 51.94 1.25
N TRP C 35 31.91 52.64 2.37
CA TRP C 35 32.99 53.61 2.60
C TRP C 35 33.66 53.36 3.94
N TYR C 36 35.00 53.50 3.94
CA TYR C 36 35.86 53.23 5.08
C TYR C 36 36.77 54.41 5.38
N GLN C 37 36.99 54.65 6.67
CA GLN C 37 37.87 55.68 7.19
C GLN C 37 39.12 55.02 7.78
N GLN C 38 40.29 55.34 7.22
CA GLN C 38 41.58 54.76 7.66
C GLN C 38 42.48 55.87 8.16
N HIS C 39 42.47 56.10 9.47
CA HIS C 39 43.37 57.08 10.05
C HIS C 39 44.82 56.60 9.87
N PRO C 40 45.76 57.50 9.53
CA PRO C 40 47.17 57.07 9.42
C PRO C 40 47.65 56.46 10.73
N GLY C 41 48.31 55.31 10.62
CA GLY C 41 48.78 54.58 11.78
C GLY C 41 47.78 53.63 12.39
N LYS C 42 46.52 53.67 11.96
CA LYS C 42 45.46 52.84 12.52
C LYS C 42 44.81 52.02 11.40
N ALA C 43 44.10 50.98 11.80
CA ALA C 43 43.35 50.19 10.85
C ALA C 43 42.11 50.93 10.37
N PRO C 44 41.61 50.62 9.17
CA PRO C 44 40.34 51.21 8.72
C PRO C 44 39.17 50.70 9.53
N LYS C 45 38.14 51.54 9.63
CA LYS C 45 36.88 51.18 10.26
C LYS C 45 35.73 51.50 9.31
N LEU C 46 34.66 50.71 9.42
CA LEU C 46 33.49 50.89 8.58
C LEU C 46 32.77 52.18 8.94
N MET C 47 32.47 52.98 7.91
CA MET C 47 31.70 54.20 8.06
C MET C 47 30.33 54.10 7.39
N ILE C 48 30.27 53.67 6.12
CA ILE C 48 29.02 53.58 5.38
C ILE C 48 28.94 52.21 4.74
N TYR C 49 27.75 51.61 4.76
CA TYR C 49 27.50 50.36 4.06
C TYR C 49 26.12 50.44 3.41
N ASP C 50 25.94 49.63 2.36
CA ASP C 50 24.70 49.59 1.60
C ASP C 50 24.28 50.97 1.12
N VAL C 51 25.26 51.74 0.63
CA VAL C 51 25.09 53.07 0.05
C VAL C 51 24.67 54.12 1.07
N THR C 52 23.55 53.90 1.77
CA THR C 52 22.97 54.93 2.64
C THR C 52 23.08 54.65 4.13
N GLN C 53 23.41 53.44 4.54
CA GLN C 53 23.37 53.09 5.96
C GLN C 53 24.74 53.26 6.60
N ARG C 54 24.72 53.49 7.91
CA ARG C 54 25.90 53.58 8.76
C ARG C 54 25.75 52.63 9.93
N PRO C 55 26.83 52.01 10.41
CA PRO C 55 26.71 51.09 11.54
C PRO C 55 26.58 51.82 12.87
N SER C 56 26.13 51.06 13.87
CA SER C 56 26.09 51.57 15.23
C SER C 56 27.50 51.92 15.70
N GLY C 57 27.61 53.02 16.44
CA GLY C 57 28.89 53.50 16.92
C GLY C 57 29.49 54.62 16.08
N VAL C 58 28.95 54.84 14.87
CA VAL C 58 29.40 55.89 13.97
C VAL C 58 28.41 57.05 14.08
N SER C 59 28.94 58.25 14.27
CA SER C 59 28.11 59.43 14.42
C SER C 59 27.46 59.82 13.10
N ASP C 60 26.53 60.77 13.19
CA ASP C 60 25.86 61.32 12.02
C ASP C 60 26.79 62.29 11.29
N ARG C 61 26.25 63.01 10.33
CA ARG C 61 26.93 63.91 9.39
C ARG C 61 27.67 63.13 8.31
N PHE C 62 27.50 61.82 8.26
CA PHE C 62 28.07 60.96 7.21
C PHE C 62 26.90 60.28 6.52
N SER C 63 26.79 60.46 5.21
CA SER C 63 25.68 59.91 4.47
C SER C 63 26.16 59.65 3.04
N GLY C 64 25.27 59.12 2.21
CA GLY C 64 25.68 58.86 0.84
C GLY C 64 24.51 58.80 -0.09
N SER C 65 24.84 58.61 -1.36
CA SER C 65 23.82 58.57 -2.41
C SER C 65 24.37 57.80 -3.59
N LYS C 66 23.47 57.50 -4.53
CA LYS C 66 23.82 56.76 -5.73
C LYS C 66 22.94 57.23 -6.87
N SER C 67 23.55 57.40 -8.05
CA SER C 67 22.82 57.72 -9.26
C SER C 67 23.63 57.19 -10.43
N GLY C 68 22.96 56.47 -11.33
CA GLY C 68 23.64 55.92 -12.49
C GLY C 68 24.73 54.97 -12.06
N ASN C 69 25.95 55.24 -12.52
CA ASN C 69 27.14 54.48 -12.17
C ASN C 69 28.02 55.21 -11.16
N THR C 70 27.50 56.26 -10.51
CA THR C 70 28.25 57.08 -9.57
C THR C 70 27.62 56.98 -8.18
N ALA C 71 28.46 56.69 -7.19
CA ALA C 71 28.08 56.71 -5.78
C ALA C 71 28.85 57.84 -5.14
N SER C 72 28.32 58.39 -4.05
CA SER C 72 29.02 59.48 -3.38
C SER C 72 28.81 59.44 -1.89
N LEU C 73 29.82 59.93 -1.17
CA LEU C 73 29.81 60.10 0.27
C LEU C 73 29.71 61.59 0.57
N THR C 74 28.72 61.98 1.35
CA THR C 74 28.54 63.36 1.79
C THR C 74 28.99 63.42 3.24
N ILE C 75 29.93 64.32 3.52
CA ILE C 75 30.45 64.54 4.87
C ILE C 75 30.18 65.99 5.21
N SER C 76 29.40 66.22 6.25
CA SER C 76 29.04 67.57 6.69
C SER C 76 29.77 67.90 7.99
N GLY C 77 29.98 69.18 8.20
CA GLY C 77 30.54 69.67 9.45
C GLY C 77 32.05 69.69 9.50
N LEU C 78 32.68 68.56 9.17
CA LEU C 78 34.14 68.43 9.19
C LEU C 78 34.69 68.79 10.57
N GLN C 79 33.98 68.34 11.61
CA GLN C 79 34.31 68.69 12.99
C GLN C 79 35.43 67.77 13.44
N ALA C 80 36.65 68.12 13.03
CA ALA C 80 37.84 67.32 13.27
C ALA C 80 37.72 65.93 12.65
N ASP C 81 37.13 65.88 11.44
CA ASP C 81 37.06 64.65 10.65
C ASP C 81 38.36 64.53 9.87
N ASP C 82 39.43 64.27 10.61
CA ASP C 82 40.79 64.36 10.10
C ASP C 82 41.03 63.42 8.93
N GLU C 83 41.98 63.82 8.09
CA GLU C 83 42.36 63.09 6.87
C GLU C 83 42.55 61.62 7.15
N ALA C 84 41.77 60.79 6.45
CA ALA C 84 41.84 59.36 6.65
C ALA C 84 41.46 58.62 5.37
N ASP C 85 41.91 59.12 4.23
CA ASP C 85 41.81 58.53 2.89
C ASP C 85 40.41 58.28 2.32
N TYR C 86 39.41 58.04 3.17
CA TYR C 86 38.01 57.88 2.79
C TYR C 86 37.81 56.96 1.58
N TYR C 87 38.20 55.69 1.77
CA TYR C 87 38.16 54.73 0.68
C TYR C 87 36.73 54.32 0.36
N CYS C 88 36.43 54.11 -0.92
CA CYS C 88 35.19 53.47 -1.34
C CYS C 88 35.46 52.03 -1.76
N SER C 89 34.39 51.23 -1.72
CA SER C 89 34.44 49.85 -2.15
C SER C 89 33.08 49.45 -2.69
N ALA C 90 33.08 48.57 -3.68
CA ALA C 90 31.84 48.08 -4.26
C ALA C 90 31.98 46.61 -4.60
N TYR C 91 30.85 45.90 -4.53
CA TYR C 91 30.80 44.49 -4.92
C TYR C 91 30.62 44.42 -6.43
N ALA C 92 31.47 43.63 -7.10
CA ALA C 92 31.47 43.52 -8.56
C ALA C 92 31.24 42.10 -9.07
N GLY C 93 30.48 41.30 -8.32
CA GLY C 93 30.11 39.97 -8.77
C GLY C 93 30.99 38.87 -8.20
N ARG C 94 30.68 37.64 -8.64
CA ARG C 94 31.34 36.46 -8.10
C ARG C 94 32.80 36.37 -8.52
N GLN C 95 33.14 36.88 -9.70
CA GLN C 95 34.52 36.76 -10.19
C GLN C 95 35.43 37.81 -9.57
N THR C 96 34.92 39.02 -9.37
CA THR C 96 35.67 40.13 -8.79
C THR C 96 34.86 40.58 -7.58
N PHE C 97 35.22 40.06 -6.41
CA PHE C 97 34.42 40.32 -5.21
C PHE C 97 34.43 41.79 -4.83
N TYR C 98 35.60 42.33 -4.47
CA TYR C 98 35.71 43.71 -4.02
C TYR C 98 36.86 44.44 -4.70
N ILE C 99 36.62 45.71 -5.01
CA ILE C 99 37.59 46.63 -5.56
C ILE C 99 37.53 47.91 -4.74
N PHE C 100 38.68 48.55 -4.57
CA PHE C 100 38.77 49.83 -3.86
C PHE C 100 39.24 51.00 -4.71
N GLY C 101 39.95 50.74 -5.80
CA GLY C 101 40.50 51.84 -6.58
C GLY C 101 41.53 52.65 -5.82
N GLY C 102 41.33 53.96 -5.80
CA GLY C 102 42.23 54.93 -5.17
C GLY C 102 41.76 55.37 -3.81
N GLY C 103 41.85 56.67 -3.55
CA GLY C 103 41.49 57.23 -2.26
C GLY C 103 41.39 58.73 -2.37
N THR C 104 40.80 59.33 -1.33
CA THR C 104 40.56 60.77 -1.26
C THR C 104 41.08 61.27 0.09
N ARG C 105 42.24 61.93 0.06
CA ARG C 105 42.86 62.46 1.27
C ARG C 105 42.23 63.81 1.60
N LEU C 106 41.00 63.75 2.11
CA LEU C 106 40.30 64.96 2.50
C LEU C 106 41.04 65.66 3.64
N THR C 107 41.29 66.95 3.47
CA THR C 107 41.90 67.78 4.50
C THR C 107 40.90 68.84 4.96
N VAL C 108 40.88 69.09 6.27
CA VAL C 108 39.96 70.06 6.86
C VAL C 108 40.67 71.38 7.22
N LEU C 109 41.88 71.59 6.71
CA LEU C 109 42.61 72.84 6.90
C LEU C 109 42.73 73.23 8.38
N VAL D 2 2.17 41.38 -43.79
CA VAL D 2 2.93 41.59 -42.56
C VAL D 2 3.46 43.01 -42.54
N GLN D 3 3.35 43.66 -41.39
CA GLN D 3 3.89 45.00 -41.19
C GLN D 3 4.59 45.07 -39.84
N LEU D 4 5.68 45.84 -39.81
CA LEU D 4 6.41 46.17 -38.58
C LEU D 4 6.63 47.67 -38.59
N VAL D 5 6.11 48.36 -37.57
CA VAL D 5 6.17 49.82 -37.47
C VAL D 5 6.89 50.17 -36.18
N GLU D 6 8.09 50.76 -36.32
CA GLU D 6 8.85 51.18 -35.16
C GLU D 6 8.43 52.56 -34.69
N THR D 7 8.56 52.79 -33.39
CA THR D 7 8.43 54.11 -32.78
C THR D 7 9.74 54.44 -32.09
N GLY D 8 10.28 55.61 -32.39
CA GLY D 8 11.59 55.98 -31.88
C GLY D 8 11.92 57.40 -32.27
N GLY D 9 13.20 57.73 -32.15
CA GLY D 9 13.67 59.08 -32.40
C GLY D 9 15.09 59.24 -31.92
N GLY D 10 15.64 60.41 -32.17
CA GLY D 10 17.02 60.67 -31.82
C GLY D 10 17.17 61.07 -30.37
N LEU D 11 18.44 61.24 -29.97
CA LEU D 11 18.79 61.58 -28.60
C LEU D 11 19.88 62.63 -28.59
N VAL D 12 19.81 63.53 -27.62
CA VAL D 12 20.83 64.52 -27.34
C VAL D 12 21.38 64.25 -25.95
N GLN D 13 22.57 64.80 -25.69
CA GLN D 13 23.28 64.64 -24.43
C GLN D 13 23.60 63.17 -24.19
N PRO D 14 24.62 62.62 -24.87
CA PRO D 14 24.95 61.21 -24.72
C PRO D 14 25.23 60.82 -23.27
N GLY D 15 24.93 59.57 -22.95
CA GLY D 15 24.97 59.06 -21.59
C GLY D 15 23.59 58.84 -21.00
N GLY D 16 22.55 59.38 -21.60
CA GLY D 16 21.19 59.16 -21.16
C GLY D 16 20.68 57.85 -21.72
N SER D 17 19.35 57.69 -21.64
CA SER D 17 18.70 56.46 -22.06
C SER D 17 17.53 56.78 -22.98
N LEU D 18 17.22 55.82 -23.86
CA LEU D 18 16.16 55.99 -24.86
C LEU D 18 15.36 54.71 -24.99
N LYS D 19 14.03 54.84 -24.97
CA LYS D 19 13.11 53.73 -25.14
C LYS D 19 12.59 53.72 -26.57
N LEU D 20 12.80 52.61 -27.26
CA LEU D 20 12.28 52.37 -28.61
C LEU D 20 11.22 51.28 -28.51
N SER D 21 10.30 51.26 -29.48
CA SER D 21 9.29 50.21 -29.51
C SER D 21 9.01 49.81 -30.95
N CYS D 22 8.34 48.67 -31.10
CA CYS D 22 8.00 48.15 -32.42
C CYS D 22 6.65 47.45 -32.33
N ARG D 23 5.72 47.80 -33.23
CA ARG D 23 4.42 47.16 -33.31
C ARG D 23 4.36 46.26 -34.53
N ALA D 24 3.82 45.06 -34.34
CA ALA D 24 3.70 44.04 -35.37
C ALA D 24 2.24 43.83 -35.77
N SER D 25 2.03 43.51 -37.04
CA SER D 25 0.70 43.14 -37.51
C SER D 25 0.84 42.22 -38.72
N GLY D 26 -0.24 41.49 -39.00
CA GLY D 26 -0.30 40.61 -40.15
C GLY D 26 0.12 39.17 -39.89
N TYR D 27 0.56 38.86 -38.67
CA TYR D 27 1.00 37.51 -38.30
C TYR D 27 0.84 37.40 -36.79
N THR D 28 0.97 36.17 -36.29
CA THR D 28 0.90 35.96 -34.86
C THR D 28 2.23 36.36 -34.23
N PHE D 29 2.21 37.42 -33.43
CA PHE D 29 3.43 37.94 -32.82
C PHE D 29 4.05 36.93 -31.87
N SER D 30 3.21 36.32 -31.03
CA SER D 30 3.66 35.36 -30.03
C SER D 30 4.19 34.06 -30.61
N SER D 31 4.03 33.83 -31.91
CA SER D 31 4.53 32.61 -32.53
C SER D 31 5.92 32.73 -33.13
N PHE D 32 6.50 33.93 -33.20
CA PHE D 32 7.80 34.15 -33.83
C PHE D 32 8.77 34.83 -32.88
N ALA D 33 10.05 34.49 -33.02
CA ALA D 33 11.12 35.21 -32.36
C ALA D 33 11.30 36.58 -33.01
N MET D 34 11.88 37.50 -32.26
CA MET D 34 12.09 38.87 -32.72
C MET D 34 13.52 39.31 -32.43
N SER D 35 14.00 40.25 -33.24
CA SER D 35 15.37 40.74 -33.09
C SER D 35 15.44 42.23 -33.45
N TRP D 36 16.53 42.84 -33.00
CA TRP D 36 16.92 44.18 -33.42
C TRP D 36 18.30 44.10 -34.06
N VAL D 37 18.42 44.71 -35.25
CA VAL D 37 19.63 44.68 -36.06
C VAL D 37 20.07 46.12 -36.35
N ARG D 38 21.36 46.39 -36.17
CA ARG D 38 21.94 47.71 -36.34
C ARG D 38 22.56 47.86 -37.73
N GLN D 39 22.30 49.00 -38.39
CA GLN D 39 22.96 49.36 -39.65
C GLN D 39 23.36 50.83 -39.58
N ALA D 40 24.65 51.09 -39.38
CA ALA D 40 25.14 52.46 -39.43
C ALA D 40 25.01 52.96 -40.88
N PRO D 41 24.81 54.28 -41.06
CA PRO D 41 24.68 54.81 -42.45
C PRO D 41 25.81 54.46 -43.40
N GLY D 42 27.06 54.39 -42.92
CA GLY D 42 28.19 54.04 -43.77
C GLY D 42 28.76 52.64 -43.63
N LYS D 43 28.12 51.76 -42.88
CA LYS D 43 28.60 50.41 -42.61
C LYS D 43 27.53 49.42 -43.03
N GLY D 44 27.83 48.13 -42.87
CA GLY D 44 26.89 47.08 -43.17
C GLY D 44 25.98 46.75 -42.01
N LEU D 45 25.40 45.56 -42.04
CA LEU D 45 24.44 45.14 -41.03
C LEU D 45 25.17 44.54 -39.83
N GLU D 46 24.66 44.83 -38.64
CA GLU D 46 25.15 44.23 -37.40
C GLU D 46 23.97 43.77 -36.57
N TRP D 47 24.01 42.51 -36.15
CA TRP D 47 23.00 41.97 -35.23
C TRP D 47 23.28 42.51 -33.84
N VAL D 48 22.23 42.93 -33.13
CA VAL D 48 22.35 43.50 -31.79
C VAL D 48 21.66 42.63 -30.74
N SER D 49 20.39 42.28 -30.96
CA SER D 49 19.68 41.56 -29.91
C SER D 49 18.66 40.60 -30.50
N LEU D 50 18.38 39.54 -29.73
CA LEU D 50 17.43 38.50 -30.11
C LEU D 50 16.62 38.10 -28.89
N ILE D 51 15.30 38.01 -29.06
CA ILE D 51 14.39 37.54 -28.02
C ILE D 51 13.54 36.43 -28.62
N ASN D 52 13.25 35.40 -27.84
CA ASN D 52 12.47 34.28 -28.32
C ASN D 52 10.98 34.64 -28.37
N ASP D 53 10.14 33.66 -28.70
CA ASP D 53 8.73 33.92 -28.90
C ASP D 53 8.01 34.19 -27.59
N ARG D 54 8.37 33.47 -26.53
CA ARG D 54 7.74 33.71 -25.23
C ARG D 54 8.25 34.98 -24.58
N GLY D 55 9.53 35.29 -24.77
CA GLY D 55 10.16 36.45 -24.18
C GLY D 55 11.06 36.15 -23.00
N GLY D 56 11.12 34.89 -22.55
CA GLY D 56 11.94 34.56 -21.40
C GLY D 56 13.44 34.56 -21.67
N LEU D 57 13.85 34.40 -22.93
CA LEU D 57 15.25 34.32 -23.30
C LEU D 57 15.63 35.51 -24.15
N THR D 58 16.68 36.22 -23.74
CA THR D 58 17.22 37.37 -24.44
C THR D 58 18.70 37.16 -24.66
N PHE D 59 19.20 37.61 -25.81
CA PHE D 59 20.60 37.49 -26.18
C PHE D 59 21.08 38.81 -26.77
N TYR D 60 22.33 39.14 -26.50
CA TYR D 60 22.93 40.41 -26.90
C TYR D 60 24.35 40.17 -27.39
N VAL D 61 24.86 41.12 -28.19
CA VAL D 61 26.31 41.18 -28.41
C VAL D 61 26.99 41.75 -27.16
N ASP D 62 28.25 41.35 -26.97
CA ASP D 62 29.03 41.74 -25.79
C ASP D 62 29.05 43.24 -25.54
N SER D 63 29.12 44.04 -26.61
CA SER D 63 29.22 45.48 -26.46
C SER D 63 27.98 46.14 -25.85
N VAL D 64 26.82 45.49 -25.88
CA VAL D 64 25.58 46.06 -25.36
C VAL D 64 24.99 45.23 -24.22
N LYS D 65 25.70 44.23 -23.71
CA LYS D 65 25.14 43.40 -22.65
C LYS D 65 24.88 44.21 -21.38
N GLY D 66 25.68 45.22 -21.11
CA GLY D 66 25.47 46.11 -19.99
C GLY D 66 24.73 47.40 -20.31
N ARG D 67 24.18 47.53 -21.52
CA ARG D 67 23.54 48.75 -21.97
C ARG D 67 22.10 48.56 -22.45
N PHE D 68 21.81 47.48 -23.17
CA PHE D 68 20.53 47.31 -23.83
C PHE D 68 19.68 46.27 -23.11
N THR D 69 18.40 46.57 -22.96
CA THR D 69 17.40 45.63 -22.43
C THR D 69 16.32 45.46 -23.48
N ILE D 70 16.05 44.22 -23.88
CA ILE D 70 15.01 43.90 -24.85
C ILE D 70 13.90 43.14 -24.14
N SER D 71 12.66 43.53 -24.40
CA SER D 71 11.51 42.86 -23.84
C SER D 71 10.40 42.89 -24.87
N ARG D 72 9.40 42.03 -24.68
CA ARG D 72 8.26 41.96 -25.59
C ARG D 72 6.98 41.78 -24.79
N ASP D 73 5.92 42.38 -25.29
CA ASP D 73 4.57 42.28 -24.73
C ASP D 73 3.73 41.56 -25.76
N ASN D 74 3.33 40.32 -25.45
CA ASN D 74 2.58 39.49 -26.36
C ASN D 74 1.08 39.75 -26.31
N SER D 75 0.62 40.65 -25.44
CA SER D 75 -0.78 41.02 -25.37
C SER D 75 -1.07 42.22 -26.26
N LYS D 76 -0.13 43.16 -26.33
CA LYS D 76 -0.21 44.32 -27.21
C LYS D 76 0.54 44.11 -28.51
N ASN D 77 1.18 42.95 -28.68
CA ASN D 77 1.96 42.65 -29.87
C ASN D 77 3.06 43.68 -30.14
N THR D 78 3.81 44.03 -29.08
CA THR D 78 4.86 45.04 -29.21
C THR D 78 6.18 44.56 -28.65
N LEU D 79 7.26 45.17 -29.15
CA LEU D 79 8.59 45.06 -28.60
C LEU D 79 8.94 46.37 -27.92
N SER D 80 9.81 46.29 -26.92
CA SER D 80 10.34 47.46 -26.23
C SER D 80 11.83 47.25 -26.01
N LEU D 81 12.64 48.16 -26.53
CA LEU D 81 14.09 48.12 -26.39
C LEU D 81 14.55 49.38 -25.68
N GLN D 82 15.12 49.22 -24.49
CA GLN D 82 15.59 50.35 -23.69
C GLN D 82 17.10 50.35 -23.75
N MET D 83 17.66 51.41 -24.31
CA MET D 83 19.09 51.55 -24.54
C MET D 83 19.65 52.56 -23.54
N HIS D 84 20.55 52.08 -22.67
CA HIS D 84 21.22 52.91 -21.69
C HIS D 84 22.65 53.22 -22.13
N SER D 85 23.19 54.30 -21.58
CA SER D 85 24.58 54.72 -21.79
C SER D 85 24.93 54.81 -23.27
N LEU D 86 24.07 55.48 -24.04
CA LEU D 86 24.29 55.62 -25.47
C LEU D 86 25.46 56.56 -25.74
N ARG D 87 26.21 56.23 -26.79
CA ARG D 87 27.37 57.01 -27.23
C ARG D 87 27.18 57.41 -28.69
N ASP D 88 28.00 58.39 -29.11
CA ASP D 88 27.94 58.88 -30.48
C ASP D 88 28.19 57.77 -31.49
N GLY D 89 28.97 56.76 -31.12
CA GLY D 89 29.24 55.66 -32.03
C GLY D 89 28.07 54.71 -32.23
N ASP D 90 26.99 54.89 -31.47
CA ASP D 90 25.79 54.06 -31.58
C ASP D 90 24.76 54.65 -32.54
N THR D 91 25.08 55.75 -33.22
CA THR D 91 24.18 56.29 -34.24
C THR D 91 24.07 55.31 -35.40
N ALA D 92 22.85 54.88 -35.67
CA ALA D 92 22.58 53.88 -36.70
C ALA D 92 21.08 53.76 -36.87
N VAL D 93 20.68 53.12 -37.96
CA VAL D 93 19.29 52.70 -38.16
C VAL D 93 19.12 51.34 -37.50
N TYR D 94 18.19 51.23 -36.56
CA TYR D 94 17.92 49.98 -35.86
C TYR D 94 16.62 49.39 -36.38
N TYR D 95 16.72 48.23 -37.01
CA TYR D 95 15.59 47.56 -37.62
C TYR D 95 15.00 46.51 -36.70
N CYS D 96 13.67 46.49 -36.67
CA CYS D 96 12.88 45.49 -35.99
C CYS D 96 12.64 44.35 -36.99
N ALA D 97 12.88 43.12 -36.56
CA ALA D 97 12.74 42.00 -37.49
C ALA D 97 12.22 40.76 -36.79
N THR D 98 11.55 39.91 -37.55
CA THR D 98 11.10 38.61 -37.06
C THR D 98 12.21 37.58 -37.21
N GLY D 99 12.06 36.47 -36.50
CA GLY D 99 12.95 35.35 -36.67
C GLY D 99 14.17 35.42 -35.78
N GLY D 100 15.18 34.64 -36.18
CA GLY D 100 16.41 34.48 -35.46
C GLY D 100 16.52 33.20 -34.66
N MET D 101 15.41 32.53 -34.36
CA MET D 101 15.43 31.24 -33.67
C MET D 101 14.03 30.66 -33.67
N SER D 102 13.94 29.38 -33.37
CA SER D 102 12.69 28.66 -33.18
C SER D 102 12.75 27.92 -31.86
N SER D 103 11.59 27.79 -31.21
CA SER D 103 11.53 27.27 -29.84
C SER D 103 11.35 25.75 -29.84
N ALA D 104 12.33 25.05 -30.40
CA ALA D 104 12.51 23.60 -30.30
C ALA D 104 11.42 22.71 -30.90
N LEU D 105 10.17 23.16 -30.96
CA LEU D 105 9.05 22.39 -31.50
C LEU D 105 8.69 22.82 -32.91
N GLN D 106 9.45 23.74 -33.51
CA GLN D 106 9.22 24.21 -34.86
C GLN D 106 10.49 23.97 -35.68
N SER D 107 10.33 23.94 -36.99
CA SER D 107 11.50 23.87 -37.87
C SER D 107 12.41 25.06 -37.62
N SER D 108 13.71 24.82 -37.65
CA SER D 108 14.66 25.88 -37.37
C SER D 108 14.67 26.90 -38.51
N LYS D 109 15.09 28.12 -38.18
CA LYS D 109 15.19 29.18 -39.19
C LYS D 109 16.60 29.77 -39.25
N TYR D 110 17.05 30.41 -38.18
CA TYR D 110 18.34 31.11 -38.16
C TYR D 110 18.44 32.11 -39.31
N TYR D 111 17.34 32.82 -39.57
CA TYR D 111 17.30 33.86 -40.58
C TYR D 111 16.28 34.89 -40.16
N PHE D 112 16.33 36.05 -40.80
CA PHE D 112 15.39 37.15 -40.54
C PHE D 112 14.60 37.39 -41.82
N ASP D 113 13.32 37.02 -41.82
CA ASP D 113 12.51 37.14 -43.03
C ASP D 113 11.80 38.49 -43.13
N PHE D 114 11.03 38.87 -42.12
CA PHE D 114 10.28 40.12 -42.14
C PHE D 114 11.06 41.19 -41.39
N TRP D 115 11.29 42.32 -42.07
CA TRP D 115 12.07 43.42 -41.53
C TRP D 115 11.19 44.66 -41.40
N GLY D 116 11.51 45.50 -40.43
CA GLY D 116 10.87 46.78 -40.26
C GLY D 116 11.53 47.85 -41.13
N GLN D 117 11.17 49.10 -40.86
CA GLN D 117 11.60 50.24 -41.67
C GLN D 117 12.66 51.10 -41.00
N GLY D 118 13.14 50.73 -39.81
CA GLY D 118 14.21 51.48 -39.16
C GLY D 118 13.71 52.35 -38.03
N ALA D 119 14.43 52.34 -36.90
CA ALA D 119 14.02 53.18 -35.78
C ALA D 119 14.53 54.62 -35.90
N LEU D 120 15.41 54.89 -36.88
CA LEU D 120 15.95 56.22 -37.17
C LEU D 120 16.42 56.93 -35.90
N VAL D 121 17.49 56.38 -35.32
CA VAL D 121 18.01 56.82 -34.04
C VAL D 121 19.34 57.52 -34.28
N THR D 122 19.43 58.78 -33.88
CA THR D 122 20.65 59.57 -33.90
C THR D 122 21.08 59.90 -32.48
N VAL D 123 22.38 60.13 -32.33
CA VAL D 123 22.97 60.55 -31.05
C VAL D 123 23.78 61.82 -31.32
N SER D 124 23.55 62.84 -30.50
CA SER D 124 24.26 64.11 -30.62
C SER D 124 24.68 64.61 -29.24
N ALA E 1 33.29 39.67 -39.44
CA ALA E 1 34.00 38.40 -39.55
C ALA E 1 33.99 37.89 -40.99
N LEU E 2 32.93 38.20 -41.72
CA LEU E 2 32.78 37.76 -43.10
C LEU E 2 33.38 38.78 -44.05
N THR E 3 33.97 38.29 -45.14
CA THR E 3 34.57 39.13 -46.17
C THR E 3 33.67 39.12 -47.40
N GLN E 4 33.31 40.31 -47.87
CA GLN E 4 32.44 40.50 -49.04
C GLN E 4 33.06 41.55 -49.96
N PRO E 5 33.76 41.15 -51.03
CA PRO E 5 34.40 42.14 -51.91
C PRO E 5 33.39 43.12 -52.49
N PRO E 6 33.68 44.43 -52.50
CA PRO E 6 32.73 45.42 -53.02
C PRO E 6 32.82 45.52 -54.55
N SER E 7 31.97 46.40 -55.09
CA SER E 7 32.03 46.82 -56.50
C SER E 7 31.87 45.65 -57.47
N VAL E 8 30.76 44.94 -57.31
CA VAL E 8 30.38 43.86 -58.22
C VAL E 8 29.48 44.48 -59.29
N SER E 9 29.69 44.07 -60.55
CA SER E 9 28.96 44.67 -61.66
C SER E 9 28.62 43.60 -62.68
N GLY E 10 27.62 43.91 -63.51
CA GLY E 10 27.22 43.02 -64.57
C GLY E 10 26.36 43.72 -65.59
N SER E 11 25.64 42.91 -66.38
CA SER E 11 24.82 43.40 -67.47
C SER E 11 23.57 42.54 -67.58
N PRO E 12 22.48 43.07 -68.14
CA PRO E 12 21.25 42.27 -68.27
C PRO E 12 21.47 41.03 -69.14
N GLY E 13 20.94 39.91 -68.67
CA GLY E 13 21.03 38.65 -69.39
C GLY E 13 22.23 37.79 -69.06
N GLN E 14 23.22 38.32 -68.35
CA GLN E 14 24.41 37.59 -67.97
C GLN E 14 24.33 37.19 -66.49
N SER E 15 24.99 36.11 -66.15
CA SER E 15 25.01 35.65 -64.78
C SER E 15 26.09 36.38 -63.98
N VAL E 16 25.84 36.54 -62.68
CA VAL E 16 26.82 37.12 -61.77
C VAL E 16 26.85 36.28 -60.50
N THR E 17 27.97 36.38 -59.79
CA THR E 17 28.13 35.75 -58.49
C THR E 17 28.70 36.75 -57.47
N ILE E 18 28.26 36.61 -56.22
CA ILE E 18 28.78 37.37 -55.09
C ILE E 18 29.30 36.37 -54.08
N SER E 19 30.57 36.50 -53.70
CA SER E 19 31.20 35.56 -52.77
C SER E 19 31.05 36.02 -51.33
N CYS E 20 31.25 35.06 -50.42
CA CYS E 20 31.22 35.30 -48.97
C CYS E 20 32.22 34.34 -48.36
N THR E 21 33.16 34.87 -47.58
CA THR E 21 34.21 34.06 -46.96
C THR E 21 34.08 34.17 -45.45
N GLY E 22 34.04 33.01 -44.79
CA GLY E 22 34.02 32.91 -43.34
C GLY E 22 35.17 32.04 -42.87
N THR E 23 34.97 31.28 -41.80
CA THR E 23 36.01 30.42 -41.25
C THR E 23 35.44 29.03 -40.97
N SER E 24 36.30 28.15 -40.45
CA SER E 24 35.92 26.77 -40.19
C SER E 24 34.93 26.62 -39.04
N SER E 25 34.87 27.57 -38.12
CA SER E 25 33.97 27.43 -36.97
C SER E 25 32.55 27.96 -37.22
N ASP E 26 32.29 28.66 -38.33
CA ASP E 26 30.96 29.24 -38.57
C ASP E 26 30.37 28.76 -39.90
N ILE E 27 30.97 29.12 -41.04
CA ILE E 27 30.47 28.65 -42.33
C ILE E 27 30.64 27.14 -42.44
N GLY E 28 31.81 26.63 -42.04
CA GLY E 28 32.05 25.20 -42.13
C GLY E 28 31.18 24.39 -41.20
N SER E 29 30.92 24.89 -39.99
CA SER E 29 30.23 24.10 -38.99
C SER E 29 28.71 24.18 -39.12
N TYR E 30 28.17 25.27 -39.67
CA TYR E 30 26.73 25.45 -39.79
C TYR E 30 26.34 25.68 -41.25
N ASN E 31 25.14 25.23 -41.59
CA ASN E 31 24.52 25.46 -42.88
C ASN E 31 23.59 26.67 -42.88
N TYR E 32 23.55 27.43 -41.79
CA TYR E 32 22.61 28.55 -41.65
C TYR E 32 23.23 29.82 -42.23
N VAL E 33 23.29 29.85 -43.56
CA VAL E 33 23.86 30.96 -44.31
C VAL E 33 22.74 31.59 -45.13
N SER E 34 22.59 32.91 -45.03
CA SER E 34 21.51 33.64 -45.67
C SER E 34 22.07 34.86 -46.39
N TRP E 35 21.28 35.35 -47.34
CA TRP E 35 21.62 36.51 -48.15
C TRP E 35 20.45 37.48 -48.19
N TYR E 36 20.77 38.78 -48.13
CA TYR E 36 19.81 39.87 -48.15
C TYR E 36 20.12 40.82 -49.30
N GLN E 37 19.07 41.43 -49.84
CA GLN E 37 19.14 42.43 -50.90
C GLN E 37 18.48 43.72 -50.41
N GLN E 38 19.29 44.76 -50.17
CA GLN E 38 18.83 46.04 -49.65
C GLN E 38 18.92 47.10 -50.74
N HIS E 39 17.76 47.60 -51.16
CA HIS E 39 17.73 48.76 -52.04
C HIS E 39 17.87 50.02 -51.20
N PRO E 40 18.49 51.09 -51.72
CA PRO E 40 18.57 52.34 -50.95
C PRO E 40 17.18 52.82 -50.56
N GLY E 41 17.02 53.14 -49.27
CA GLY E 41 15.75 53.57 -48.75
C GLY E 41 14.80 52.46 -48.35
N LYS E 42 15.15 51.20 -48.60
CA LYS E 42 14.29 50.05 -48.35
C LYS E 42 14.93 49.12 -47.33
N ALA E 43 14.08 48.33 -46.68
CA ALA E 43 14.54 47.33 -45.73
C ALA E 43 15.32 46.22 -46.44
N PRO E 44 16.32 45.60 -45.77
CA PRO E 44 17.06 44.50 -46.40
C PRO E 44 16.24 43.23 -46.47
N LYS E 45 15.36 43.17 -47.47
CA LYS E 45 14.49 42.02 -47.66
C LYS E 45 15.28 40.73 -47.83
N LEU E 46 14.82 39.67 -47.15
CA LEU E 46 15.46 38.36 -47.24
C LEU E 46 15.29 37.80 -48.64
N MET E 47 16.38 37.32 -49.21
CA MET E 47 16.36 36.67 -50.53
C MET E 47 16.73 35.20 -50.47
N ILE E 48 17.75 34.81 -49.70
CA ILE E 48 18.19 33.41 -49.64
C ILE E 48 18.38 33.03 -48.17
N TYR E 49 18.01 31.81 -47.83
CA TYR E 49 18.29 31.26 -46.51
C TYR E 49 18.60 29.78 -46.64
N ASP E 50 19.28 29.24 -45.63
CA ASP E 50 19.69 27.83 -45.59
C ASP E 50 20.47 27.43 -46.84
N VAL E 51 21.33 28.34 -47.30
CA VAL E 51 22.21 28.17 -48.45
C VAL E 51 21.44 28.05 -49.77
N THR E 52 20.54 27.07 -49.88
CA THR E 52 19.87 26.78 -51.15
C THR E 52 18.38 27.10 -51.18
N GLN E 53 17.80 27.60 -50.10
CA GLN E 53 16.36 27.82 -50.06
C GLN E 53 16.05 29.30 -50.29
N ARG E 54 14.84 29.56 -50.78
CA ARG E 54 14.32 30.89 -51.00
C ARG E 54 12.95 31.00 -50.34
N PRO E 55 12.54 32.19 -49.90
CA PRO E 55 11.18 32.36 -49.40
C PRO E 55 10.19 32.48 -50.54
N SER E 56 8.93 32.24 -50.22
CA SER E 56 7.85 32.52 -51.16
C SER E 56 7.72 34.02 -51.38
N GLY E 57 7.34 34.39 -52.60
CA GLY E 57 7.13 35.78 -52.96
C GLY E 57 8.27 36.48 -53.67
N VAL E 58 9.30 35.75 -54.11
CA VAL E 58 10.43 36.32 -54.83
C VAL E 58 10.67 35.52 -56.10
N SER E 59 11.41 36.12 -57.03
CA SER E 59 11.78 35.46 -58.26
C SER E 59 12.77 34.32 -57.99
N ASP E 60 12.75 33.33 -58.87
CA ASP E 60 13.63 32.17 -58.78
C ASP E 60 14.95 32.36 -59.51
N ARG E 61 15.28 33.57 -59.94
CA ARG E 61 16.58 33.81 -60.55
C ARG E 61 17.69 33.91 -59.51
N PHE E 62 17.36 33.97 -58.22
CA PHE E 62 18.33 34.05 -57.14
C PHE E 62 18.56 32.65 -56.59
N SER E 63 19.84 32.28 -56.45
CA SER E 63 20.20 30.98 -55.92
C SER E 63 21.52 31.12 -55.20
N GLY E 64 22.01 30.04 -54.63
CA GLY E 64 23.28 30.11 -53.93
C GLY E 64 23.80 28.74 -53.60
N SER E 65 24.99 28.74 -52.99
CA SER E 65 25.66 27.48 -52.67
C SER E 65 26.68 27.74 -51.57
N LYS E 66 27.19 26.65 -51.02
CA LYS E 66 28.21 26.69 -49.99
C LYS E 66 29.21 25.56 -50.24
N SER E 67 30.49 25.85 -50.07
CA SER E 67 31.53 24.83 -50.19
C SER E 67 32.71 25.24 -49.34
N GLY E 68 33.30 24.26 -48.66
CA GLY E 68 34.44 24.53 -47.81
C GLY E 68 34.05 25.49 -46.70
N ASN E 69 34.77 26.62 -46.64
CA ASN E 69 34.48 27.69 -45.70
C ASN E 69 33.95 28.94 -46.40
N THR E 70 33.48 28.79 -47.64
CA THR E 70 32.95 29.90 -48.44
C THR E 70 31.54 29.58 -48.90
N ALA E 71 30.86 30.63 -49.37
CA ALA E 71 29.50 30.54 -49.86
C ALA E 71 29.35 31.58 -50.96
N SER E 72 28.33 31.40 -51.79
CA SER E 72 28.10 32.35 -52.87
C SER E 72 26.63 32.48 -53.19
N LEU E 73 26.30 33.64 -53.74
CA LEU E 73 24.99 33.97 -54.28
C LEU E 73 25.15 34.06 -55.79
N THR E 74 24.24 33.45 -56.54
CA THR E 74 24.26 33.45 -57.99
C THR E 74 22.95 34.04 -58.51
N ILE E 75 23.07 34.97 -59.45
CA ILE E 75 21.92 35.54 -60.16
C ILE E 75 22.11 35.18 -61.63
N SER E 76 21.13 34.48 -62.20
CA SER E 76 21.21 34.08 -63.60
C SER E 76 20.66 35.16 -64.53
N GLY E 77 19.34 35.29 -64.55
CA GLY E 77 18.68 36.29 -65.37
C GLY E 77 18.74 37.67 -64.77
N LEU E 78 19.93 38.25 -64.69
CA LEU E 78 20.12 39.55 -64.04
C LEU E 78 19.28 40.62 -64.73
N GLN E 79 18.55 41.38 -63.93
CA GLN E 79 17.71 42.48 -64.40
C GLN E 79 18.33 43.82 -64.03
N ALA E 80 17.90 44.87 -64.74
CA ALA E 80 18.36 46.21 -64.41
C ALA E 80 17.89 46.67 -63.04
N ASP E 81 16.85 46.04 -62.49
CA ASP E 81 16.30 46.42 -61.20
C ASP E 81 17.01 45.74 -60.03
N ASP E 82 18.08 44.98 -60.29
CA ASP E 82 18.80 44.25 -59.27
C ASP E 82 20.01 45.03 -58.73
N GLU E 83 20.12 46.31 -59.06
CA GLU E 83 21.20 47.14 -58.52
C GLU E 83 20.94 47.43 -57.06
N ALA E 84 21.75 46.87 -56.16
CA ALA E 84 21.42 46.94 -54.75
C ALA E 84 22.64 46.56 -53.92
N ASP E 85 22.54 46.82 -52.60
CA ASP E 85 23.54 46.39 -51.64
C ASP E 85 23.17 45.02 -51.10
N TYR E 86 24.00 44.02 -51.39
CA TYR E 86 23.79 42.65 -50.94
C TYR E 86 24.61 42.38 -49.70
N TYR E 87 24.04 41.59 -48.79
CA TYR E 87 24.68 41.21 -47.53
C TYR E 87 24.67 39.71 -47.36
N CYS E 88 25.77 39.21 -46.80
CA CYS E 88 25.92 37.82 -46.39
C CYS E 88 25.81 37.74 -44.88
N SER E 89 25.01 36.80 -44.39
CA SER E 89 24.78 36.62 -42.95
C SER E 89 24.96 35.15 -42.63
N ALA E 90 25.58 34.85 -41.49
CA ALA E 90 25.79 33.46 -41.11
C ALA E 90 25.63 33.31 -39.60
N TYR E 91 25.09 32.16 -39.20
CA TYR E 91 25.02 31.80 -37.80
C TYR E 91 26.40 31.40 -37.31
N ALA E 92 26.85 31.98 -36.20
CA ALA E 92 28.19 31.71 -35.70
C ALA E 92 28.21 30.73 -34.52
N GLY E 93 27.09 30.50 -33.84
CA GLY E 93 27.04 29.61 -32.70
C GLY E 93 26.18 30.20 -31.60
N ARG E 94 26.32 29.63 -30.40
CA ARG E 94 25.53 30.07 -29.26
C ARG E 94 26.16 31.26 -28.54
N GLN E 95 27.50 31.36 -28.54
CA GLN E 95 28.16 32.47 -27.86
C GLN E 95 28.08 33.73 -28.69
N THR E 96 28.20 33.60 -30.01
CA THR E 96 28.01 34.68 -30.97
C THR E 96 26.95 34.19 -31.94
N PHE E 97 25.86 34.93 -32.07
CA PHE E 97 24.73 34.42 -32.82
C PHE E 97 24.90 34.60 -34.32
N TYR E 98 25.11 35.83 -34.79
CA TYR E 98 25.16 36.10 -36.22
C TYR E 98 26.36 36.98 -36.54
N ILE E 99 26.92 36.72 -37.73
CA ILE E 99 28.00 37.51 -38.29
C ILE E 99 27.58 37.98 -39.67
N PHE E 100 28.01 39.19 -40.00
CA PHE E 100 27.74 39.81 -41.30
C PHE E 100 29.04 40.29 -41.90
N GLY E 101 29.09 40.32 -43.23
CA GLY E 101 30.17 40.97 -43.95
C GLY E 101 29.81 42.40 -44.25
N GLY E 102 30.67 43.04 -45.04
CA GLY E 102 30.37 44.39 -45.48
C GLY E 102 29.38 44.34 -46.62
N GLY E 103 28.91 45.53 -47.03
CA GLY E 103 27.96 45.60 -48.11
C GLY E 103 28.65 45.39 -49.44
N THR E 104 27.98 44.65 -50.32
CA THR E 104 28.45 44.44 -51.69
C THR E 104 27.51 45.19 -52.62
N ARG E 105 28.04 46.17 -53.33
CA ARG E 105 27.23 46.93 -54.27
C ARG E 105 27.24 46.14 -55.57
N LEU E 106 26.05 45.78 -56.05
CA LEU E 106 25.88 45.14 -57.35
C LEU E 106 25.26 46.20 -58.25
N THR E 107 25.93 46.48 -59.36
CA THR E 107 25.46 47.42 -60.36
C THR E 107 25.21 46.70 -61.67
N VAL E 108 24.23 47.19 -62.43
CA VAL E 108 23.84 46.60 -63.71
C VAL E 108 23.93 47.70 -64.76
N LEU E 109 24.74 47.46 -65.79
CA LEU E 109 24.96 48.45 -66.83
C LEU E 109 23.80 48.48 -67.81
N GLU F 1 34.39 47.08 19.09
CA GLU F 1 33.48 46.26 19.94
C GLU F 1 34.02 44.84 20.11
N VAL F 2 34.75 44.36 19.11
CA VAL F 2 35.39 43.06 19.14
C VAL F 2 36.89 43.28 18.94
N GLN F 3 37.67 42.24 19.25
CA GLN F 3 39.12 42.31 19.15
C GLN F 3 39.63 41.28 18.16
N LEU F 4 40.42 41.72 17.19
CA LEU F 4 41.08 40.84 16.22
C LEU F 4 42.57 41.13 16.30
N VAL F 5 43.37 40.10 16.58
CA VAL F 5 44.81 40.24 16.77
C VAL F 5 45.53 39.35 15.76
N GLU F 6 46.29 39.96 14.86
CA GLU F 6 47.07 39.20 13.89
C GLU F 6 48.43 38.83 14.45
N THR F 7 48.97 37.72 13.96
CA THR F 7 50.35 37.34 14.18
C THR F 7 51.01 37.26 12.82
N GLY F 8 52.09 38.02 12.65
CA GLY F 8 52.81 38.12 11.40
C GLY F 8 54.04 37.23 11.36
N GLY F 9 54.89 37.49 10.36
CA GLY F 9 56.13 36.77 10.17
C GLY F 9 57.27 37.75 9.96
N GLY F 10 58.42 37.23 9.50
CA GLY F 10 59.60 38.06 9.28
C GLY F 10 59.89 38.34 7.83
N LEU F 11 61.17 38.34 7.48
CA LEU F 11 61.62 38.61 6.12
C LEU F 11 61.82 37.28 5.41
N VAL F 12 61.22 37.15 4.22
CA VAL F 12 61.30 35.94 3.42
C VAL F 12 61.88 36.29 2.05
N GLN F 13 62.69 35.39 1.51
CA GLN F 13 63.27 35.56 0.19
C GLN F 13 62.23 35.29 -0.89
N PRO F 14 62.42 35.83 -2.11
CA PRO F 14 61.51 35.47 -3.20
C PRO F 14 61.51 33.97 -3.45
N GLY F 15 60.32 33.43 -3.66
CA GLY F 15 60.13 32.00 -3.84
C GLY F 15 59.86 31.22 -2.57
N GLY F 16 59.94 31.86 -1.41
CA GLY F 16 59.72 31.20 -0.14
C GLY F 16 58.24 31.19 0.24
N SER F 17 57.98 30.89 1.51
CA SER F 17 56.63 30.79 2.03
C SER F 17 56.53 31.52 3.36
N LEU F 18 55.31 31.99 3.66
CA LEU F 18 55.08 32.70 4.92
C LEU F 18 53.64 32.46 5.37
N LYS F 19 53.47 32.21 6.67
CA LYS F 19 52.17 31.99 7.28
C LYS F 19 51.80 33.18 8.17
N LEU F 20 50.62 33.75 7.92
CA LEU F 20 50.02 34.77 8.77
C LEU F 20 48.87 34.12 9.54
N SER F 21 48.52 34.68 10.69
CA SER F 21 47.36 34.18 11.42
C SER F 21 46.61 35.33 12.07
N CYS F 22 45.36 35.05 12.46
CA CYS F 22 44.50 36.04 13.12
C CYS F 22 43.63 35.35 14.17
N ARG F 23 43.60 35.92 15.38
CA ARG F 23 42.77 35.43 16.47
C ARG F 23 41.62 36.40 16.71
N ALA F 24 40.44 35.85 17.00
CA ALA F 24 39.22 36.61 17.24
C ALA F 24 38.78 36.50 18.69
N SER F 25 38.21 37.58 19.21
CA SER F 25 37.62 37.59 20.54
C SER F 25 36.50 38.62 20.60
N GLY F 26 35.51 38.35 21.45
CA GLY F 26 34.41 39.27 21.71
C GLY F 26 33.16 39.02 20.90
N TYR F 27 33.13 37.99 20.07
CA TYR F 27 31.96 37.66 19.26
C TYR F 27 32.05 36.18 18.90
N THR F 28 30.95 35.65 18.37
CA THR F 28 30.94 34.27 17.92
C THR F 28 31.64 34.20 16.56
N PHE F 29 32.81 33.57 16.56
CA PHE F 29 33.64 33.50 15.36
C PHE F 29 32.95 32.71 14.26
N SER F 30 32.36 31.56 14.61
CA SER F 30 31.72 30.67 13.66
C SER F 30 30.48 31.27 13.00
N SER F 31 29.97 32.41 13.48
CA SER F 31 28.79 33.03 12.90
C SER F 31 29.08 34.00 11.76
N PHE F 32 30.34 34.36 11.51
CA PHE F 32 30.68 35.37 10.51
C PHE F 32 31.72 34.85 9.55
N ALA F 33 31.60 35.28 8.29
CA ALA F 33 32.66 35.09 7.32
C ALA F 33 33.82 36.02 7.61
N MET F 34 35.02 35.60 7.21
CA MET F 34 36.25 36.36 7.44
C MET F 34 36.98 36.53 6.13
N SER F 35 37.83 37.57 6.08
CA SER F 35 38.57 37.89 4.87
C SER F 35 39.95 38.42 5.22
N TRP F 36 40.83 38.42 4.22
CA TRP F 36 42.13 39.07 4.29
C TRP F 36 42.23 40.13 3.20
N VAL F 37 42.67 41.33 3.61
CA VAL F 37 42.80 42.49 2.74
C VAL F 37 44.23 43.03 2.83
N ARG F 38 44.80 43.36 1.68
CA ARG F 38 46.19 43.79 1.56
C ARG F 38 46.28 45.29 1.33
N GLN F 39 47.31 45.92 1.91
CA GLN F 39 47.59 47.34 1.71
C GLN F 39 49.09 47.53 1.55
N ALA F 40 49.53 47.89 0.34
CA ALA F 40 50.94 48.20 0.14
C ALA F 40 51.27 49.49 0.90
N PRO F 41 52.53 49.67 1.33
CA PRO F 41 52.88 50.87 2.10
C PRO F 41 52.53 52.20 1.46
N GLY F 42 52.62 52.34 0.13
CA GLY F 42 52.27 53.56 -0.55
C GLY F 42 51.01 53.56 -1.40
N LYS F 43 50.18 52.53 -1.32
CA LYS F 43 48.99 52.39 -2.16
C LYS F 43 47.77 52.28 -1.25
N GLY F 44 46.61 52.10 -1.87
CA GLY F 44 45.36 51.93 -1.16
C GLY F 44 45.12 50.49 -0.79
N LEU F 45 43.86 50.19 -0.48
CA LEU F 45 43.47 48.87 -0.01
C LEU F 45 43.16 47.97 -1.20
N GLU F 46 43.54 46.69 -1.07
CA GLU F 46 43.20 45.67 -2.05
C GLU F 46 42.71 44.42 -1.33
N TRP F 47 41.55 43.93 -1.73
CA TRP F 47 41.04 42.67 -1.18
C TRP F 47 41.80 41.51 -1.82
N VAL F 48 42.18 40.53 -0.99
CA VAL F 48 42.93 39.37 -1.45
C VAL F 48 42.12 38.09 -1.34
N SER F 49 41.49 37.83 -0.18
CA SER F 49 40.82 36.54 -0.02
C SER F 49 39.62 36.67 0.90
N LEU F 50 38.67 35.76 0.71
CA LEU F 50 37.44 35.69 1.50
C LEU F 50 37.14 34.23 1.80
N ILE F 51 36.80 33.92 3.04
CA ILE F 51 36.37 32.60 3.47
C ILE F 51 35.05 32.73 4.20
N ASN F 52 34.16 31.78 3.99
CA ASN F 52 32.84 31.82 4.62
C ASN F 52 32.94 31.38 6.08
N ASP F 53 31.79 31.37 6.76
CA ASP F 53 31.77 31.13 8.20
C ASP F 53 32.16 29.70 8.54
N ARG F 54 31.83 28.73 7.69
CA ARG F 54 32.15 27.34 7.96
C ARG F 54 33.53 26.94 7.46
N GLY F 55 34.20 27.78 6.68
CA GLY F 55 35.48 27.44 6.12
C GLY F 55 35.41 26.59 4.87
N GLY F 56 34.21 26.25 4.40
CA GLY F 56 34.10 25.37 3.25
C GLY F 56 34.37 26.02 1.92
N LEU F 57 34.11 27.34 1.81
CA LEU F 57 34.24 28.07 0.56
C LEU F 57 35.29 29.16 0.69
N THR F 58 36.23 29.18 -0.25
CA THR F 58 37.30 30.16 -0.31
C THR F 58 37.26 30.84 -1.67
N PHE F 59 37.51 32.15 -1.68
CA PHE F 59 37.55 32.94 -2.89
C PHE F 59 38.80 33.80 -2.87
N TYR F 60 39.40 34.00 -4.05
CA TYR F 60 40.65 34.72 -4.18
C TYR F 60 40.61 35.61 -5.41
N VAL F 61 41.48 36.62 -5.43
CA VAL F 61 41.77 37.32 -6.68
C VAL F 61 42.64 36.42 -7.56
N ASP F 62 42.52 36.62 -8.87
CA ASP F 62 43.23 35.81 -9.86
C ASP F 62 44.73 35.74 -9.62
N SER F 63 45.32 36.85 -9.16
CA SER F 63 46.77 36.90 -8.97
C SER F 63 47.29 35.99 -7.86
N VAL F 64 46.43 35.50 -6.96
CA VAL F 64 46.86 34.68 -5.83
C VAL F 64 46.19 33.31 -5.80
N LYS F 65 45.39 32.96 -6.81
CA LYS F 65 44.64 31.70 -6.75
C LYS F 65 45.55 30.48 -6.69
N GLY F 66 46.70 30.53 -7.34
CA GLY F 66 47.65 29.44 -7.30
C GLY F 66 48.76 29.59 -6.28
N ARG F 67 48.69 30.58 -5.40
CA ARG F 67 49.76 30.89 -4.46
C ARG F 67 49.31 30.94 -3.01
N PHE F 68 48.12 31.50 -2.73
CA PHE F 68 47.67 31.74 -1.37
C PHE F 68 46.58 30.74 -1.00
N THR F 69 46.64 30.23 0.23
CA THR F 69 45.61 29.38 0.79
C THR F 69 45.12 30.01 2.08
N ILE F 70 43.80 30.18 2.21
CA ILE F 70 43.18 30.70 3.42
C ILE F 70 42.53 29.53 4.16
N SER F 71 42.73 29.47 5.47
CA SER F 71 42.21 28.39 6.29
C SER F 71 41.57 28.95 7.55
N ARG F 72 40.56 28.26 8.04
CA ARG F 72 39.77 28.69 9.18
C ARG F 72 39.62 27.52 10.15
N ASP F 73 39.75 27.82 11.44
CA ASP F 73 39.52 26.85 12.51
C ASP F 73 38.53 27.50 13.48
N ASN F 74 37.31 26.99 13.49
CA ASN F 74 36.23 27.53 14.32
C ASN F 74 36.31 27.08 15.78
N SER F 75 37.14 26.08 16.10
CA SER F 75 37.29 25.63 17.47
C SER F 75 38.36 26.41 18.21
N LYS F 76 39.37 26.87 17.49
CA LYS F 76 40.44 27.70 18.05
C LYS F 76 40.19 29.18 17.81
N ASN F 77 39.12 29.53 17.10
CA ASN F 77 38.83 30.90 16.70
C ASN F 77 40.02 31.51 15.96
N THR F 78 40.59 30.72 15.03
CA THR F 78 41.85 31.08 14.40
C THR F 78 41.72 31.07 12.88
N LEU F 79 42.26 32.10 12.25
CA LEU F 79 42.43 32.16 10.81
C LEU F 79 43.91 32.01 10.49
N SER F 80 44.20 31.48 9.32
CA SER F 80 45.56 31.46 8.82
C SER F 80 45.55 31.72 7.32
N LEU F 81 46.65 32.29 6.84
CA LEU F 81 46.88 32.53 5.43
C LEU F 81 48.29 32.05 5.11
N GLN F 82 48.39 31.00 4.30
CA GLN F 82 49.67 30.41 3.92
C GLN F 82 49.95 30.89 2.49
N MET F 83 51.02 31.68 2.34
CA MET F 83 51.38 32.27 1.06
C MET F 83 52.65 31.60 0.57
N HIS F 84 52.63 31.15 -0.68
CA HIS F 84 53.76 30.55 -1.36
C HIS F 84 54.17 31.39 -2.55
N SER F 85 55.42 31.20 -2.98
CA SER F 85 55.99 31.87 -4.15
C SER F 85 55.82 33.39 -4.06
N LEU F 86 56.16 33.93 -2.89
CA LEU F 86 56.05 35.37 -2.67
C LEU F 86 57.07 36.14 -3.50
N ARG F 87 56.65 37.32 -3.95
CA ARG F 87 57.48 38.24 -4.69
C ARG F 87 57.59 39.56 -3.93
N ASP F 88 58.54 40.39 -4.37
CA ASP F 88 58.74 41.70 -3.73
C ASP F 88 57.49 42.57 -3.83
N GLY F 89 56.68 42.37 -4.87
CA GLY F 89 55.43 43.09 -5.02
C GLY F 89 54.38 42.77 -3.96
N ASP F 90 54.60 41.72 -3.17
CA ASP F 90 53.66 41.32 -2.13
C ASP F 90 54.01 41.90 -0.76
N THR F 91 55.03 42.75 -0.68
CA THR F 91 55.33 43.43 0.58
C THR F 91 54.20 44.38 0.92
N ALA F 92 53.58 44.18 2.09
CA ALA F 92 52.39 44.95 2.41
C ALA F 92 51.97 44.65 3.85
N VAL F 93 51.05 45.47 4.35
CA VAL F 93 50.35 45.20 5.59
C VAL F 93 49.08 44.43 5.26
N TYR F 94 48.92 43.25 5.85
CA TYR F 94 47.75 42.41 5.66
C TYR F 94 46.87 42.51 6.89
N TYR F 95 45.57 42.67 6.67
CA TYR F 95 44.58 42.77 7.72
C TYR F 95 43.60 41.61 7.60
N CYS F 96 43.17 41.09 8.74
CA CYS F 96 42.05 40.16 8.80
C CYS F 96 40.83 40.96 9.18
N ALA F 97 39.67 40.54 8.66
CA ALA F 97 38.46 41.30 8.92
C ALA F 97 37.24 40.40 8.96
N THR F 98 36.27 40.83 9.77
CA THR F 98 34.97 40.20 9.90
C THR F 98 34.00 40.99 9.02
N GLY F 99 33.38 40.29 8.08
CA GLY F 99 32.50 40.85 7.09
C GLY F 99 32.66 40.10 5.79
N GLY F 100 32.16 40.70 4.71
CA GLY F 100 32.15 40.04 3.41
C GLY F 100 30.83 39.36 3.15
N MET F 101 30.87 38.14 2.61
CA MET F 101 29.65 37.41 2.30
C MET F 101 28.99 36.85 3.56
N SER F 102 27.66 36.70 3.50
CA SER F 102 26.88 36.04 4.53
C SER F 102 26.27 34.76 3.97
N SER F 103 26.01 33.80 4.86
CA SER F 103 25.70 32.43 4.43
C SER F 103 24.20 32.22 4.18
N ALA F 104 23.67 32.96 3.21
CA ALA F 104 22.35 32.79 2.60
C ALA F 104 21.12 32.91 3.50
N LEU F 105 21.20 32.53 4.78
CA LEU F 105 20.09 32.63 5.71
C LEU F 105 20.19 33.88 6.58
N GLN F 106 21.26 34.64 6.42
CA GLN F 106 21.54 35.85 7.16
C GLN F 106 21.31 37.06 6.27
N SER F 107 21.15 38.22 6.89
CA SER F 107 20.98 39.43 6.11
C SER F 107 22.21 39.68 5.24
N SER F 108 21.96 40.21 4.05
CA SER F 108 23.04 40.47 3.10
C SER F 108 23.99 41.52 3.63
N LYS F 109 25.29 41.31 3.42
CA LYS F 109 26.29 42.30 3.81
C LYS F 109 27.08 42.81 2.60
N TYR F 110 28.00 42.00 2.10
CA TYR F 110 28.91 42.40 1.02
C TYR F 110 29.72 43.62 1.43
N TYR F 111 30.16 43.64 2.68
CA TYR F 111 31.02 44.71 3.18
C TYR F 111 31.89 44.17 4.29
N PHE F 112 32.98 44.86 4.54
CA PHE F 112 33.86 44.53 5.64
C PHE F 112 33.41 45.37 6.83
N ASP F 113 33.41 44.78 8.03
CA ASP F 113 32.91 45.51 9.20
C ASP F 113 34.00 45.68 10.26
N PHE F 114 34.48 44.60 10.88
CA PHE F 114 35.45 44.72 11.96
C PHE F 114 36.84 44.42 11.40
N TRP F 115 37.82 45.24 11.78
CA TRP F 115 39.19 45.11 11.28
C TRP F 115 40.15 44.84 12.42
N GLY F 116 41.21 44.10 12.10
CA GLY F 116 42.30 43.88 13.02
C GLY F 116 43.29 45.03 13.03
N GLN F 117 44.44 44.78 13.66
CA GLN F 117 45.47 45.80 13.84
C GLN F 117 46.58 45.73 12.80
N GLY F 118 46.54 44.78 11.88
CA GLY F 118 47.51 44.71 10.80
C GLY F 118 48.70 43.83 11.14
N ALA F 119 49.29 43.26 10.10
CA ALA F 119 50.51 42.47 10.21
C ALA F 119 51.37 42.77 8.98
N LEU F 120 52.66 42.94 9.21
CA LEU F 120 53.58 43.31 8.13
C LEU F 120 54.15 42.06 7.47
N VAL F 121 54.18 42.06 6.14
CA VAL F 121 54.88 41.06 5.34
C VAL F 121 55.91 41.80 4.52
N THR F 122 57.18 41.46 4.73
CA THR F 122 58.31 42.05 4.03
C THR F 122 59.00 40.94 3.24
N VAL F 123 59.18 41.17 1.94
CA VAL F 123 59.79 40.21 1.03
C VAL F 123 61.03 40.85 0.42
N SER F 124 62.15 40.14 0.51
CA SER F 124 63.41 40.64 -0.02
C SER F 124 63.42 40.58 -1.53
N GLU G 1 55.28 -8.52 -27.96
CA GLU G 1 55.86 -7.18 -28.21
C GLU G 1 54.81 -6.24 -28.78
N VAL G 2 54.66 -5.08 -28.15
CA VAL G 2 53.70 -4.07 -28.60
C VAL G 2 54.30 -3.31 -29.77
N GLN G 3 53.56 -3.22 -30.87
CA GLN G 3 53.98 -2.49 -32.05
C GLN G 3 52.85 -1.61 -32.56
N LEU G 4 53.21 -0.39 -32.96
CA LEU G 4 52.31 0.57 -33.58
C LEU G 4 52.91 0.98 -34.91
N VAL G 5 52.14 0.84 -35.98
CA VAL G 5 52.62 1.13 -37.34
C VAL G 5 51.66 2.12 -37.98
N GLU G 6 52.17 3.31 -38.31
CA GLU G 6 51.40 4.32 -39.03
C GLU G 6 51.42 4.02 -40.51
N THR G 7 50.24 4.07 -41.15
CA THR G 7 50.07 3.80 -42.57
C THR G 7 49.39 4.96 -43.28
N GLY G 8 49.62 6.19 -42.82
CA GLY G 8 48.94 7.35 -43.34
C GLY G 8 49.60 7.91 -44.58
N GLY G 9 49.12 9.10 -44.97
CA GLY G 9 49.58 9.75 -46.18
C GLY G 9 50.89 10.50 -45.99
N GLY G 10 51.29 11.20 -47.07
CA GLY G 10 52.54 11.94 -47.10
C GLY G 10 52.38 13.40 -47.46
N LEU G 11 52.67 13.74 -48.72
CA LEU G 11 52.66 15.12 -49.17
C LEU G 11 51.24 15.56 -49.53
N VAL G 12 50.84 16.73 -49.02
CA VAL G 12 49.57 17.36 -49.36
C VAL G 12 49.80 18.82 -49.73
N GLN G 13 48.81 19.41 -50.39
CA GLN G 13 48.80 20.82 -50.74
C GLN G 13 48.28 21.67 -49.57
N PRO G 14 48.65 22.96 -49.53
CA PRO G 14 48.02 23.85 -48.54
C PRO G 14 46.51 23.91 -48.71
N GLY G 15 45.80 23.78 -47.59
CA GLY G 15 44.35 23.73 -47.61
C GLY G 15 43.76 22.36 -47.83
N GLY G 16 44.59 21.34 -48.03
CA GLY G 16 44.13 20.00 -48.32
C GLY G 16 43.77 19.26 -47.05
N SER G 17 43.54 17.96 -47.21
CA SER G 17 43.10 17.10 -46.11
C SER G 17 43.65 15.71 -46.33
N LEU G 18 43.74 14.96 -45.23
CA LEU G 18 44.20 13.57 -45.30
C LEU G 18 43.84 12.88 -44.00
N LYS G 19 44.05 11.57 -43.97
CA LYS G 19 43.92 10.79 -42.75
C LYS G 19 45.18 9.98 -42.51
N LEU G 20 45.47 9.75 -41.23
CA LEU G 20 46.56 8.89 -40.78
C LEU G 20 45.96 7.70 -40.08
N SER G 21 46.19 6.51 -40.65
CA SER G 21 45.69 5.25 -40.10
C SER G 21 46.83 4.55 -39.37
N CYS G 22 46.63 4.29 -38.08
CA CYS G 22 47.62 3.65 -37.22
C CYS G 22 47.09 2.28 -36.81
N ARG G 23 47.86 1.25 -37.13
CA ARG G 23 47.59 -0.13 -36.74
C ARG G 23 48.37 -0.44 -35.47
N ALA G 24 47.82 -1.32 -34.65
CA ALA G 24 48.43 -1.67 -33.38
C ALA G 24 48.32 -3.17 -33.14
N SER G 25 49.31 -3.72 -32.44
CA SER G 25 49.30 -5.14 -32.09
C SER G 25 50.17 -5.34 -30.86
N GLY G 26 50.03 -6.53 -30.27
CA GLY G 26 50.80 -6.92 -29.10
C GLY G 26 50.14 -6.66 -27.76
N TYR G 27 48.93 -6.10 -27.75
CA TYR G 27 48.23 -5.77 -26.50
C TYR G 27 46.75 -5.72 -26.82
N THR G 28 45.94 -5.67 -25.76
CA THR G 28 44.50 -5.52 -25.94
C THR G 28 44.21 -4.07 -26.34
N PHE G 29 43.70 -3.90 -27.56
CA PHE G 29 43.51 -2.57 -28.12
C PHE G 29 42.49 -1.75 -27.34
N SER G 30 41.35 -2.36 -27.03
CA SER G 30 40.26 -1.67 -26.36
C SER G 30 40.55 -1.32 -24.91
N SER G 31 41.64 -1.81 -24.32
CA SER G 31 41.95 -1.54 -22.92
C SER G 31 42.80 -0.29 -22.71
N PHE G 32 43.35 0.33 -23.76
CA PHE G 32 44.25 1.47 -23.64
C PHE G 32 43.76 2.64 -24.46
N ALA G 33 43.94 3.85 -23.91
CA ALA G 33 43.74 5.10 -24.63
C ALA G 33 44.92 5.35 -25.56
N MET G 34 44.68 6.16 -26.61
CA MET G 34 45.69 6.44 -27.61
C MET G 34 45.74 7.93 -27.91
N SER G 35 46.79 8.33 -28.64
CA SER G 35 47.03 9.74 -28.91
C SER G 35 47.86 9.90 -30.17
N TRP G 36 47.89 11.14 -30.66
CA TRP G 36 48.82 11.58 -31.69
C TRP G 36 49.60 12.76 -31.15
N VAL G 37 50.93 12.70 -31.31
CA VAL G 37 51.87 13.71 -30.83
C VAL G 37 52.68 14.22 -32.01
N ARG G 38 52.80 15.53 -32.14
CA ARG G 38 53.47 16.17 -33.26
C ARG G 38 54.87 16.65 -32.89
N GLN G 39 55.80 16.56 -33.85
CA GLN G 39 57.17 17.05 -33.67
C GLN G 39 57.65 17.65 -34.99
N ALA G 40 57.81 18.96 -35.03
CA ALA G 40 58.40 19.59 -36.19
C ALA G 40 59.88 19.19 -36.29
N PRO G 41 60.44 19.13 -37.51
CA PRO G 41 61.86 18.76 -37.65
C PRO G 41 62.85 19.57 -36.81
N GLY G 42 62.60 20.87 -36.61
CA GLY G 42 63.47 21.71 -35.82
C GLY G 42 63.01 22.06 -34.43
N LYS G 43 61.94 21.44 -33.93
CA LYS G 43 61.35 21.73 -32.63
C LYS G 43 61.29 20.44 -31.82
N GLY G 44 60.83 20.56 -30.58
CA GLY G 44 60.64 19.43 -29.70
C GLY G 44 59.28 18.79 -29.90
N LEU G 45 58.90 17.97 -28.93
CA LEU G 45 57.66 17.22 -29.01
C LEU G 45 56.49 18.13 -28.64
N GLU G 46 55.38 18.00 -29.37
CA GLU G 46 54.15 18.70 -29.07
C GLU G 46 52.99 17.71 -29.10
N TRP G 47 52.21 17.66 -28.01
CA TRP G 47 51.01 16.86 -27.97
C TRP G 47 49.92 17.56 -28.77
N VAL G 48 49.18 16.78 -29.57
CA VAL G 48 48.10 17.31 -30.40
C VAL G 48 46.74 16.78 -29.96
N SER G 49 46.57 15.46 -29.88
CA SER G 49 45.23 14.94 -29.58
C SER G 49 45.30 13.61 -28.87
N LEU G 50 44.26 13.31 -28.07
CA LEU G 50 44.13 12.00 -27.47
C LEU G 50 42.67 11.55 -27.51
N ILE G 51 42.49 10.23 -27.57
CA ILE G 51 41.20 9.57 -27.54
C ILE G 51 41.23 8.52 -26.44
N ASN G 52 40.07 8.34 -25.81
CA ASN G 52 39.94 7.38 -24.72
C ASN G 52 39.92 5.96 -25.28
N ASP G 53 39.85 4.98 -24.38
CA ASP G 53 39.87 3.59 -24.81
C ASP G 53 38.58 3.18 -25.50
N ARG G 54 37.45 3.71 -25.04
CA ARG G 54 36.16 3.41 -25.65
C ARG G 54 35.88 4.25 -26.89
N GLY G 55 36.61 5.34 -27.08
CA GLY G 55 36.45 6.20 -28.23
C GLY G 55 35.40 7.27 -28.09
N GLY G 56 34.67 7.31 -26.97
CA GLY G 56 33.63 8.31 -26.81
C GLY G 56 34.13 9.71 -26.50
N LEU G 57 35.34 9.84 -25.96
CA LEU G 57 35.89 11.13 -25.55
C LEU G 57 37.16 11.43 -26.34
N THR G 58 37.22 12.61 -26.92
CA THR G 58 38.37 13.10 -27.67
C THR G 58 38.76 14.45 -27.12
N PHE G 59 40.07 14.71 -27.07
CA PHE G 59 40.60 15.98 -26.60
C PHE G 59 41.68 16.46 -27.55
N TYR G 60 41.74 17.77 -27.75
CA TYR G 60 42.61 18.41 -28.73
C TYR G 60 43.26 19.64 -28.13
N VAL G 61 44.37 20.07 -28.73
CA VAL G 61 44.87 21.42 -28.50
C VAL G 61 44.00 22.42 -29.26
N ASP G 62 43.95 23.64 -28.72
CA ASP G 62 43.11 24.71 -29.27
C ASP G 62 43.32 24.95 -30.76
N SER G 63 44.56 24.85 -31.23
CA SER G 63 44.85 25.15 -32.63
C SER G 63 44.26 24.16 -33.62
N VAL G 64 43.85 22.97 -33.19
CA VAL G 64 43.31 21.94 -34.09
C VAL G 64 41.89 21.52 -33.75
N LYS G 65 41.23 22.20 -32.80
CA LYS G 65 39.90 21.78 -32.38
C LYS G 65 38.89 21.86 -33.51
N GLY G 66 39.03 22.82 -34.41
CA GLY G 66 38.16 22.93 -35.57
C GLY G 66 38.70 22.31 -36.84
N ARG G 67 39.80 21.57 -36.79
CA ARG G 67 40.45 21.03 -37.98
C ARG G 67 40.71 19.54 -37.91
N PHE G 68 41.05 19.00 -36.73
CA PHE G 68 41.45 17.61 -36.59
C PHE G 68 40.36 16.82 -35.88
N THR G 69 40.12 15.61 -36.37
CA THR G 69 39.20 14.65 -35.73
C THR G 69 39.98 13.37 -35.46
N ILE G 70 39.92 12.88 -34.22
CA ILE G 70 40.54 11.62 -33.84
C ILE G 70 39.44 10.62 -33.55
N SER G 71 39.56 9.42 -34.11
CA SER G 71 38.57 8.37 -33.91
C SER G 71 39.31 7.05 -33.85
N ARG G 72 38.62 6.03 -33.34
CA ARG G 72 39.19 4.70 -33.26
C ARG G 72 38.11 3.66 -33.53
N ASP G 73 38.57 2.49 -33.97
CA ASP G 73 37.72 1.34 -34.25
C ASP G 73 38.33 0.17 -33.49
N ASN G 74 37.65 -0.27 -32.44
CA ASN G 74 38.13 -1.33 -31.55
C ASN G 74 37.93 -2.72 -32.14
N SER G 75 37.15 -2.85 -33.22
CA SER G 75 36.96 -4.14 -33.88
C SER G 75 38.00 -4.35 -34.96
N LYS G 76 38.47 -3.27 -35.58
CA LYS G 76 39.52 -3.32 -36.58
C LYS G 76 40.89 -3.00 -35.98
N ASN G 77 40.95 -2.67 -34.69
CA ASN G 77 42.18 -2.28 -34.01
C ASN G 77 42.88 -1.15 -34.74
N THR G 78 42.11 -0.14 -35.16
CA THR G 78 42.64 0.92 -36.01
C THR G 78 42.34 2.28 -35.41
N LEU G 79 43.37 3.12 -35.33
CA LEU G 79 43.24 4.51 -34.90
C LEU G 79 43.32 5.38 -36.14
N SER G 80 42.47 6.41 -36.24
CA SER G 80 42.45 7.27 -37.42
C SER G 80 42.40 8.73 -37.02
N LEU G 81 43.36 9.51 -37.50
CA LEU G 81 43.40 10.96 -37.31
C LEU G 81 43.14 11.62 -38.65
N GLN G 82 42.03 12.35 -38.77
CA GLN G 82 41.67 13.04 -40.00
C GLN G 82 42.01 14.52 -39.81
N MET G 83 42.89 15.03 -40.66
CA MET G 83 43.35 16.41 -40.62
C MET G 83 42.82 17.17 -41.82
N HIS G 84 42.27 18.36 -41.56
CA HIS G 84 41.76 19.25 -42.59
C HIS G 84 42.41 20.62 -42.44
N SER G 85 42.40 21.37 -43.54
CA SER G 85 42.86 22.77 -43.58
C SER G 85 44.27 22.93 -43.00
N LEU G 86 45.18 22.08 -43.45
CA LEU G 86 46.56 22.12 -42.96
C LEU G 86 47.29 23.35 -43.48
N ARG G 87 48.17 23.88 -42.64
CA ARG G 87 48.98 25.06 -42.93
C ARG G 87 50.44 24.65 -43.09
N ASP G 88 51.23 25.59 -43.61
CA ASP G 88 52.66 25.34 -43.80
C ASP G 88 53.36 25.09 -42.47
N GLY G 89 52.86 25.69 -41.39
CA GLY G 89 53.43 25.47 -40.07
C GLY G 89 53.13 24.10 -39.48
N ASP G 90 52.28 23.31 -40.12
CA ASP G 90 51.89 21.99 -39.63
C ASP G 90 52.75 20.87 -40.21
N THR G 91 53.78 21.19 -40.98
CA THR G 91 54.70 20.16 -41.47
C THR G 91 55.48 19.58 -40.29
N ALA G 92 55.37 18.27 -40.10
CA ALA G 92 55.94 17.65 -38.92
C ALA G 92 55.83 16.13 -39.02
N VAL G 93 56.52 15.46 -38.11
CA VAL G 93 56.33 14.03 -37.88
C VAL G 93 55.22 13.87 -36.84
N TYR G 94 54.22 13.04 -37.16
CA TYR G 94 53.10 12.75 -36.27
C TYR G 94 53.26 11.32 -35.78
N TYR G 95 53.46 11.17 -34.48
CA TYR G 95 53.68 9.87 -33.85
C TYR G 95 52.37 9.37 -33.29
N CYS G 96 52.05 8.11 -33.61
CA CYS G 96 50.95 7.39 -32.98
C CYS G 96 51.45 6.83 -31.66
N ALA G 97 50.69 7.03 -30.58
CA ALA G 97 51.12 6.56 -29.28
C ALA G 97 49.96 5.94 -28.53
N THR G 98 50.30 5.02 -27.63
CA THR G 98 49.35 4.36 -26.73
C THR G 98 49.68 4.80 -25.32
N GLY G 99 48.64 5.15 -24.58
CA GLY G 99 48.70 5.61 -23.21
C GLY G 99 48.25 7.05 -23.07
N GLY G 100 48.45 7.59 -21.87
CA GLY G 100 48.07 8.95 -21.56
C GLY G 100 46.72 9.11 -20.87
N MET G 101 45.89 8.07 -20.82
CA MET G 101 44.60 8.19 -20.16
C MET G 101 44.10 6.79 -19.80
N SER G 102 43.25 6.74 -18.78
CA SER G 102 42.57 5.52 -18.36
C SER G 102 41.15 5.84 -17.93
N SER G 103 40.24 4.88 -18.11
CA SER G 103 38.81 5.13 -17.90
C SER G 103 38.40 4.86 -16.44
N ALA G 104 39.06 5.57 -15.53
CA ALA G 104 38.73 5.66 -14.11
C ALA G 104 38.82 4.38 -13.28
N LEU G 105 38.63 3.20 -13.87
CA LEU G 105 38.64 1.96 -13.10
C LEU G 105 39.95 1.19 -13.21
N GLN G 106 40.94 1.72 -13.95
CA GLN G 106 42.18 0.99 -14.13
C GLN G 106 43.28 1.47 -13.19
N SER G 107 43.98 2.53 -13.57
CA SER G 107 45.02 3.12 -12.75
C SER G 107 45.25 4.53 -13.26
N SER G 108 45.95 5.33 -12.46
CA SER G 108 46.34 6.66 -12.91
C SER G 108 47.67 6.55 -13.64
N LYS G 109 47.72 7.09 -14.87
CA LYS G 109 48.94 7.05 -15.67
C LYS G 109 49.39 8.43 -16.08
N TYR G 110 48.65 9.11 -16.96
CA TYR G 110 49.05 10.42 -17.48
C TYR G 110 50.45 10.37 -18.09
N TYR G 111 50.73 9.30 -18.83
CA TYR G 111 51.99 9.17 -19.55
C TYR G 111 51.75 8.34 -20.81
N PHE G 112 52.67 8.45 -21.75
CA PHE G 112 52.60 7.72 -23.02
C PHE G 112 53.60 6.58 -22.95
N ASP G 113 53.09 5.34 -22.80
CA ASP G 113 54.00 4.21 -22.62
C ASP G 113 54.45 3.56 -23.92
N PHE G 114 53.71 3.70 -25.04
CA PHE G 114 54.17 3.13 -26.29
C PHE G 114 54.09 4.17 -27.40
N TRP G 115 55.07 4.13 -28.31
CA TRP G 115 55.17 5.06 -29.41
C TRP G 115 55.31 4.28 -30.72
N GLY G 116 54.82 4.87 -31.80
CA GLY G 116 54.92 4.29 -33.11
C GLY G 116 56.20 4.70 -33.82
N GLN G 117 56.18 4.56 -35.15
CA GLN G 117 57.37 4.84 -35.95
C GLN G 117 57.45 6.30 -36.37
N GLY G 118 56.31 6.96 -36.54
CA GLY G 118 56.27 8.35 -36.94
C GLY G 118 55.95 8.52 -38.41
N ALA G 119 54.79 9.08 -38.71
CA ALA G 119 54.41 9.40 -40.08
C ALA G 119 54.89 10.81 -40.40
N LEU G 120 55.37 11.01 -41.61
CA LEU G 120 55.86 12.32 -42.05
C LEU G 120 54.76 13.00 -42.84
N VAL G 121 54.29 14.14 -42.35
CA VAL G 121 53.24 14.93 -43.00
C VAL G 121 53.87 16.25 -43.40
N THR G 122 53.78 16.58 -44.69
CA THR G 122 54.36 17.78 -45.24
C THR G 122 53.31 18.55 -46.03
N VAL G 123 53.50 19.86 -46.10
CA VAL G 123 52.63 20.77 -46.83
C VAL G 123 53.51 21.55 -47.81
N SER G 124 53.12 21.56 -49.07
CA SER G 124 53.88 22.28 -50.11
C SER G 124 53.86 23.78 -49.82
N ALA H 1 55.60 26.02 -22.26
CA ALA H 1 55.62 26.56 -20.91
C ALA H 1 56.73 25.94 -20.04
N LEU H 2 57.47 24.97 -20.58
CA LEU H 2 58.54 24.30 -19.86
C LEU H 2 59.88 24.68 -20.47
N THR H 3 60.77 25.23 -19.64
CA THR H 3 62.10 25.65 -20.06
C THR H 3 63.12 24.74 -19.37
N GLN H 4 64.04 24.19 -20.17
CA GLN H 4 65.11 23.33 -19.71
C GLN H 4 66.38 23.72 -20.46
N PRO H 5 67.55 23.61 -19.84
CA PRO H 5 68.78 24.09 -20.50
C PRO H 5 69.23 23.13 -21.59
N PRO H 6 69.78 23.62 -22.71
CA PRO H 6 70.40 22.75 -23.71
C PRO H 6 71.86 22.43 -23.36
N SER H 7 72.46 21.58 -24.20
CA SER H 7 73.90 21.31 -24.21
C SER H 7 74.41 20.80 -22.86
N VAL H 8 73.81 19.70 -22.43
CA VAL H 8 74.20 18.98 -21.23
C VAL H 8 75.21 17.92 -21.63
N SER H 9 76.28 17.78 -20.84
CA SER H 9 77.38 16.90 -21.22
C SER H 9 78.00 16.32 -19.96
N GLY H 10 78.79 15.27 -20.16
CA GLY H 10 79.58 14.74 -19.06
C GLY H 10 80.46 13.60 -19.52
N SER H 11 81.39 13.23 -18.65
CA SER H 11 82.31 12.13 -18.92
C SER H 11 81.67 10.78 -18.62
N PRO H 12 82.17 9.70 -19.23
CA PRO H 12 81.72 8.36 -18.83
C PRO H 12 81.99 8.12 -17.35
N GLY H 13 81.00 7.55 -16.66
CA GLY H 13 81.10 7.26 -15.24
C GLY H 13 80.63 8.36 -14.32
N GLN H 14 80.42 9.57 -14.82
CA GLN H 14 79.94 10.69 -14.02
C GLN H 14 78.42 10.75 -14.11
N SER H 15 77.82 11.35 -13.09
CA SER H 15 76.38 11.51 -13.02
C SER H 15 75.99 12.91 -13.50
N VAL H 16 74.80 13.02 -14.08
CA VAL H 16 74.28 14.29 -14.56
C VAL H 16 72.84 14.46 -14.08
N THR H 17 72.38 15.72 -14.14
CA THR H 17 70.98 16.05 -13.94
C THR H 17 70.49 16.92 -15.09
N ILE H 18 69.23 16.72 -15.45
CA ILE H 18 68.53 17.53 -16.44
C ILE H 18 67.31 18.11 -15.76
N SER H 19 67.27 19.44 -15.64
CA SER H 19 66.17 20.11 -14.97
C SER H 19 65.02 20.38 -15.92
N CYS H 20 63.85 20.63 -15.34
CA CYS H 20 62.65 21.06 -16.05
C CYS H 20 61.90 21.99 -15.11
N THR H 21 61.55 23.17 -15.61
CA THR H 21 60.88 24.20 -14.82
C THR H 21 59.53 24.52 -15.43
N GLY H 22 58.49 24.53 -14.58
CA GLY H 22 57.16 24.92 -14.97
C GLY H 22 56.55 25.82 -13.92
N THR H 23 55.23 26.02 -13.96
CA THR H 23 54.51 26.82 -12.97
C THR H 23 53.70 25.90 -12.06
N SER H 24 52.91 26.51 -11.17
CA SER H 24 52.15 25.75 -10.19
C SER H 24 51.08 24.88 -10.83
N SER H 25 50.54 25.28 -11.98
CA SER H 25 49.52 24.48 -12.64
C SER H 25 50.07 23.33 -13.46
N ASP H 26 51.39 23.23 -13.66
CA ASP H 26 52.00 22.18 -14.46
C ASP H 26 52.77 21.17 -13.62
N ILE H 27 53.65 21.65 -12.73
CA ILE H 27 54.53 20.81 -11.94
C ILE H 27 54.12 20.80 -10.47
N GLY H 28 53.89 21.99 -9.91
CA GLY H 28 53.65 22.10 -8.48
C GLY H 28 52.40 21.37 -8.03
N SER H 29 51.34 21.43 -8.83
CA SER H 29 50.06 20.85 -8.44
C SER H 29 49.91 19.37 -8.82
N TYR H 30 50.81 18.81 -9.62
CA TYR H 30 50.67 17.44 -10.11
C TYR H 30 51.97 16.68 -9.94
N ASN H 31 51.84 15.38 -9.69
CA ASN H 31 52.96 14.45 -9.68
C ASN H 31 53.13 13.73 -11.01
N TYR H 32 52.34 14.10 -12.03
CA TYR H 32 52.37 13.41 -13.32
C TYR H 32 53.40 14.07 -14.24
N VAL H 33 54.67 13.87 -13.88
CA VAL H 33 55.80 14.42 -14.62
C VAL H 33 56.61 13.24 -15.15
N SER H 34 56.90 13.26 -16.45
CA SER H 34 57.57 12.16 -17.11
C SER H 34 58.73 12.70 -17.96
N TRP H 35 59.67 11.80 -18.27
CA TRP H 35 60.82 12.10 -19.11
C TRP H 35 60.97 11.05 -20.20
N TYR H 36 61.31 11.53 -21.39
CA TYR H 36 61.47 10.73 -22.60
C TYR H 36 62.87 10.93 -23.16
N GLN H 37 63.39 9.86 -23.79
CA GLN H 37 64.69 9.88 -24.46
C GLN H 37 64.48 9.53 -25.93
N GLN H 38 64.88 10.44 -26.81
CA GLN H 38 64.75 10.29 -28.26
C GLN H 38 66.13 10.29 -28.87
N HIS H 39 66.47 9.22 -29.54
CA HIS H 39 67.70 9.17 -30.32
C HIS H 39 67.44 9.75 -31.71
N PRO H 40 68.43 10.40 -32.34
CA PRO H 40 68.19 10.93 -33.70
C PRO H 40 67.78 9.82 -34.67
N GLY H 41 66.73 10.08 -35.43
CA GLY H 41 66.21 9.11 -36.37
C GLY H 41 65.25 8.08 -35.80
N LYS H 42 65.02 8.08 -34.48
CA LYS H 42 64.16 7.11 -33.82
C LYS H 42 63.02 7.83 -33.10
N ALA H 43 61.92 7.10 -32.91
CA ALA H 43 60.82 7.60 -32.11
C ALA H 43 61.20 7.66 -30.63
N PRO H 44 60.64 8.59 -29.86
CA PRO H 44 60.97 8.65 -28.43
C PRO H 44 60.39 7.46 -27.68
N LYS H 45 61.12 7.05 -26.65
CA LYS H 45 60.68 6.00 -25.74
C LYS H 45 60.48 6.58 -24.35
N LEU H 46 59.54 6.00 -23.61
CA LEU H 46 59.31 6.42 -22.23
C LEU H 46 60.42 5.88 -21.35
N MET H 47 61.04 6.76 -20.57
CA MET H 47 62.10 6.38 -19.63
C MET H 47 61.71 6.60 -18.19
N ILE H 48 61.05 7.69 -17.84
CA ILE H 48 60.63 7.97 -16.47
C ILE H 48 59.19 8.45 -16.51
N TYR H 49 58.39 7.99 -15.54
CA TYR H 49 57.03 8.48 -15.37
C TYR H 49 56.74 8.60 -13.88
N ASP H 50 55.74 9.41 -13.56
CA ASP H 50 55.30 9.65 -12.17
C ASP H 50 56.47 10.07 -11.28
N VAL H 51 57.35 10.91 -11.83
CA VAL H 51 58.51 11.48 -11.15
C VAL H 51 59.56 10.43 -10.78
N THR H 52 59.18 9.41 -10.01
CA THR H 52 60.13 8.43 -9.47
C THR H 52 59.98 7.02 -10.02
N GLN H 53 59.04 6.77 -10.93
CA GLN H 53 58.77 5.42 -11.39
C GLN H 53 59.47 5.17 -12.73
N ARG H 54 59.80 3.90 -12.97
CA ARG H 54 60.44 3.45 -14.20
C ARG H 54 59.55 2.43 -14.91
N PRO H 55 59.54 2.40 -16.25
CA PRO H 55 58.91 1.29 -16.95
C PRO H 55 59.70 0.00 -16.75
N SER H 56 59.00 -1.13 -16.87
CA SER H 56 59.67 -2.42 -16.86
C SER H 56 60.64 -2.50 -18.03
N GLY H 57 61.83 -3.03 -17.76
CA GLY H 57 62.88 -3.14 -18.76
C GLY H 57 63.87 -2.01 -18.74
N VAL H 58 63.58 -0.92 -18.04
CA VAL H 58 64.47 0.22 -17.93
C VAL H 58 65.31 0.05 -16.67
N SER H 59 66.62 0.21 -16.81
CA SER H 59 67.54 0.01 -15.71
C SER H 59 67.39 1.11 -14.67
N ASP H 60 67.96 0.86 -13.48
CA ASP H 60 67.84 1.76 -12.35
C ASP H 60 68.82 2.92 -12.39
N ARG H 61 69.56 3.09 -13.49
CA ARG H 61 70.44 4.24 -13.63
C ARG H 61 69.67 5.55 -13.79
N PHE H 62 68.41 5.48 -14.22
CA PHE H 62 67.57 6.65 -14.41
C PHE H 62 66.67 6.83 -13.19
N SER H 63 66.73 8.00 -12.57
CA SER H 63 65.89 8.32 -11.43
C SER H 63 65.47 9.78 -11.57
N GLY H 64 64.93 10.35 -10.51
CA GLY H 64 64.47 11.73 -10.61
C GLY H 64 63.85 12.19 -9.31
N SER H 65 63.52 13.47 -9.29
CA SER H 65 62.95 14.11 -8.11
C SER H 65 62.15 15.32 -8.54
N LYS H 66 61.40 15.88 -7.60
CA LYS H 66 60.58 17.06 -7.82
C LYS H 66 60.62 17.93 -6.58
N SER H 67 60.67 19.25 -6.79
CA SER H 67 60.64 20.20 -5.69
C SER H 67 60.07 21.51 -6.20
N GLY H 68 59.16 22.09 -5.43
CA GLY H 68 58.53 23.35 -5.83
C GLY H 68 57.80 23.18 -7.13
N ASN H 69 58.12 24.04 -8.11
CA ASN H 69 57.57 23.98 -9.45
C ASN H 69 58.59 23.42 -10.45
N THR H 70 59.64 22.75 -9.98
CA THR H 70 60.67 22.18 -10.82
C THR H 70 60.81 20.69 -10.58
N ALA H 71 61.45 20.02 -11.53
CA ALA H 71 61.70 18.59 -11.48
C ALA H 71 63.05 18.34 -12.12
N SER H 72 63.64 17.18 -11.80
CA SER H 72 64.95 16.84 -12.31
C SER H 72 65.05 15.35 -12.61
N LEU H 73 65.68 15.05 -13.74
CA LEU H 73 66.03 13.69 -14.16
C LEU H 73 67.49 13.47 -13.80
N THR H 74 67.75 12.45 -12.99
CA THR H 74 69.11 12.13 -12.54
C THR H 74 69.57 10.87 -13.27
N ILE H 75 70.72 10.98 -13.93
CA ILE H 75 71.31 9.86 -14.65
C ILE H 75 72.62 9.54 -13.94
N SER H 76 72.68 8.35 -13.32
CA SER H 76 73.83 7.92 -12.54
C SER H 76 74.81 7.22 -13.48
N GLY H 77 75.95 7.86 -13.74
CA GLY H 77 76.89 7.35 -14.70
C GLY H 77 76.45 7.69 -16.12
N LEU H 78 77.35 7.43 -17.06
CA LEU H 78 77.05 7.65 -18.48
C LEU H 78 77.71 6.54 -19.29
N GLN H 79 76.98 5.98 -20.24
CA GLN H 79 77.53 4.95 -21.10
C GLN H 79 76.62 4.73 -22.30
N ALA H 80 77.21 4.07 -23.31
CA ALA H 80 76.51 3.52 -24.47
C ALA H 80 75.56 4.52 -25.14
N ASP H 81 74.24 4.29 -25.06
CA ASP H 81 73.26 5.08 -25.79
C ASP H 81 72.64 6.19 -24.94
N ASP H 82 73.32 6.61 -23.86
CA ASP H 82 72.84 7.72 -23.05
C ASP H 82 72.86 9.04 -23.81
N GLU H 83 73.71 9.16 -24.82
CA GLU H 83 73.79 10.36 -25.63
C GLU H 83 72.54 10.49 -26.51
N ALA H 84 71.70 11.48 -26.22
CA ALA H 84 70.40 11.57 -26.89
C ALA H 84 69.72 12.88 -26.53
N ASP H 85 68.58 13.15 -27.19
CA ASP H 85 67.74 14.29 -26.88
C ASP H 85 66.67 13.89 -25.86
N TYR H 86 66.71 14.52 -24.69
CA TYR H 86 65.78 14.25 -23.61
C TYR H 86 64.71 15.35 -23.54
N TYR H 87 63.51 14.94 -23.16
CA TYR H 87 62.36 15.82 -23.02
C TYR H 87 61.67 15.58 -21.69
N CYS H 88 61.19 16.66 -21.07
CA CYS H 88 60.29 16.59 -19.94
C CYS H 88 58.86 16.85 -20.41
N SER H 89 57.91 16.24 -19.71
CA SER H 89 56.51 16.34 -20.02
C SER H 89 55.73 16.38 -18.73
N ALA H 90 54.65 17.17 -18.70
CA ALA H 90 53.84 17.28 -17.50
C ALA H 90 52.38 17.42 -17.86
N TYR H 91 51.53 16.89 -16.98
CA TYR H 91 50.09 17.07 -17.07
C TYR H 91 49.74 18.48 -16.62
N ALA H 92 48.93 19.17 -17.42
CA ALA H 92 48.58 20.57 -17.15
C ALA H 92 47.08 20.77 -16.95
N GLY H 93 46.38 19.75 -16.49
CA GLY H 93 44.96 19.87 -16.20
C GLY H 93 44.07 19.50 -17.37
N ARG H 94 42.80 19.89 -17.24
CA ARG H 94 41.79 19.52 -18.22
C ARG H 94 41.82 20.41 -19.45
N GLN H 95 42.23 21.67 -19.31
CA GLN H 95 42.20 22.60 -20.44
C GLN H 95 43.33 22.30 -21.41
N THR H 96 44.51 22.02 -20.88
CA THR H 96 45.67 21.59 -21.65
C THR H 96 46.11 20.28 -21.00
N PHE H 97 46.10 19.20 -21.77
CA PHE H 97 46.38 17.91 -21.15
C PHE H 97 47.87 17.72 -20.87
N TYR H 98 48.72 17.89 -21.88
CA TYR H 98 50.14 17.66 -21.72
C TYR H 98 50.93 18.84 -22.29
N ILE H 99 52.01 19.18 -21.61
CA ILE H 99 52.95 20.19 -22.07
C ILE H 99 54.34 19.56 -22.06
N PHE H 100 55.06 19.75 -23.16
CA PHE H 100 56.43 19.28 -23.31
C PHE H 100 57.35 20.49 -23.37
N GLY H 101 58.58 20.30 -22.89
CA GLY H 101 59.62 21.29 -23.02
C GLY H 101 60.39 21.10 -24.32
N GLY H 102 61.46 21.87 -24.46
CA GLY H 102 62.31 21.72 -25.61
C GLY H 102 63.27 20.56 -25.41
N GLY H 103 64.05 20.29 -26.45
CA GLY H 103 64.98 19.19 -26.38
C GLY H 103 66.26 19.57 -25.65
N THR H 104 66.75 18.64 -24.83
CA THR H 104 68.03 18.78 -24.15
C THR H 104 68.97 17.73 -24.74
N ARG H 105 70.08 18.18 -25.29
CA ARG H 105 71.08 17.27 -25.86
C ARG H 105 72.00 16.85 -24.72
N LEU H 106 72.04 15.56 -24.44
CA LEU H 106 72.95 14.99 -23.46
C LEU H 106 74.00 14.23 -24.24
N THR H 107 75.27 14.60 -24.02
CA THR H 107 76.39 13.93 -24.67
C THR H 107 77.37 13.37 -23.63
N VAL H 108 77.94 12.22 -23.98
CA VAL H 108 78.89 11.51 -23.13
C VAL H 108 80.28 11.77 -23.68
N LEU H 109 81.10 12.49 -22.93
CA LEU H 109 82.39 12.96 -23.43
C LEU H 109 83.42 11.83 -23.39
N GLU I 33 14.49 42.65 1.02
CA GLU I 33 15.85 42.09 0.96
C GLU I 33 16.06 41.22 -0.28
N ASN I 34 15.12 41.26 -1.22
CA ASN I 34 15.19 40.42 -2.43
C ASN I 34 15.28 38.95 -2.07
N LEU I 35 14.30 38.50 -1.28
CA LEU I 35 14.24 37.13 -0.78
C LEU I 35 13.53 36.22 -1.77
N TRP I 36 13.93 34.95 -1.78
CA TRP I 36 13.43 33.93 -2.68
C TRP I 36 12.92 32.74 -1.90
N VAL I 37 11.96 32.03 -2.47
CA VAL I 37 11.40 30.82 -1.86
C VAL I 37 12.40 29.69 -1.99
N THR I 38 12.76 29.06 -0.87
CA THR I 38 13.62 27.88 -0.86
C THR I 38 12.82 26.74 -0.25
N VAL I 39 12.84 25.60 -0.94
CA VAL I 39 12.07 24.42 -0.55
C VAL I 39 12.96 23.52 0.28
N TYR I 40 12.48 23.13 1.46
CA TYR I 40 13.17 22.23 2.37
C TYR I 40 12.36 20.97 2.54
N TYR I 41 13.03 19.82 2.46
CA TYR I 41 12.42 18.52 2.67
C TYR I 41 13.10 17.87 3.86
N GLY I 42 12.32 17.43 4.83
CA GLY I 42 12.85 16.90 6.07
C GLY I 42 12.65 17.90 7.18
N VAL I 43 11.62 18.73 7.05
CA VAL I 43 11.35 19.78 8.04
C VAL I 43 10.77 19.16 9.31
N PRO I 44 11.33 19.42 10.51
CA PRO I 44 10.81 18.76 11.72
C PRO I 44 9.53 19.39 12.25
N VAL I 45 8.43 19.29 11.48
CA VAL I 45 7.13 19.76 11.91
C VAL I 45 6.11 18.65 11.77
N TRP I 46 4.97 18.86 12.42
CA TRP I 46 3.90 17.88 12.41
C TRP I 46 2.56 18.58 12.52
N LYS I 47 1.52 17.86 12.14
CA LYS I 47 0.14 18.31 12.27
C LYS I 47 -0.66 17.20 12.92
N ASP I 48 -1.71 17.57 13.64
CA ASP I 48 -2.55 16.57 14.26
C ASP I 48 -3.23 15.72 13.19
N ALA I 49 -3.26 14.42 13.42
CA ALA I 49 -3.83 13.51 12.45
C ALA I 49 -4.34 12.26 13.16
N GLU I 50 -5.30 11.61 12.54
CA GLU I 50 -5.86 10.34 12.98
C GLU I 50 -5.53 9.28 11.95
N THR I 51 -4.70 8.31 12.33
CA THR I 51 -4.30 7.23 11.45
C THR I 51 -4.44 5.90 12.17
N THR I 52 -4.23 4.83 11.42
CA THR I 52 -4.32 3.48 11.97
C THR I 52 -2.96 3.08 12.52
N LEU I 53 -2.95 2.67 13.78
CA LEU I 53 -1.75 2.23 14.47
C LEU I 53 -1.71 0.71 14.41
N PHE I 54 -0.50 0.15 14.42
CA PHE I 54 -0.35 -1.30 14.43
C PHE I 54 0.15 -1.76 15.79
N CYS I 55 -0.10 -3.02 16.08
CA CYS I 55 0.19 -3.59 17.39
C CYS I 55 1.57 -4.24 17.40
N ALA I 56 2.19 -4.21 18.58
CA ALA I 56 3.47 -4.86 18.80
C ALA I 56 3.47 -5.44 20.21
N SER I 57 4.32 -6.45 20.40
CA SER I 57 4.46 -7.09 21.71
C SER I 57 5.88 -7.59 21.84
N ASP I 58 6.26 -7.86 23.09
CA ASP I 58 7.59 -8.39 23.40
C ASP I 58 7.49 -9.91 23.37
N ALA I 59 8.00 -10.51 22.30
CA ALA I 59 7.90 -11.95 22.10
C ALA I 59 8.86 -12.69 23.01
N GLN I 83 12.75 3.96 20.00
CA GLN I 83 13.51 4.88 20.82
C GLN I 83 12.59 5.94 21.41
N GLU I 84 13.16 6.84 22.21
CA GLU I 84 12.40 7.95 22.80
C GLU I 84 13.31 9.17 22.77
N ILE I 85 12.84 10.24 22.16
CA ILE I 85 13.64 11.45 21.95
C ILE I 85 12.96 12.61 22.64
N HIS I 86 13.62 13.18 23.64
CA HIS I 86 13.07 14.35 24.32
C HIS I 86 13.14 15.54 23.38
N LEU I 87 12.05 16.32 23.34
CA LEU I 87 11.95 17.48 22.47
C LEU I 87 12.12 18.72 23.32
N GLU I 88 13.30 19.32 23.29
CA GLU I 88 13.56 20.51 24.08
C GLU I 88 12.88 21.71 23.43
N ASN I 89 12.33 22.59 24.27
CA ASN I 89 11.64 23.81 23.85
C ASN I 89 10.47 23.53 22.91
N VAL I 90 9.76 22.42 23.14
CA VAL I 90 8.56 22.07 22.36
C VAL I 90 7.39 22.02 23.33
N THR I 91 6.39 22.84 23.07
CA THR I 91 5.14 22.86 23.81
C THR I 91 4.06 22.32 22.87
N GLU I 92 3.35 21.29 23.31
CA GLU I 92 2.34 20.63 22.47
C GLU I 92 1.02 20.59 23.23
N GLU I 93 -0.07 20.91 22.54
CA GLU I 93 -1.39 20.90 23.14
C GLU I 93 -1.99 19.50 23.02
N PHE I 94 -2.35 18.92 24.16
CA PHE I 94 -2.94 17.59 24.23
C PHE I 94 -4.44 17.71 24.54
N ASN I 95 -5.19 16.70 24.12
CA ASN I 95 -6.61 16.61 24.46
C ASN I 95 -6.96 15.12 24.48
N MET I 96 -6.98 14.53 25.68
CA MET I 96 -7.22 13.09 25.81
C MET I 96 -8.64 12.70 25.42
N TRP I 97 -9.56 13.65 25.34
CA TRP I 97 -10.96 13.34 25.06
C TRP I 97 -11.26 13.31 23.58
N LYS I 98 -10.31 13.71 22.74
CA LYS I 98 -10.42 13.69 21.28
C LYS I 98 -9.33 12.80 20.68
N ASN I 99 -8.71 11.96 21.51
CA ASN I 99 -7.60 11.12 21.13
C ASN I 99 -8.13 9.86 20.46
N ASN I 100 -7.84 9.72 19.16
CA ASN I 100 -8.37 8.60 18.40
C ASN I 100 -7.65 7.30 18.71
N MET I 101 -6.62 7.33 19.55
CA MET I 101 -5.97 6.08 19.95
C MET I 101 -6.88 5.26 20.84
N VAL I 102 -7.79 5.92 21.56
CA VAL I 102 -8.72 5.24 22.45
C VAL I 102 -9.79 4.51 21.64
N GLU I 103 -10.33 5.15 20.61
CA GLU I 103 -11.33 4.49 19.79
C GLU I 103 -10.72 3.30 19.04
N GLN I 104 -9.49 3.45 18.56
CA GLN I 104 -8.83 2.35 17.88
C GLN I 104 -8.50 1.22 18.84
N MET I 105 -8.05 1.54 20.06
CA MET I 105 -7.78 0.49 21.03
C MET I 105 -9.07 -0.24 21.40
N HIS I 106 -10.17 0.49 21.54
CA HIS I 106 -11.46 -0.13 21.84
C HIS I 106 -11.87 -1.10 20.74
N GLU I 107 -11.80 -0.66 19.49
CA GLU I 107 -12.18 -1.54 18.39
C GLU I 107 -11.22 -2.71 18.25
N ASP I 108 -9.93 -2.49 18.52
CA ASP I 108 -8.96 -3.57 18.40
C ASP I 108 -9.18 -4.63 19.47
N ILE I 109 -9.46 -4.22 20.71
CA ILE I 109 -9.71 -5.19 21.76
C ILE I 109 -11.00 -5.96 21.50
N ILE I 110 -12.05 -5.29 21.04
CA ILE I 110 -13.28 -6.02 20.74
C ILE I 110 -13.06 -6.98 19.57
N SER I 111 -12.35 -6.55 18.53
CA SER I 111 -12.10 -7.42 17.39
C SER I 111 -11.26 -8.64 17.78
N LEU I 112 -10.21 -8.43 18.57
CA LEU I 112 -9.39 -9.56 19.01
C LEU I 112 -10.18 -10.50 19.91
N TRP I 113 -11.04 -9.94 20.77
CA TRP I 113 -11.91 -10.75 21.62
C TRP I 113 -12.82 -11.63 20.77
N ASP I 114 -13.46 -11.04 19.76
CA ASP I 114 -14.34 -11.82 18.89
C ASP I 114 -13.58 -12.88 18.12
N GLN I 115 -12.37 -12.56 17.65
CA GLN I 115 -11.58 -13.56 16.95
C GLN I 115 -11.17 -14.70 17.87
N SER I 116 -10.85 -14.39 19.12
CA SER I 116 -10.49 -15.46 20.06
C SER I 116 -11.67 -16.36 20.36
N LEU I 117 -12.87 -15.79 20.56
CA LEU I 117 -14.01 -16.63 20.93
C LEU I 117 -14.68 -17.33 19.74
N LYS I 118 -14.52 -16.82 18.53
CA LYS I 118 -15.22 -17.41 17.38
C LYS I 118 -14.96 -18.90 17.19
N PRO I 119 -13.71 -19.39 17.09
CA PRO I 119 -13.51 -20.83 16.84
C PRO I 119 -13.61 -21.69 18.10
N CYS I 120 -14.78 -21.66 18.75
CA CYS I 120 -14.95 -22.35 20.02
C CYS I 120 -16.32 -23.02 20.04
N VAL I 121 -16.59 -23.74 21.12
CA VAL I 121 -17.83 -24.52 21.25
C VAL I 121 -19.02 -23.58 21.38
N LYS I 122 -20.08 -23.84 20.59
CA LYS I 122 -21.24 -22.97 20.57
C LYS I 122 -22.27 -23.28 21.65
N LEU I 123 -22.15 -24.39 22.37
CA LEU I 123 -23.04 -24.76 23.49
C LEU I 123 -24.52 -24.67 23.12
N THR I 124 -24.84 -25.03 21.90
CA THR I 124 -26.25 -25.14 21.51
C THR I 124 -27.02 -26.13 22.37
N PRO I 125 -26.51 -27.32 22.72
CA PRO I 125 -27.27 -28.24 23.59
C PRO I 125 -27.60 -27.73 24.99
N LEU I 126 -27.06 -26.60 25.45
CA LEU I 126 -27.36 -26.16 26.82
C LEU I 126 -28.65 -25.37 26.94
N CYS I 127 -29.25 -24.92 25.84
CA CYS I 127 -30.52 -24.20 25.90
C CYS I 127 -31.68 -25.19 26.04
N VAL I 128 -31.66 -25.94 27.16
CA VAL I 128 -32.66 -26.96 27.45
C VAL I 128 -33.40 -26.48 28.69
N GLY I 129 -34.07 -27.38 29.39
CA GLY I 129 -34.74 -27.09 30.65
C GLY I 129 -33.96 -27.72 31.78
N LEU I 130 -33.70 -26.94 32.81
CA LEU I 130 -32.83 -27.36 33.91
C LEU I 130 -33.65 -27.69 35.14
N GLN I 131 -33.46 -28.90 35.65
CA GLN I 131 -34.07 -29.38 36.89
C GLN I 131 -33.14 -28.97 38.04
N CYS I 132 -33.31 -27.75 38.55
CA CYS I 132 -32.41 -27.20 39.56
C CYS I 132 -32.98 -27.40 40.95
N THR I 133 -32.12 -27.85 41.87
CA THR I 133 -32.44 -28.03 43.27
C THR I 133 -31.40 -27.30 44.11
N ASN I 134 -31.62 -27.28 45.42
CA ASN I 134 -30.70 -26.63 46.34
C ASN I 134 -29.42 -27.44 46.48
N VAL I 135 -28.29 -26.74 46.55
CA VAL I 135 -27.01 -27.39 46.77
C VAL I 135 -27.01 -27.99 48.17
N THR I 136 -26.61 -29.26 48.27
CA THR I 136 -26.72 -30.02 49.52
C THR I 136 -25.50 -29.89 50.43
N ASN I 137 -24.51 -29.10 50.06
CA ASN I 137 -23.32 -28.93 50.89
C ASN I 137 -23.60 -27.91 51.99
N ASN I 138 -22.59 -27.66 52.81
CA ASN I 138 -22.71 -26.70 53.91
C ASN I 138 -22.52 -25.30 53.33
N ILE I 139 -23.57 -24.50 53.40
CA ILE I 139 -23.64 -23.19 52.75
C ILE I 139 -23.67 -22.13 53.85
N THR I 140 -22.81 -21.13 53.71
CA THR I 140 -22.77 -20.06 54.68
C THR I 140 -24.03 -19.19 54.57
N ASP I 141 -24.18 -18.30 55.54
CA ASP I 141 -25.41 -17.51 55.68
C ASP I 141 -25.69 -16.67 54.45
N ASP I 142 -24.66 -16.13 53.82
CA ASP I 142 -24.80 -15.20 52.71
C ASP I 142 -24.72 -15.87 51.33
N MET I 143 -24.57 -17.20 51.27
CA MET I 143 -24.53 -17.93 50.01
C MET I 143 -25.78 -18.77 49.79
N ARG I 144 -26.79 -18.62 50.62
CA ARG I 144 -27.99 -19.44 50.50
C ARG I 144 -28.81 -18.95 49.32
N GLY I 145 -28.99 -19.80 48.32
CA GLY I 145 -29.71 -19.43 47.12
C GLY I 145 -28.86 -18.84 46.01
N GLU I 146 -27.56 -18.74 46.18
CA GLU I 146 -26.68 -18.17 45.16
C GLU I 146 -26.07 -19.22 44.25
N LEU I 147 -26.28 -20.51 44.52
CA LEU I 147 -25.72 -21.59 43.73
C LEU I 147 -26.76 -22.70 43.69
N LYS I 148 -27.04 -23.23 42.51
CA LYS I 148 -28.06 -24.26 42.31
C LYS I 148 -27.46 -25.50 41.65
N ASN I 149 -27.97 -26.66 42.04
CA ASN I 149 -27.58 -27.96 41.52
C ASN I 149 -28.56 -28.36 40.42
N CYS I 150 -28.17 -28.15 39.16
CA CYS I 150 -29.06 -28.27 38.00
C CYS I 150 -28.76 -29.52 37.18
N SER I 151 -29.78 -30.34 36.96
CA SER I 151 -29.69 -31.55 36.16
C SER I 151 -30.36 -31.33 34.80
N PHE I 152 -29.66 -31.69 33.72
CA PHE I 152 -30.23 -31.60 32.37
C PHE I 152 -29.81 -32.83 31.57
N ASN I 153 -30.48 -33.02 30.43
CA ASN I 153 -30.14 -34.09 29.49
C ASN I 153 -29.35 -33.48 28.33
N ALA I 154 -28.04 -33.67 28.35
CA ALA I 154 -27.14 -33.09 27.36
C ALA I 154 -26.82 -34.10 26.28
N THR I 155 -26.54 -33.60 25.07
CA THR I 155 -26.24 -34.47 23.96
C THR I 155 -24.82 -35.03 24.12
N THR I 156 -24.48 -35.99 23.27
CA THR I 156 -23.14 -36.58 23.24
C THR I 156 -22.76 -36.73 21.78
N GLU I 157 -21.65 -37.43 21.51
CA GLU I 157 -21.16 -37.58 20.14
C GLU I 157 -22.22 -38.19 19.24
N LEU I 158 -22.79 -39.32 19.63
CA LEU I 158 -23.84 -39.95 18.85
C LEU I 158 -25.08 -39.05 18.90
N ARG I 159 -25.69 -38.82 17.73
CA ARG I 159 -26.80 -37.86 17.69
C ARG I 159 -28.00 -38.34 18.50
N ASN I 160 -28.22 -39.65 18.58
CA ASN I 160 -29.43 -40.19 19.22
C ASN I 160 -29.25 -40.54 20.69
N LYS I 161 -28.06 -40.35 21.26
CA LYS I 161 -27.76 -40.67 22.65
C LYS I 161 -27.61 -39.39 23.48
N ARG I 162 -28.25 -39.37 24.65
CA ARG I 162 -28.18 -38.24 25.56
C ARG I 162 -27.84 -38.74 26.95
N GLN I 163 -27.09 -37.92 27.69
CA GLN I 163 -26.60 -38.26 29.01
C GLN I 163 -27.17 -37.28 30.03
N LYS I 164 -27.51 -37.76 31.22
CA LYS I 164 -27.99 -36.86 32.27
C LYS I 164 -26.77 -36.29 32.97
N VAL I 165 -26.69 -34.96 33.02
CA VAL I 165 -25.54 -34.24 33.53
C VAL I 165 -26.00 -33.36 34.68
N TYR I 166 -25.32 -33.45 35.80
CA TYR I 166 -25.54 -32.58 36.95
C TYR I 166 -24.41 -31.56 37.00
N SER I 167 -24.77 -30.28 37.17
CA SER I 167 -23.76 -29.24 37.24
C SER I 167 -24.26 -28.17 38.19
N LEU I 168 -23.33 -27.41 38.74
CA LEU I 168 -23.67 -26.31 39.65
C LEU I 168 -23.59 -25.00 38.88
N PHE I 169 -24.71 -24.30 38.81
CA PHE I 169 -24.78 -23.01 38.16
C PHE I 169 -24.99 -21.94 39.22
N TYR I 170 -24.45 -20.75 38.97
CA TYR I 170 -24.71 -19.65 39.87
C TYR I 170 -26.12 -19.15 39.59
N ARG I 171 -26.75 -18.60 40.62
CA ARG I 171 -28.10 -18.08 40.47
C ARG I 171 -28.16 -16.98 39.41
N LEU I 172 -27.10 -16.20 39.26
CA LEU I 172 -27.07 -15.13 38.27
C LEU I 172 -27.00 -15.63 36.84
N ASP I 173 -26.68 -16.91 36.63
CA ASP I 173 -26.56 -17.46 35.28
C ASP I 173 -27.86 -18.06 34.76
N ILE I 174 -28.85 -18.26 35.63
CA ILE I 174 -30.09 -18.94 35.29
C ILE I 174 -31.26 -18.03 35.66
N VAL I 175 -32.39 -18.26 35.01
CA VAL I 175 -33.62 -17.50 35.22
C VAL I 175 -34.77 -18.48 35.50
N PRO I 176 -35.62 -18.22 36.49
CA PRO I 176 -36.79 -19.10 36.71
C PRO I 176 -37.77 -19.10 35.56
N MET I 177 -38.48 -20.21 35.42
CA MET I 177 -39.60 -20.32 34.49
C MET I 177 -40.65 -21.20 35.15
N VAL I 178 -41.83 -21.29 34.52
CA VAL I 178 -42.98 -21.94 35.15
C VAL I 178 -43.39 -23.22 34.42
N ASP I 179 -42.43 -23.92 33.84
CA ASP I 179 -42.72 -25.24 33.30
C ASP I 179 -43.01 -26.19 34.46
N LEU I 180 -43.79 -27.23 34.18
CA LEU I 180 -44.12 -28.16 35.26
C LEU I 180 -42.91 -28.97 35.68
N TRP I 181 -42.13 -29.46 34.72
CA TRP I 181 -41.09 -30.43 35.02
C TRP I 181 -39.69 -29.83 35.16
N THR I 182 -39.48 -28.64 34.64
CA THR I 182 -38.20 -27.94 34.73
C THR I 182 -38.43 -26.57 35.37
N ASN I 183 -37.44 -26.11 36.12
CA ASN I 183 -37.57 -24.89 36.91
C ASN I 183 -36.85 -23.68 36.35
N TYR I 184 -35.69 -23.86 35.72
CA TYR I 184 -34.84 -22.76 35.29
C TYR I 184 -34.34 -22.98 33.88
N ARG I 185 -33.91 -21.89 33.26
CA ARG I 185 -33.20 -21.93 31.98
C ARG I 185 -32.05 -20.96 32.05
N LEU I 186 -31.13 -21.06 31.10
CA LEU I 186 -30.02 -20.11 31.06
C LEU I 186 -30.55 -18.73 30.68
N ILE I 187 -29.98 -17.71 31.31
CA ILE I 187 -30.44 -16.33 31.16
C ILE I 187 -30.35 -15.85 29.71
N SER I 188 -29.35 -16.30 28.95
CA SER I 188 -29.13 -15.78 27.61
C SER I 188 -29.82 -16.56 26.50
N CYS I 189 -30.48 -17.68 26.79
CA CYS I 189 -31.07 -18.46 25.71
C CYS I 189 -32.23 -17.77 25.01
N ASN I 190 -32.86 -16.76 25.61
CA ASN I 190 -33.87 -16.01 24.89
C ASN I 190 -33.30 -14.88 24.05
N THR I 191 -32.00 -14.60 24.16
CA THR I 191 -31.38 -13.45 23.52
C THR I 191 -30.36 -13.85 22.47
N SER I 192 -29.46 -14.80 22.77
CA SER I 192 -28.40 -15.13 21.82
C SER I 192 -27.84 -16.50 22.13
N ALA I 193 -27.07 -17.02 21.17
CA ALA I 193 -26.29 -18.23 21.40
C ALA I 193 -25.16 -17.93 22.37
N ILE I 194 -24.80 -18.93 23.17
CA ILE I 194 -23.77 -18.79 24.19
C ILE I 194 -22.54 -19.54 23.70
N THR I 195 -21.47 -18.82 23.42
CA THR I 195 -20.22 -19.41 22.95
C THR I 195 -19.34 -19.67 24.15
N GLN I 196 -18.83 -20.89 24.28
CA GLN I 196 -17.88 -21.22 25.33
C GLN I 196 -16.51 -20.70 24.95
N ALA I 197 -15.81 -20.08 25.90
CA ALA I 197 -14.44 -19.70 25.62
C ALA I 197 -13.61 -20.97 25.45
N CYS I 198 -12.69 -20.95 24.49
CA CYS I 198 -11.86 -22.12 24.26
C CYS I 198 -11.01 -22.44 25.49
N PRO I 199 -10.91 -23.71 25.90
CA PRO I 199 -10.07 -24.03 27.06
C PRO I 199 -8.61 -23.86 26.73
N LYS I 200 -7.81 -23.72 27.79
CA LYS I 200 -6.37 -23.52 27.68
C LYS I 200 -6.04 -22.21 26.96
N VAL I 201 -6.90 -21.21 27.13
CA VAL I 201 -6.69 -19.87 26.61
C VAL I 201 -6.80 -18.94 27.80
N SER I 202 -5.79 -18.09 27.98
CA SER I 202 -5.76 -17.18 29.11
C SER I 202 -6.41 -15.85 28.78
N PHE I 203 -7.07 -15.28 29.79
CA PHE I 203 -7.64 -13.94 29.72
C PHE I 203 -6.78 -12.92 30.43
N GLU I 204 -5.58 -13.30 30.85
CA GLU I 204 -4.70 -12.36 31.53
C GLU I 204 -4.29 -11.24 30.56
N PRO I 205 -4.43 -9.97 30.93
CA PRO I 205 -3.96 -8.89 30.06
C PRO I 205 -2.47 -9.01 29.80
N ILE I 206 -2.08 -8.91 28.53
CA ILE I 206 -0.69 -8.96 28.09
C ILE I 206 -0.34 -7.58 27.58
N PRO I 207 0.75 -6.95 28.04
CA PRO I 207 1.07 -5.59 27.59
C PRO I 207 1.17 -5.50 26.07
N ILE I 208 0.45 -4.54 25.50
CA ILE I 208 0.41 -4.32 24.06
C ILE I 208 0.94 -2.92 23.79
N HIS I 209 1.76 -2.80 22.75
CA HIS I 209 2.33 -1.53 22.33
C HIS I 209 1.64 -1.09 21.04
N TYR I 210 1.21 0.16 20.99
CA TYR I 210 0.66 0.73 19.77
C TYR I 210 1.74 1.55 19.09
N CYS I 211 1.98 1.26 17.81
CA CYS I 211 3.09 1.82 17.05
C CYS I 211 2.53 2.55 15.84
N ALA I 212 3.09 3.74 15.56
CA ALA I 212 2.68 4.56 14.45
C ALA I 212 3.25 4.05 13.13
N PRO I 213 2.53 4.22 12.02
CA PRO I 213 3.14 3.95 10.71
C PRO I 213 4.27 4.92 10.42
N ALA I 214 5.14 4.51 9.52
CA ALA I 214 6.20 5.40 9.07
C ALA I 214 5.58 6.63 8.44
N GLY I 215 6.14 7.80 8.77
CA GLY I 215 5.56 9.07 8.39
C GLY I 215 4.73 9.71 9.47
N PHE I 216 4.45 8.98 10.54
CA PHE I 216 3.69 9.44 11.69
C PHE I 216 4.54 9.21 12.92
N ALA I 217 4.24 9.93 14.00
CA ALA I 217 4.96 9.76 15.24
C ALA I 217 3.99 9.95 16.39
N ILE I 218 4.36 9.43 17.56
CA ILE I 218 3.54 9.55 18.75
C ILE I 218 4.29 10.46 19.71
N LEU I 219 3.62 11.52 20.14
CA LEU I 219 4.18 12.43 21.11
C LEU I 219 3.67 11.99 22.47
N LYS I 220 4.56 11.99 23.46
CA LYS I 220 4.25 11.63 24.82
C LYS I 220 4.47 12.84 25.70
N CYS I 221 3.54 13.07 26.62
CA CYS I 221 3.63 14.15 27.58
C CYS I 221 4.29 13.66 28.86
N LYS I 222 5.39 14.29 29.24
CA LYS I 222 6.13 13.94 30.44
C LYS I 222 5.84 14.88 31.60
N ASP I 223 4.91 15.82 31.45
CA ASP I 223 4.61 16.73 32.53
C ASP I 223 4.03 15.98 33.72
N LYS I 224 4.44 16.38 34.90
CA LYS I 224 3.87 15.89 36.14
C LYS I 224 2.61 16.69 36.42
N LYS I 225 1.65 16.05 37.09
CA LYS I 225 0.36 16.69 37.41
C LYS I 225 -0.35 17.16 36.13
N PHE I 226 -0.29 16.35 35.08
CA PHE I 226 -0.90 16.68 33.81
C PHE I 226 -2.35 16.20 33.83
N ASN I 227 -3.29 17.12 33.57
CA ASN I 227 -4.70 16.86 33.76
C ASN I 227 -5.41 16.45 32.46
N GLY I 228 -4.67 16.02 31.44
CA GLY I 228 -5.25 15.43 30.26
C GLY I 228 -5.52 16.38 29.10
N THR I 229 -5.57 17.68 29.34
CA THR I 229 -5.84 18.65 28.29
C THR I 229 -4.86 19.81 28.42
N GLY I 230 -4.69 20.56 27.33
CA GLY I 230 -3.93 21.78 27.37
C GLY I 230 -2.45 21.61 27.04
N PRO I 231 -1.69 22.69 27.21
CA PRO I 231 -0.26 22.65 26.88
C PRO I 231 0.51 21.66 27.74
N CYS I 232 1.48 21.00 27.11
CA CYS I 232 2.45 20.14 27.77
C CYS I 232 3.82 20.60 27.30
N GLN I 233 4.67 20.99 28.25
CA GLN I 233 5.98 21.54 27.93
C GLN I 233 7.08 20.49 27.86
N ASN I 234 6.99 19.44 28.67
CA ASN I 234 7.97 18.36 28.65
C ASN I 234 7.38 17.23 27.81
N VAL I 235 7.80 17.16 26.54
CA VAL I 235 7.28 16.19 25.59
C VAL I 235 8.43 15.42 24.95
N SER I 236 8.09 14.27 24.40
CA SER I 236 9.06 13.44 23.71
C SER I 236 8.38 12.75 22.55
N THR I 237 9.18 12.31 21.59
CA THR I 237 8.73 11.57 20.43
C THR I 237 9.08 10.10 20.61
N VAL I 238 8.09 9.24 20.41
CA VAL I 238 8.25 7.80 20.42
C VAL I 238 7.59 7.27 19.16
N GLN I 239 8.00 6.06 18.78
CA GLN I 239 7.35 5.31 17.71
C GLN I 239 6.29 4.37 18.24
N CYS I 240 6.50 3.83 19.44
CA CYS I 240 5.58 2.91 20.09
C CYS I 240 5.32 3.38 21.51
N THR I 241 4.11 3.12 22.00
CA THR I 241 3.75 3.44 23.36
C THR I 241 4.37 2.43 24.33
N HIS I 242 4.24 2.72 25.63
CA HIS I 242 4.67 1.76 26.63
C HIS I 242 3.74 0.56 26.61
N GLY I 243 4.07 -0.45 27.40
CA GLY I 243 3.24 -1.63 27.40
C GLY I 243 2.00 -1.37 28.22
N ILE I 244 0.86 -1.34 27.56
CA ILE I 244 -0.43 -1.06 28.18
C ILE I 244 -1.15 -2.39 28.33
N LYS I 245 -1.54 -2.72 29.55
CA LYS I 245 -2.28 -3.95 29.77
C LYS I 245 -3.75 -3.70 29.48
N PRO I 246 -4.40 -4.50 28.60
CA PRO I 246 -5.83 -4.24 28.33
C PRO I 246 -6.71 -4.79 29.44
N VAL I 247 -6.61 -4.16 30.62
CA VAL I 247 -7.36 -4.60 31.78
C VAL I 247 -8.79 -4.10 31.62
N VAL I 248 -9.75 -5.00 31.78
CA VAL I 248 -11.17 -4.68 31.64
C VAL I 248 -11.77 -4.76 33.03
N SER I 249 -12.20 -3.63 33.57
CA SER I 249 -12.80 -3.57 34.89
C SER I 249 -13.69 -2.34 34.95
N THR I 250 -14.52 -2.29 35.98
CA THR I 250 -15.35 -1.12 36.24
C THR I 250 -15.00 -0.55 37.61
N GLN I 251 -15.30 0.74 37.75
CA GLN I 251 -15.23 1.52 38.99
C GLN I 251 -13.83 1.71 39.56
N LEU I 252 -12.98 0.68 39.54
CA LEU I 252 -11.60 0.77 39.98
C LEU I 252 -10.69 0.40 38.81
N LEU I 253 -9.62 1.15 38.61
CA LEU I 253 -8.60 0.82 37.62
C LEU I 253 -7.53 0.01 38.35
N LEU I 254 -7.32 -1.24 37.91
CA LEU I 254 -6.55 -2.17 38.73
C LEU I 254 -5.05 -2.24 38.42
N ASN I 255 -4.65 -2.27 37.16
CA ASN I 255 -3.24 -2.45 36.80
C ASN I 255 -2.93 -1.45 35.69
N GLY I 256 -2.17 -0.42 36.03
CA GLY I 256 -1.91 0.61 35.04
C GLY I 256 -0.91 1.62 35.54
N SER I 257 -0.79 2.71 34.79
CA SER I 257 0.17 3.73 35.14
C SER I 257 -0.26 4.46 36.40
N LEU I 258 0.70 4.68 37.29
CA LEU I 258 0.49 5.34 38.56
C LEU I 258 1.01 6.77 38.47
N ALA I 259 0.33 7.70 39.14
CA ALA I 259 0.77 9.09 39.13
C ALA I 259 2.10 9.22 39.86
N GLU I 260 2.92 10.18 39.42
CA GLU I 260 4.26 10.32 39.96
C GLU I 260 4.35 11.21 41.20
N GLU I 261 3.54 12.26 41.31
CA GLU I 261 3.65 13.19 42.43
C GLU I 261 2.43 13.22 43.31
N GLU I 262 1.23 13.30 42.73
CA GLU I 262 0.01 13.44 43.52
C GLU I 262 -1.12 12.73 42.79
N VAL I 263 -2.29 12.71 43.44
CA VAL I 263 -3.49 12.17 42.83
C VAL I 263 -3.98 13.19 41.81
N ILE I 264 -4.26 12.72 40.59
CA ILE I 264 -4.68 13.61 39.50
C ILE I 264 -6.15 13.37 39.23
N ILE I 265 -6.94 14.44 39.32
CA ILE I 265 -8.35 14.42 39.02
C ILE I 265 -8.47 14.88 37.58
N ARG I 266 -8.84 13.97 36.68
CA ARG I 266 -8.76 14.18 35.24
C ARG I 266 -10.16 13.99 34.67
N SER I 267 -10.74 15.07 34.12
CA SER I 267 -12.09 14.97 33.56
C SER I 267 -12.31 16.04 32.51
N GLU I 268 -13.29 15.79 31.64
CA GLU I 268 -13.76 16.77 30.69
C GLU I 268 -14.95 17.50 31.28
N ASN I 269 -14.90 18.83 31.26
CA ASN I 269 -15.99 19.69 31.74
C ASN I 269 -16.41 19.27 33.16
N ILE I 270 -15.48 19.46 34.09
CA ILE I 270 -15.66 19.00 35.46
C ILE I 270 -16.91 19.59 36.11
N THR I 271 -17.40 20.74 35.63
CA THR I 271 -18.63 21.31 36.13
C THR I 271 -19.87 20.59 35.61
N ASN I 272 -19.72 19.75 34.58
CA ASN I 272 -20.82 18.97 34.04
C ASN I 272 -20.78 17.62 34.73
N ASN I 273 -21.77 17.36 35.59
CA ASN I 273 -21.78 16.16 36.40
C ASN I 273 -21.99 14.89 35.59
N ALA I 274 -22.45 15.02 34.34
CA ALA I 274 -22.69 13.83 33.54
C ALA I 274 -21.41 13.20 33.03
N LYS I 275 -20.29 13.92 33.06
CA LYS I 275 -19.02 13.39 32.59
C LYS I 275 -18.30 12.64 33.70
N ASN I 276 -17.66 11.53 33.34
CA ASN I 276 -16.92 10.73 34.30
C ASN I 276 -15.62 11.42 34.69
N ILE I 277 -15.26 11.31 35.97
CA ILE I 277 -14.02 11.83 36.51
C ILE I 277 -13.10 10.64 36.71
N LEU I 278 -11.91 10.70 36.12
CA LEU I 278 -10.92 9.65 36.28
C LEU I 278 -9.91 10.12 37.31
N VAL I 279 -9.77 9.36 38.39
CA VAL I 279 -8.86 9.70 39.47
C VAL I 279 -7.66 8.78 39.32
N GLN I 280 -6.48 9.33 39.09
CA GLN I 280 -5.26 8.55 38.95
C GLN I 280 -4.45 8.72 40.22
N LEU I 281 -4.27 7.63 40.95
CA LEU I 281 -3.62 7.67 42.23
C LEU I 281 -2.11 7.67 42.04
N ASN I 282 -1.38 8.25 43.01
CA ASN I 282 0.07 8.17 43.00
C ASN I 282 0.60 7.03 43.86
N THR I 283 -0.28 6.35 44.59
CA THR I 283 0.07 5.17 45.37
C THR I 283 -0.96 4.12 45.02
N SER I 284 -0.54 2.87 44.95
CA SER I 284 -1.46 1.79 44.63
C SER I 284 -2.02 1.19 45.91
N VAL I 285 -3.31 0.89 45.91
CA VAL I 285 -3.95 0.22 47.04
C VAL I 285 -4.04 -1.25 46.67
N GLN I 286 -3.59 -2.12 47.56
CA GLN I 286 -3.53 -3.54 47.23
C GLN I 286 -4.85 -4.19 47.58
N ILE I 287 -5.44 -4.90 46.62
CA ILE I 287 -6.71 -5.59 46.79
C ILE I 287 -6.47 -7.08 46.59
N ASN I 288 -6.84 -7.88 47.59
CA ASN I 288 -6.71 -9.34 47.54
C ASN I 288 -8.06 -9.93 47.18
N CYS I 289 -8.15 -10.58 46.02
CA CYS I 289 -9.38 -11.14 45.49
C CYS I 289 -9.31 -12.65 45.67
N THR I 290 -10.28 -13.24 46.37
CA THR I 290 -10.28 -14.69 46.59
C THR I 290 -11.66 -15.28 46.38
N ARG I 291 -11.70 -16.50 45.83
CA ARG I 291 -12.92 -17.31 45.70
C ARG I 291 -12.71 -18.60 46.47
N PRO I 292 -12.96 -18.62 47.79
CA PRO I 292 -12.48 -19.72 48.64
C PRO I 292 -13.36 -20.97 48.57
N ASN I 293 -13.53 -21.51 47.37
CA ASN I 293 -14.31 -22.73 47.15
C ASN I 293 -13.47 -23.70 46.33
N ASN I 294 -13.13 -24.85 46.90
CA ASN I 294 -12.25 -25.79 46.22
C ASN I 294 -13.09 -26.48 45.15
N ASN I 295 -13.13 -25.84 43.99
CA ASN I 295 -13.98 -26.25 42.89
C ASN I 295 -13.41 -27.44 42.13
N THR I 296 -14.13 -28.55 42.10
CA THR I 296 -13.79 -29.72 41.30
C THR I 296 -14.57 -29.62 39.99
N VAL I 297 -13.84 -29.55 38.88
CA VAL I 297 -14.40 -29.30 37.55
C VAL I 297 -14.43 -30.61 36.77
N LYS I 298 -15.57 -30.88 36.15
CA LYS I 298 -15.80 -32.04 35.30
C LYS I 298 -15.95 -31.57 33.86
N SER I 299 -15.78 -32.51 32.93
CA SER I 299 -15.88 -32.22 31.51
C SER I 299 -16.57 -33.34 30.76
N ILE I 300 -17.45 -32.97 29.84
CA ILE I 300 -18.18 -33.90 28.99
C ILE I 300 -18.07 -33.44 27.55
N ARG I 301 -18.24 -34.38 26.62
CA ARG I 301 -18.38 -34.06 25.20
C ARG I 301 -19.84 -34.04 24.80
N ILE I 302 -20.19 -33.04 24.00
CA ILE I 302 -21.57 -32.78 23.57
C ILE I 302 -21.72 -32.88 22.06
N GLY I 303 -20.71 -33.39 21.36
CA GLY I 303 -20.77 -33.52 19.93
C GLY I 303 -19.42 -33.91 19.38
N PRO I 304 -19.35 -34.23 18.09
CA PRO I 304 -18.05 -34.57 17.49
C PRO I 304 -17.11 -33.38 17.55
N GLY I 305 -16.00 -33.55 18.29
CA GLY I 305 -15.03 -32.50 18.44
C GLY I 305 -15.37 -31.41 19.42
N GLN I 306 -16.50 -31.52 20.13
CA GLN I 306 -16.98 -30.50 21.04
C GLN I 306 -16.83 -30.99 22.47
N ALA I 307 -16.57 -30.05 23.39
CA ALA I 307 -16.50 -30.39 24.81
C ALA I 307 -17.03 -29.24 25.64
N PHE I 308 -17.76 -29.59 26.69
CA PHE I 308 -18.37 -28.64 27.61
C PHE I 308 -17.79 -28.84 29.00
N TYR I 309 -17.41 -27.73 29.64
CA TYR I 309 -16.84 -27.74 30.99
C TYR I 309 -17.86 -27.15 31.96
N TYR I 310 -17.97 -27.77 33.14
CA TYR I 310 -18.95 -27.33 34.11
C TYR I 310 -18.44 -27.61 35.52
N THR I 311 -19.03 -26.92 36.48
CA THR I 311 -18.72 -27.15 37.87
C THR I 311 -19.22 -28.53 38.26
N GLY I 312 -18.32 -29.36 38.77
CA GLY I 312 -18.66 -30.70 39.17
C GLY I 312 -19.15 -30.72 40.60
N ASP I 313 -18.29 -30.23 41.50
CA ASP I 313 -18.63 -30.19 42.92
C ASP I 313 -17.76 -29.14 43.59
N ILE I 314 -18.02 -28.91 44.87
CA ILE I 314 -17.19 -28.07 45.72
C ILE I 314 -16.77 -28.93 46.90
N ILE I 315 -15.46 -29.07 47.09
CA ILE I 315 -14.94 -29.86 48.20
C ILE I 315 -14.94 -28.96 49.43
N GLY I 316 -15.54 -29.43 50.51
CA GLY I 316 -15.61 -28.64 51.72
C GLY I 316 -16.78 -27.69 51.72
N ASP I 317 -16.72 -26.74 52.65
CA ASP I 317 -17.80 -25.79 52.83
C ASP I 317 -17.83 -24.81 51.68
N ILE I 318 -19.00 -24.23 51.43
CA ILE I 318 -19.19 -23.23 50.39
C ILE I 318 -19.17 -21.87 51.05
N ARG I 319 -18.25 -21.02 50.60
CA ARG I 319 -18.06 -19.69 51.15
C ARG I 319 -18.16 -18.66 50.04
N GLN I 320 -18.45 -17.43 50.43
CA GLN I 320 -18.61 -16.34 49.50
C GLN I 320 -17.25 -15.79 49.08
N ALA I 321 -17.14 -15.43 47.80
CA ALA I 321 -15.93 -14.77 47.32
C ALA I 321 -15.81 -13.39 47.96
N HIS I 322 -14.57 -12.98 48.22
CA HIS I 322 -14.31 -11.72 48.90
C HIS I 322 -13.17 -10.96 48.24
N CYS I 323 -13.18 -9.65 48.45
CA CYS I 323 -12.04 -8.79 48.20
C CYS I 323 -11.65 -8.09 49.48
N ASN I 324 -10.35 -8.07 49.77
CA ASN I 324 -9.82 -7.41 50.96
C ASN I 324 -9.03 -6.18 50.52
N VAL I 325 -9.49 -5.01 50.95
CA VAL I 325 -8.82 -3.73 50.73
C VAL I 325 -8.47 -3.19 52.11
N SER I 326 -7.20 -2.88 52.33
CA SER I 326 -6.77 -2.39 53.64
C SER I 326 -7.52 -1.12 54.01
N LYS I 327 -8.04 -1.10 55.24
CA LYS I 327 -8.87 0.02 55.68
C LYS I 327 -8.04 1.29 55.82
N ALA I 328 -6.87 1.20 56.44
CA ALA I 328 -6.03 2.39 56.64
C ALA I 328 -5.50 2.93 55.31
N THR I 329 -5.07 2.05 54.43
CA THR I 329 -4.52 2.48 53.15
C THR I 329 -5.61 3.13 52.31
N TRP I 330 -6.80 2.52 52.26
CA TRP I 330 -7.89 3.12 51.51
C TRP I 330 -8.35 4.43 52.12
N ASN I 331 -8.39 4.52 53.46
CA ASN I 331 -8.77 5.78 54.08
C ASN I 331 -7.79 6.89 53.71
N GLU I 332 -6.49 6.59 53.72
CA GLU I 332 -5.52 7.58 53.28
C GLU I 332 -5.67 7.89 51.80
N THR I 333 -6.00 6.89 50.98
CA THR I 333 -6.20 7.13 49.56
C THR I 333 -7.38 8.07 49.33
N LEU I 334 -8.48 7.86 50.05
CA LEU I 334 -9.63 8.76 49.93
C LEU I 334 -9.28 10.15 50.44
N GLY I 335 -8.49 10.24 51.50
CA GLY I 335 -8.04 11.56 51.94
C GLY I 335 -7.23 12.26 50.86
N LYS I 336 -6.37 11.51 50.16
CA LYS I 336 -5.60 12.08 49.06
C LYS I 336 -6.50 12.52 47.91
N VAL I 337 -7.52 11.73 47.59
CA VAL I 337 -8.45 12.10 46.53
C VAL I 337 -9.22 13.35 46.90
N VAL I 338 -9.69 13.43 48.15
CA VAL I 338 -10.46 14.59 48.59
C VAL I 338 -9.58 15.85 48.58
N LYS I 339 -8.36 15.75 49.09
CA LYS I 339 -7.47 16.92 49.08
C LYS I 339 -7.21 17.43 47.67
N GLN I 340 -7.14 16.54 46.69
CA GLN I 340 -6.94 16.93 45.29
C GLN I 340 -8.25 17.21 44.56
N LEU I 341 -9.40 16.99 45.21
CA LEU I 341 -10.71 17.19 44.59
C LEU I 341 -11.33 18.52 44.99
N ARG I 342 -11.07 18.97 46.22
CA ARG I 342 -11.60 20.25 46.71
C ARG I 342 -11.15 21.42 45.83
N LYS I 343 -10.04 21.27 45.12
CA LYS I 343 -9.52 22.35 44.27
C LYS I 343 -10.52 22.79 43.22
N HIS I 344 -11.43 21.93 42.80
CA HIS I 344 -12.40 22.24 41.77
C HIS I 344 -13.79 22.55 42.31
N PHE I 345 -14.03 22.35 43.62
CA PHE I 345 -15.34 22.54 44.24
C PHE I 345 -15.35 23.52 45.40
N GLY I 346 -14.18 23.88 45.97
CA GLY I 346 -14.10 24.78 47.10
C GLY I 346 -13.52 24.11 48.33
N ASN I 347 -12.69 24.85 49.06
CA ASN I 347 -12.04 24.28 50.24
C ASN I 347 -13.04 23.98 51.35
N ASN I 348 -14.17 24.69 51.40
CA ASN I 348 -15.17 24.50 52.43
C ASN I 348 -16.38 23.70 51.95
N THR I 349 -16.27 23.01 50.81
CA THR I 349 -17.36 22.21 50.28
C THR I 349 -17.23 20.79 50.83
N ILE I 350 -18.34 20.24 51.34
CA ILE I 350 -18.33 18.90 51.90
C ILE I 350 -18.38 17.91 50.75
N ILE I 351 -17.47 16.95 50.78
CA ILE I 351 -17.38 15.91 49.74
C ILE I 351 -17.83 14.60 50.34
N ARG I 352 -18.84 13.99 49.73
CA ARG I 352 -19.41 12.74 50.21
C ARG I 352 -19.21 11.66 49.16
N PHE I 353 -18.92 10.45 49.63
CA PHE I 353 -18.88 9.26 48.80
C PHE I 353 -20.08 8.38 49.16
N ALA I 354 -20.71 7.83 48.13
CA ALA I 354 -21.91 7.01 48.24
C ALA I 354 -21.79 5.88 47.25
N GLN I 355 -22.65 4.88 47.38
CA GLN I 355 -22.49 3.71 46.52
C GLN I 355 -23.00 4.00 45.12
N SER I 356 -22.77 3.04 44.23
CA SER I 356 -23.08 3.17 42.81
C SER I 356 -24.54 2.82 42.52
N SER I 357 -25.44 3.59 43.10
CA SER I 357 -26.86 3.33 42.91
C SER I 357 -27.24 3.59 41.45
N GLY I 358 -27.99 2.66 40.86
CA GLY I 358 -28.49 2.81 39.51
C GLY I 358 -27.72 2.00 38.48
N GLY I 359 -28.44 1.27 37.64
CA GLY I 359 -27.86 0.45 36.58
C GLY I 359 -27.84 -1.02 36.93
N ASP I 360 -27.33 -1.80 35.97
CA ASP I 360 -27.29 -3.25 36.07
C ASP I 360 -26.04 -3.68 36.86
N LEU I 361 -25.92 -5.00 37.07
CA LEU I 361 -24.81 -5.56 37.82
C LEU I 361 -23.47 -5.16 37.22
N GLU I 362 -23.40 -5.08 35.89
CA GLU I 362 -22.15 -4.76 35.21
C GLU I 362 -21.62 -3.38 35.60
N VAL I 363 -22.51 -2.45 35.91
CA VAL I 363 -22.10 -1.07 36.21
C VAL I 363 -22.26 -0.70 37.68
N THR I 364 -23.10 -1.40 38.44
CA THR I 364 -23.27 -1.10 39.85
C THR I 364 -22.22 -1.75 40.73
N THR I 365 -21.57 -2.81 40.27
CA THR I 365 -20.52 -3.47 41.01
C THR I 365 -19.18 -3.28 40.31
N HIS I 366 -18.14 -3.66 41.02
CA HIS I 366 -16.77 -3.67 40.52
C HIS I 366 -16.58 -4.99 39.80
N SER I 367 -16.57 -4.96 38.47
CA SER I 367 -16.40 -6.17 37.69
C SER I 367 -14.95 -6.35 37.30
N PHE I 368 -14.47 -7.59 37.31
CA PHE I 368 -13.12 -7.85 36.83
C PHE I 368 -12.94 -9.34 36.56
N ASN I 369 -11.88 -9.64 35.81
CA ASN I 369 -11.52 -11.01 35.44
C ASN I 369 -10.33 -11.45 36.29
N CYS I 370 -10.58 -12.35 37.25
CA CYS I 370 -9.58 -12.85 38.18
C CYS I 370 -9.36 -14.33 37.92
N GLY I 371 -8.20 -14.68 37.39
CA GLY I 371 -7.94 -16.09 37.07
C GLY I 371 -8.54 -16.55 35.77
N GLY I 372 -9.79 -16.19 35.54
CA GLY I 372 -10.64 -16.58 34.43
C GLY I 372 -12.08 -16.60 34.90
N GLU I 373 -12.35 -16.30 36.17
CA GLU I 373 -13.70 -16.13 36.69
C GLU I 373 -13.99 -14.64 36.78
N PHE I 374 -15.24 -14.29 36.49
CA PHE I 374 -15.66 -12.90 36.47
C PHE I 374 -16.33 -12.57 37.80
N PHE I 375 -15.70 -11.68 38.54
CA PHE I 375 -16.12 -11.24 39.85
C PHE I 375 -16.89 -9.94 39.69
N TYR I 376 -17.95 -9.79 40.48
CA TYR I 376 -18.80 -8.59 40.54
C TYR I 376 -18.92 -8.22 42.01
N CYS I 377 -18.01 -7.38 42.49
CA CYS I 377 -17.86 -7.08 43.90
C CYS I 377 -18.64 -5.84 44.31
N ASN I 378 -19.32 -5.95 45.45
CA ASN I 378 -20.18 -4.88 45.96
C ASN I 378 -19.30 -3.91 46.73
N THR I 379 -18.84 -2.87 46.03
CA THR I 379 -17.96 -1.86 46.64
C THR I 379 -18.76 -0.85 47.47
N SER I 380 -19.49 -1.37 48.45
CA SER I 380 -20.28 -0.52 49.33
C SER I 380 -19.48 0.00 50.50
N GLY I 381 -18.42 -0.71 50.90
CA GLY I 381 -17.59 -0.31 52.02
C GLY I 381 -16.45 0.59 51.67
N LEU I 382 -16.21 0.84 50.38
CA LEU I 382 -15.15 1.72 49.94
C LEU I 382 -15.64 3.14 49.63
N PHE I 383 -16.93 3.30 49.34
CA PHE I 383 -17.51 4.57 48.90
C PHE I 383 -18.69 4.94 49.77
N ASN I 384 -18.46 5.05 51.08
CA ASN I 384 -19.51 5.47 52.02
C ASN I 384 -18.84 6.32 53.09
N SER I 385 -18.76 7.62 52.84
CA SER I 385 -18.06 8.49 53.77
C SER I 385 -18.48 9.93 53.54
N THR I 386 -18.28 10.76 54.56
CA THR I 386 -18.48 12.20 54.47
C THR I 386 -17.20 12.89 54.92
N TRP I 387 -16.65 13.75 54.07
CA TRP I 387 -15.42 14.47 54.33
C TRP I 387 -15.73 15.96 54.40
N SER I 404 -9.31 -3.70 57.86
CA SER I 404 -9.52 -4.37 56.59
C SER I 404 -10.99 -4.30 56.18
N ILE I 405 -11.23 -3.84 54.96
CA ILE I 405 -12.56 -3.76 54.37
C ILE I 405 -12.72 -4.98 53.49
N THR I 406 -13.72 -5.80 53.80
CA THR I 406 -14.01 -7.03 53.08
C THR I 406 -15.27 -6.80 52.26
N LEU I 407 -15.16 -6.99 50.95
CA LEU I 407 -16.25 -6.76 50.02
C LEU I 407 -16.77 -8.10 49.51
N PRO I 408 -18.05 -8.43 49.67
CA PRO I 408 -18.54 -9.67 49.07
C PRO I 408 -18.60 -9.53 47.55
N CYS I 409 -18.33 -10.65 46.87
CA CYS I 409 -18.31 -10.66 45.41
C CYS I 409 -19.17 -11.79 44.89
N ARG I 410 -19.92 -11.50 43.84
CA ARG I 410 -20.72 -12.49 43.15
C ARG I 410 -19.91 -12.96 41.96
N ILE I 411 -20.00 -14.24 41.63
CA ILE I 411 -19.25 -14.83 40.52
C ILE I 411 -20.26 -15.14 39.44
N LYS I 412 -19.95 -14.75 38.21
CA LYS I 412 -20.87 -14.94 37.09
C LYS I 412 -20.13 -15.64 35.96
N GLN I 413 -20.85 -16.53 35.25
CA GLN I 413 -20.26 -17.30 34.16
C GLN I 413 -20.81 -16.98 32.78
N ILE I 414 -22.06 -16.54 32.67
CA ILE I 414 -22.62 -16.11 31.38
C ILE I 414 -22.38 -14.61 31.30
N ILE I 415 -21.41 -14.20 30.49
CA ILE I 415 -20.87 -12.84 30.50
C ILE I 415 -21.23 -12.14 29.20
N ASN I 416 -21.71 -10.91 29.31
CA ASN I 416 -21.95 -10.02 28.18
C ASN I 416 -21.07 -8.80 28.43
N MET I 417 -19.94 -8.72 27.72
CA MET I 417 -18.97 -7.67 27.96
C MET I 417 -19.24 -6.44 27.11
N TRP I 418 -18.66 -5.33 27.56
CA TRP I 418 -18.81 -3.99 26.96
C TRP I 418 -20.29 -3.64 26.99
N GLN I 419 -20.90 -3.21 25.88
CA GLN I 419 -22.30 -2.83 25.84
C GLN I 419 -23.09 -3.68 24.86
N ARG I 420 -22.60 -4.88 24.54
CA ARG I 420 -23.24 -5.74 23.58
C ARG I 420 -24.31 -6.58 24.26
N ILE I 421 -25.36 -6.91 23.50
CA ILE I 421 -26.49 -7.68 23.97
C ILE I 421 -26.48 -9.10 23.40
N GLY I 422 -26.26 -9.23 22.09
CA GLY I 422 -26.39 -10.49 21.40
C GLY I 422 -25.15 -11.34 21.33
N GLN I 423 -24.07 -10.95 22.02
CA GLN I 423 -22.81 -11.70 22.03
C GLN I 423 -22.53 -12.12 23.45
N ALA I 424 -22.90 -13.36 23.79
CA ALA I 424 -22.75 -13.91 25.13
C ALA I 424 -21.59 -14.90 25.12
N MET I 425 -20.87 -14.94 26.23
CA MET I 425 -19.75 -15.85 26.41
C MET I 425 -19.93 -16.59 27.73
N TYR I 426 -19.63 -17.89 27.71
CA TYR I 426 -19.65 -18.72 28.91
C TYR I 426 -18.22 -18.95 29.38
N ALA I 427 -17.91 -18.49 30.58
CA ALA I 427 -16.59 -18.67 31.15
C ALA I 427 -16.49 -20.05 31.79
N PRO I 428 -15.63 -20.95 31.33
CA PRO I 428 -15.53 -22.25 31.97
C PRO I 428 -15.01 -22.12 33.39
N PRO I 429 -15.41 -22.99 34.31
CA PRO I 429 -14.87 -22.93 35.66
C PRO I 429 -13.43 -23.40 35.71
N ILE I 430 -12.70 -22.89 36.71
CA ILE I 430 -11.29 -23.20 36.92
C ILE I 430 -11.16 -24.06 38.17
N GLN I 431 -10.43 -25.16 38.02
CA GLN I 431 -10.19 -26.09 39.12
C GLN I 431 -9.48 -25.43 40.29
N GLY I 432 -9.99 -25.71 41.50
CA GLY I 432 -9.41 -25.22 42.73
C GLY I 432 -9.89 -23.86 43.21
N VAL I 433 -8.98 -23.13 43.85
CA VAL I 433 -9.28 -21.87 44.53
C VAL I 433 -8.51 -20.77 43.80
N ILE I 434 -9.24 -19.73 43.39
CA ILE I 434 -8.63 -18.61 42.68
C ILE I 434 -8.27 -17.53 43.68
N ARG I 435 -7.03 -17.05 43.58
CA ARG I 435 -6.53 -15.92 44.35
C ARG I 435 -5.83 -14.98 43.38
N CYS I 436 -6.15 -13.69 43.46
CA CYS I 436 -5.50 -12.66 42.68
C CYS I 436 -5.06 -11.58 43.66
N VAL I 437 -3.89 -11.01 43.41
CA VAL I 437 -3.42 -9.84 44.15
C VAL I 437 -3.29 -8.76 43.10
N SER I 438 -4.11 -7.72 43.20
CA SER I 438 -4.14 -6.66 42.21
C SER I 438 -3.90 -5.33 42.90
N ASN I 439 -3.50 -4.35 42.11
CA ASN I 439 -3.38 -3.00 42.58
C ASN I 439 -4.68 -2.27 42.28
N ILE I 440 -4.85 -1.12 42.91
CA ILE I 440 -5.83 -0.12 42.53
C ILE I 440 -4.99 1.10 42.25
N THR I 441 -4.95 1.52 40.98
CA THR I 441 -4.19 2.66 40.53
C THR I 441 -5.07 3.85 40.18
N GLY I 442 -6.37 3.64 40.01
CA GLY I 442 -7.25 4.75 39.72
C GLY I 442 -8.70 4.34 39.89
N LEU I 443 -9.56 5.35 39.81
CA LEU I 443 -10.99 5.23 40.03
C LEU I 443 -11.73 5.92 38.91
N ILE I 444 -12.95 5.45 38.64
CA ILE I 444 -13.91 6.13 37.78
C ILE I 444 -15.04 6.57 38.68
N LEU I 445 -15.21 7.88 38.83
CA LEU I 445 -16.24 8.47 39.68
C LEU I 445 -17.19 9.30 38.84
N THR I 446 -18.42 9.41 39.31
CA THR I 446 -19.43 10.33 38.78
C THR I 446 -19.89 11.19 39.95
N ARG I 447 -20.56 12.29 39.63
CA ARG I 447 -21.03 13.24 40.62
C ARG I 447 -22.52 13.44 40.45
N ASP I 448 -23.22 13.59 41.58
CA ASP I 448 -24.64 13.90 41.53
C ASP I 448 -24.86 15.33 41.07
N GLY I 449 -25.97 15.54 40.36
CA GLY I 449 -26.33 16.86 39.89
C GLY I 449 -27.09 17.66 40.92
N GLY I 450 -27.48 18.86 40.52
CA GLY I 450 -28.19 19.76 41.41
C GLY I 450 -27.30 20.35 42.49
N SER I 454 -25.30 22.41 46.52
CA SER I 454 -25.20 23.64 47.30
C SER I 454 -23.93 23.63 48.14
N THR I 455 -23.99 23.03 49.33
CA THR I 455 -22.86 22.94 50.25
C THR I 455 -22.27 21.54 50.35
N THR I 456 -22.88 20.54 49.70
CA THR I 456 -22.40 19.17 49.75
C THR I 456 -22.34 18.62 48.34
N GLU I 457 -21.41 17.69 48.11
CA GLU I 457 -21.28 16.97 46.85
C GLU I 457 -21.25 15.48 47.13
N THR I 458 -21.88 14.71 46.25
CA THR I 458 -21.93 13.26 46.35
C THR I 458 -21.23 12.65 45.15
N PHE I 459 -20.25 11.79 45.40
CA PHE I 459 -19.51 11.10 44.36
C PHE I 459 -19.79 9.60 44.46
N ARG I 460 -19.95 8.96 43.30
CA ARG I 460 -20.29 7.55 43.24
C ARG I 460 -19.38 6.83 42.26
N PRO I 461 -19.12 5.54 42.44
CA PRO I 461 -18.41 4.80 41.40
C PRO I 461 -19.21 4.77 40.10
N GLY I 462 -18.50 4.87 38.99
CA GLY I 462 -19.08 4.80 37.67
C GLY I 462 -18.32 3.79 36.83
N GLY I 463 -18.51 3.80 35.52
CA GLY I 463 -17.83 2.90 34.63
C GLY I 463 -18.80 2.11 33.78
N GLY I 464 -18.25 1.15 33.04
CA GLY I 464 -18.99 0.31 32.13
C GLY I 464 -18.85 0.69 30.67
N ASP I 465 -18.40 1.91 30.38
CA ASP I 465 -18.15 2.31 29.00
C ASP I 465 -16.91 1.63 28.45
N MET I 466 -15.91 1.43 29.31
CA MET I 466 -14.62 0.79 29.05
C MET I 466 -13.67 1.61 28.19
N ARG I 467 -14.06 2.81 27.75
CA ARG I 467 -13.05 3.67 27.12
C ARG I 467 -12.24 4.37 28.18
N ASP I 468 -12.86 4.66 29.32
CA ASP I 468 -12.18 5.31 30.43
C ASP I 468 -11.00 4.48 30.92
N ASN I 469 -11.14 3.16 30.87
CA ASN I 469 -10.07 2.29 31.35
C ASN I 469 -8.84 2.40 30.48
N TRP I 470 -9.01 2.83 29.24
CA TRP I 470 -7.94 3.00 28.28
C TRP I 470 -7.59 4.47 28.09
N ARG I 471 -8.53 5.37 28.35
CA ARG I 471 -8.16 6.79 28.40
C ARG I 471 -7.21 7.03 29.55
N SER I 472 -7.37 6.31 30.65
CA SER I 472 -6.48 6.44 31.80
C SER I 472 -5.05 6.02 31.51
N GLU I 473 -4.79 5.33 30.40
CA GLU I 473 -3.44 4.97 29.97
C GLU I 473 -2.95 5.73 28.75
N LEU I 474 -3.85 6.07 27.83
CA LEU I 474 -3.53 6.77 26.60
C LEU I 474 -3.62 8.29 26.75
N TYR I 475 -3.93 8.80 27.93
CA TYR I 475 -4.06 10.24 28.13
C TYR I 475 -2.79 10.99 27.80
N LYS I 476 -1.62 10.36 27.89
CA LYS I 476 -0.37 11.06 27.66
C LYS I 476 0.14 10.94 26.23
N TYR I 477 -0.55 10.24 25.34
CA TYR I 477 -0.09 10.04 23.97
C TYR I 477 -0.98 10.75 22.97
N LYS I 478 -0.33 11.26 21.92
CA LYS I 478 -0.98 11.93 20.79
C LYS I 478 -0.32 11.44 19.52
N VAL I 479 -1.10 11.21 18.47
CA VAL I 479 -0.57 10.77 17.17
C VAL I 479 -0.53 11.98 16.25
N VAL I 480 0.63 12.23 15.65
CA VAL I 480 0.82 13.36 14.76
C VAL I 480 1.39 12.87 13.44
N LYS I 481 0.99 13.55 12.36
CA LYS I 481 1.50 13.29 11.03
C LYS I 481 2.67 14.22 10.77
N ILE I 482 3.75 13.67 10.23
CA ILE I 482 4.94 14.46 9.93
C ILE I 482 4.75 15.11 8.56
N GLU I 483 5.07 16.40 8.48
CA GLU I 483 4.93 17.20 7.26
C GLU I 483 6.33 17.63 6.87
N PRO I 484 7.12 16.75 6.23
CA PRO I 484 8.55 17.03 6.05
C PRO I 484 8.85 18.14 5.06
N LEU I 485 7.87 18.58 4.28
CA LEU I 485 8.08 19.56 3.23
C LEU I 485 7.63 20.93 3.70
N GLY I 486 8.44 21.94 3.39
CA GLY I 486 8.09 23.30 3.74
C GLY I 486 8.91 24.26 2.91
N VAL I 487 8.58 25.54 3.03
CA VAL I 487 9.24 26.59 2.28
C VAL I 487 9.65 27.70 3.23
N ALA I 488 10.65 28.48 2.83
CA ALA I 488 11.08 29.60 3.65
C ALA I 488 11.84 30.59 2.79
N PRO I 489 11.86 31.88 3.15
CA PRO I 489 12.68 32.82 2.39
C PRO I 489 14.15 32.65 2.68
N THR I 490 14.95 32.72 1.63
CA THR I 490 16.40 32.74 1.72
C THR I 490 16.90 33.67 0.63
N ARG I 491 18.14 34.13 0.76
CA ARG I 491 18.75 34.91 -0.31
C ARG I 491 19.44 33.95 -1.28
N CYS I 492 18.65 33.12 -1.95
CA CYS I 492 19.19 32.07 -2.79
C CYS I 492 18.33 31.91 -4.03
N LYS I 493 18.86 32.28 -5.18
CA LYS I 493 18.15 32.22 -6.46
C LYS I 493 18.74 31.10 -7.28
N ARG I 494 17.88 30.23 -7.80
CA ARG I 494 18.33 29.15 -8.67
C ARG I 494 18.55 29.66 -10.08
N ARG I 495 19.71 29.34 -10.64
CA ARG I 495 20.05 29.69 -12.01
C ARG I 495 21.39 29.06 -12.34
N SER J 8 22.25 13.98 15.33
CA SER J 8 22.77 13.80 16.69
C SER J 8 21.63 13.84 17.71
N LEU J 9 20.64 14.69 17.47
CA LEU J 9 19.50 14.82 18.36
C LEU J 9 18.38 13.84 18.05
N GLY J 10 18.44 13.14 16.91
CA GLY J 10 17.42 12.19 16.56
C GLY J 10 16.24 12.81 15.85
N PHE J 11 15.30 11.94 15.48
CA PHE J 11 14.11 12.33 14.76
C PHE J 11 13.28 13.34 15.54
N LEU J 12 12.99 14.47 14.91
CA LEU J 12 12.26 15.60 15.49
C LEU J 12 12.97 16.22 16.68
N GLY J 13 14.22 15.87 16.98
CA GLY J 13 14.88 16.44 18.13
C GLY J 13 15.07 17.92 17.99
N ALA J 14 15.22 18.40 16.77
CA ALA J 14 15.43 19.82 16.47
C ALA J 14 14.12 20.57 16.30
N ALA J 15 12.97 19.91 16.54
CA ALA J 15 11.68 20.54 16.33
C ALA J 15 11.51 21.80 17.17
N GLY J 16 12.08 21.82 18.37
CA GLY J 16 11.99 23.00 19.22
C GLY J 16 13.14 23.97 19.07
N SER J 17 14.12 23.64 18.24
CA SER J 17 15.24 24.53 17.96
C SER J 17 14.84 25.48 16.85
N THR J 18 15.68 26.49 16.61
CA THR J 18 15.34 27.43 15.56
C THR J 18 15.49 26.75 14.20
N MET J 19 14.81 27.31 13.20
CA MET J 19 14.81 26.67 11.90
C MET J 19 16.17 26.72 11.22
N GLY J 20 16.99 27.71 11.54
CA GLY J 20 18.35 27.70 11.02
C GLY J 20 19.15 26.53 11.59
N ALA J 21 18.91 26.18 12.85
CA ALA J 21 19.58 25.04 13.45
C ALA J 21 18.92 23.74 13.03
N ALA J 22 17.59 23.75 12.90
CA ALA J 22 16.86 22.55 12.50
C ALA J 22 17.09 22.19 11.05
N SER J 23 17.54 23.12 10.22
CA SER J 23 17.85 22.84 8.82
C SER J 23 19.04 21.92 8.66
N MET J 24 19.83 21.69 9.70
CA MET J 24 20.99 20.82 9.62
C MET J 24 20.64 19.36 9.90
N THR J 25 19.36 19.04 10.16
CA THR J 25 18.90 17.71 10.50
C THR J 25 17.90 17.18 9.47
N LEU J 26 18.00 17.65 8.22
CA LEU J 26 17.03 17.24 7.20
C LEU J 26 17.15 15.76 6.86
N THR J 27 18.36 15.20 6.90
CA THR J 27 18.51 13.77 6.60
C THR J 27 17.97 12.92 7.73
N VAL J 28 18.05 13.40 8.97
CA VAL J 28 17.52 12.66 10.09
C VAL J 28 16.01 12.55 9.96
N GLN J 29 15.36 13.64 9.56
CA GLN J 29 13.92 13.61 9.36
C GLN J 29 13.55 12.76 8.15
N ALA J 30 14.33 12.88 7.07
CA ALA J 30 14.00 12.15 5.84
C ALA J 30 14.12 10.64 6.00
N ARG J 31 15.11 10.17 6.78
CA ARG J 31 15.31 8.72 6.90
C ARG J 31 14.16 8.00 7.60
N ASN J 32 13.33 8.71 8.35
CA ASN J 32 12.27 8.11 9.15
C ASN J 32 10.89 8.22 8.52
N LEU J 33 10.80 8.55 7.24
CA LEU J 33 9.50 8.66 6.57
C LEU J 33 9.06 7.35 5.95
N LEU J 34 9.98 6.46 5.60
CA LEU J 34 9.64 5.15 5.03
C LEU J 34 9.64 4.03 6.06
N SER J 35 10.41 4.15 7.13
CA SER J 35 10.49 3.09 8.12
C SER J 35 11.05 3.62 9.44
N GLY J 61 -3.03 -7.92 10.25
CA GLY J 61 -2.34 -8.02 8.98
C GLY J 61 -2.80 -6.98 7.98
N ILE J 62 -4.11 -6.83 7.84
CA ILE J 62 -4.64 -5.86 6.89
C ILE J 62 -4.32 -4.44 7.33
N LYS J 63 -4.27 -4.18 8.64
CA LYS J 63 -3.93 -2.84 9.11
C LYS J 63 -2.47 -2.53 8.83
N GLN J 64 -1.58 -3.51 8.96
CA GLN J 64 -0.17 -3.28 8.67
C GLN J 64 0.01 -2.98 7.20
N LEU J 65 -0.71 -3.70 6.34
CA LEU J 65 -0.60 -3.50 4.91
C LEU J 65 -1.16 -2.15 4.50
N GLN J 66 -2.29 -1.76 5.08
CA GLN J 66 -2.86 -0.45 4.80
C GLN J 66 -1.95 0.68 5.28
N ALA J 67 -1.34 0.50 6.46
CA ALA J 67 -0.42 1.51 6.97
C ALA J 67 0.81 1.66 6.09
N ARG J 68 1.34 0.54 5.60
CA ARG J 68 2.52 0.60 4.75
C ARG J 68 2.20 1.24 3.40
N VAL J 69 1.04 0.90 2.83
CA VAL J 69 0.65 1.52 1.56
C VAL J 69 0.43 3.02 1.76
N LEU J 70 -0.18 3.42 2.88
CA LEU J 70 -0.41 4.83 3.14
C LEU J 70 0.91 5.60 3.31
N ALA J 71 1.87 5.02 4.02
CA ALA J 71 3.18 5.68 4.15
C ALA J 71 3.86 5.83 2.80
N VAL J 72 3.77 4.80 1.96
CA VAL J 72 4.36 4.89 0.63
C VAL J 72 3.67 5.96 -0.20
N GLU J 73 2.34 6.05 -0.14
CA GLU J 73 1.63 7.08 -0.91
C GLU J 73 1.97 8.48 -0.43
N HIS J 74 2.11 8.69 0.88
CA HIS J 74 2.48 10.03 1.35
C HIS J 74 3.89 10.39 0.91
N TYR J 75 4.81 9.43 1.00
CA TYR J 75 6.18 9.68 0.54
C TYR J 75 6.21 10.01 -0.94
N LEU J 76 5.50 9.23 -1.76
CA LEU J 76 5.53 9.46 -3.20
C LEU J 76 4.83 10.76 -3.58
N ARG J 77 3.77 11.14 -2.89
CA ARG J 77 3.17 12.43 -3.20
C ARG J 77 4.11 13.58 -2.87
N ASP J 78 4.85 13.49 -1.77
CA ASP J 78 5.83 14.54 -1.48
C ASP J 78 6.96 14.55 -2.50
N GLN J 79 7.40 13.36 -2.93
CA GLN J 79 8.49 13.30 -3.92
C GLN J 79 8.03 13.80 -5.28
N GLN J 80 6.79 13.52 -5.67
CA GLN J 80 6.28 14.05 -6.93
C GLN J 80 6.15 15.57 -6.86
N LEU J 81 5.71 16.07 -5.71
CA LEU J 81 5.57 17.51 -5.55
C LEU J 81 6.92 18.20 -5.61
N LEU J 82 7.96 17.59 -5.03
CA LEU J 82 9.30 18.12 -5.23
C LEU J 82 9.76 18.00 -6.68
N GLY J 83 9.46 16.88 -7.32
CA GLY J 83 9.93 16.66 -8.68
C GLY J 83 9.38 17.67 -9.68
N ILE J 84 8.10 18.01 -9.54
CA ILE J 84 7.51 18.99 -10.46
C ILE J 84 7.99 20.41 -10.20
N TRP J 85 8.78 20.63 -9.14
CA TRP J 85 9.39 21.92 -8.85
C TRP J 85 10.85 21.97 -9.27
N GLY J 86 11.39 20.89 -9.84
CA GLY J 86 12.80 20.84 -10.16
C GLY J 86 13.70 20.62 -8.98
N CYS J 87 13.18 20.05 -7.89
CA CYS J 87 13.91 19.83 -6.65
C CYS J 87 14.13 18.35 -6.38
N SER J 88 14.01 17.51 -7.40
CA SER J 88 14.16 16.07 -7.20
C SER J 88 15.57 15.73 -6.74
N GLY J 89 15.66 14.92 -5.69
CA GLY J 89 16.94 14.50 -5.18
C GLY J 89 17.62 15.48 -4.26
N LYS J 90 16.97 16.58 -3.89
CA LYS J 90 17.56 17.60 -3.04
C LYS J 90 16.73 17.74 -1.78
N LEU J 91 17.41 18.01 -0.66
CA LEU J 91 16.76 18.34 0.59
C LEU J 91 16.69 19.84 0.84
N ILE J 92 17.65 20.61 0.31
CA ILE J 92 17.63 22.06 0.32
C ILE J 92 17.63 22.47 -1.15
N CYS J 93 16.50 23.01 -1.61
CA CYS J 93 16.32 23.34 -3.03
C CYS J 93 16.00 24.82 -3.15
N CYS J 94 16.90 25.58 -3.75
CA CYS J 94 16.66 26.99 -4.00
C CYS J 94 15.85 27.10 -5.28
N THR J 95 14.99 28.12 -5.34
CA THR J 95 14.15 28.35 -6.50
C THR J 95 14.32 29.80 -6.93
N ASN J 96 13.60 30.17 -7.98
CA ASN J 96 13.62 31.52 -8.54
C ASN J 96 12.29 32.23 -8.39
N VAL J 97 11.48 31.83 -7.41
CA VAL J 97 10.21 32.48 -7.12
C VAL J 97 10.48 33.54 -6.05
N PRO J 98 10.19 34.83 -6.29
CA PRO J 98 10.46 35.82 -5.27
C PRO J 98 9.52 35.67 -4.10
N TRP J 99 9.98 36.08 -2.93
CA TRP J 99 9.15 36.05 -1.73
C TRP J 99 8.28 37.30 -1.70
N ASN J 100 6.99 37.10 -1.54
CA ASN J 100 6.05 38.21 -1.44
C ASN J 100 6.05 38.70 0.00
N SER J 101 6.17 40.00 0.19
CA SER J 101 6.17 40.55 1.54
C SER J 101 4.82 40.37 2.24
N SER J 102 3.76 40.09 1.49
CA SER J 102 2.45 39.86 2.11
C SER J 102 2.35 38.48 2.75
N TRP J 103 3.19 37.53 2.33
CA TRP J 103 3.14 36.19 2.92
C TRP J 103 3.70 36.21 4.34
N SER J 104 4.82 36.89 4.54
CA SER J 104 5.36 37.07 5.89
C SER J 104 6.34 38.22 5.85
N ASN J 105 5.99 39.33 6.48
CA ASN J 105 6.83 40.54 6.47
C ASN J 105 7.82 40.49 7.63
N ARG J 106 8.78 39.58 7.51
CA ARG J 106 9.80 39.36 8.52
C ARG J 106 11.16 39.36 7.85
N ASN J 107 12.17 39.76 8.61
CA ASN J 107 13.55 39.71 8.14
C ASN J 107 14.15 38.34 8.42
N LEU J 108 15.22 38.03 7.69
CA LEU J 108 15.87 36.75 7.85
C LEU J 108 16.48 36.59 9.23
N SER J 109 16.90 37.69 9.84
CA SER J 109 17.46 37.62 11.19
C SER J 109 16.41 37.22 12.22
N GLU J 110 15.13 37.30 11.87
CA GLU J 110 14.02 36.90 12.73
C GLU J 110 13.44 35.55 12.34
N ILE J 111 13.32 35.27 11.05
CA ILE J 111 12.74 34.02 10.60
C ILE J 111 13.67 32.85 10.96
N TRP J 112 14.95 32.99 10.64
CA TRP J 112 15.90 31.89 10.76
C TRP J 112 16.58 31.77 12.12
N ASP J 113 16.74 32.86 12.86
CA ASP J 113 17.45 32.83 14.14
C ASP J 113 16.55 32.84 15.36
N ASN J 114 15.31 33.35 15.27
CA ASN J 114 14.44 33.47 16.43
C ASN J 114 13.09 32.78 16.25
N MET J 115 12.96 31.87 15.28
CA MET J 115 11.70 31.19 15.02
C MET J 115 11.97 29.73 14.70
N THR J 116 11.04 28.87 15.10
CA THR J 116 11.11 27.44 14.82
C THR J 116 10.32 27.11 13.56
N TRP J 117 10.51 25.89 13.06
CA TRP J 117 9.75 25.47 11.89
C TRP J 117 8.29 25.27 12.21
N LEU J 118 7.94 24.89 13.43
CA LEU J 118 6.53 24.70 13.77
C LEU J 118 5.77 26.02 13.77
N GLN J 119 6.38 27.06 14.34
CA GLN J 119 5.75 28.37 14.35
C GLN J 119 5.61 28.93 12.95
N TRP J 120 6.63 28.71 12.11
CA TRP J 120 6.56 29.13 10.72
C TRP J 120 5.47 28.38 9.97
N ASP J 121 5.39 27.06 10.17
CA ASP J 121 4.38 26.27 9.50
C ASP J 121 2.98 26.73 9.89
N LYS J 122 2.81 27.13 11.14
CA LYS J 122 1.53 27.71 11.55
C LYS J 122 1.33 29.07 10.89
N GLU J 123 2.38 29.88 10.84
CA GLU J 123 2.26 31.23 10.29
C GLU J 123 1.89 31.23 8.81
N ILE J 124 2.44 30.31 8.01
CA ILE J 124 2.16 30.28 6.57
C ILE J 124 1.32 29.08 6.19
N SER J 125 0.44 28.63 7.09
CA SER J 125 -0.59 27.69 6.67
C SER J 125 -1.40 28.29 5.54
N ASN J 126 -1.77 29.56 5.69
CA ASN J 126 -2.25 30.35 4.57
C ASN J 126 -1.08 30.65 3.66
N TYR J 127 -1.36 30.74 2.36
CA TYR J 127 -0.46 31.04 1.26
C TYR J 127 0.42 29.87 0.85
N THR J 128 0.36 28.71 1.51
CA THR J 128 1.19 27.59 1.08
C THR J 128 0.82 27.14 -0.32
N GLN J 129 -0.48 27.08 -0.63
CA GLN J 129 -0.91 26.65 -1.96
C GLN J 129 -0.56 27.68 -3.02
N ILE J 130 -0.51 28.96 -2.65
CA ILE J 130 -0.09 29.99 -3.60
C ILE J 130 1.38 29.78 -3.94
N ILE J 131 2.19 29.50 -2.94
CA ILE J 131 3.61 29.26 -3.16
C ILE J 131 3.80 28.01 -4.01
N TYR J 132 3.05 26.95 -3.74
CA TYR J 132 3.18 25.73 -4.53
C TYR J 132 2.78 25.95 -5.98
N GLY J 133 1.71 26.70 -6.22
CA GLY J 133 1.33 26.98 -7.60
C GLY J 133 2.37 27.82 -8.32
N LEU J 134 2.94 28.81 -7.64
CA LEU J 134 3.99 29.61 -8.27
C LEU J 134 5.23 28.78 -8.55
N LEU J 135 5.58 27.86 -7.66
CA LEU J 135 6.73 26.99 -7.90
C LEU J 135 6.50 26.09 -9.11
N GLU J 136 5.29 25.53 -9.23
CA GLU J 136 4.99 24.69 -10.38
C GLU J 136 5.07 25.48 -11.68
N GLU J 137 4.52 26.69 -11.69
CA GLU J 137 4.54 27.50 -12.90
C GLU J 137 5.97 27.93 -13.26
N SER J 138 6.76 28.30 -12.25
CA SER J 138 8.14 28.68 -12.50
C SER J 138 8.94 27.52 -13.07
N GLN J 139 8.73 26.31 -12.56
CA GLN J 139 9.43 25.15 -13.12
C GLN J 139 8.98 24.86 -14.54
N ASN J 140 7.69 25.03 -14.85
CA ASN J 140 7.27 24.83 -16.23
C ASN J 140 7.95 25.82 -17.18
N GLN J 141 8.09 27.07 -16.74
CA GLN J 141 8.77 28.06 -17.56
C GLN J 141 10.25 27.73 -17.71
N GLN J 142 10.87 27.26 -16.64
CA GLN J 142 12.28 26.90 -16.69
C GLN J 142 12.51 25.71 -17.60
N GLU J 143 11.62 24.71 -17.57
CA GLU J 143 11.78 23.57 -18.46
C GLU J 143 11.63 23.98 -19.93
N LYS J 144 10.69 24.89 -20.23
CA LYS J 144 10.60 25.36 -21.61
C LYS J 144 11.83 26.16 -22.03
N ASN J 145 12.35 27.00 -21.14
CA ASN J 145 13.53 27.78 -21.48
C ASN J 145 14.76 26.89 -21.67
N GLU J 146 14.91 25.86 -20.84
CA GLU J 146 16.01 24.94 -21.01
C GLU J 146 15.88 24.14 -22.30
N GLN J 147 14.65 23.74 -22.65
CA GLN J 147 14.44 23.05 -23.92
C GLN J 147 14.80 23.94 -25.10
N ASP J 148 14.48 25.22 -25.02
CA ASP J 148 14.79 26.11 -26.14
C ASP J 148 16.27 26.41 -26.23
N LEU J 149 16.95 26.53 -25.09
CA LEU J 149 18.38 26.77 -25.10
C LEU J 149 19.16 25.55 -25.57
N LEU J 150 18.75 24.35 -25.16
CA LEU J 150 19.46 23.15 -25.60
C LEU J 150 19.25 22.89 -27.08
N ALA J 151 18.11 23.31 -27.63
CA ALA J 151 17.83 23.16 -29.05
C ALA J 151 18.43 24.28 -29.89
N LEU J 152 19.14 25.22 -29.26
CA LEU J 152 19.75 26.34 -29.97
C LEU J 152 21.15 25.94 -30.40
N ASP J 153 21.36 25.84 -31.70
CA ASP J 153 22.59 25.30 -32.26
C ASP J 153 23.81 26.14 -31.89
N GLU K 33 16.07 17.15 -40.61
CA GLU K 33 16.06 18.28 -39.70
C GLU K 33 16.93 18.04 -38.46
N ASN K 34 17.70 16.95 -38.44
CA ASN K 34 18.54 16.59 -37.31
C ASN K 34 17.73 16.51 -36.01
N LEU K 35 16.61 15.79 -36.09
CA LEU K 35 15.70 15.67 -34.97
C LEU K 35 16.24 14.69 -33.94
N TRP K 36 15.88 14.92 -32.68
CA TRP K 36 16.30 14.11 -31.54
C TRP K 36 15.08 13.67 -30.74
N VAL K 37 15.21 12.54 -30.06
CA VAL K 37 14.14 12.03 -29.22
C VAL K 37 14.06 12.85 -27.95
N THR K 38 12.87 13.38 -27.66
CA THR K 38 12.61 14.07 -26.40
C THR K 38 11.53 13.29 -25.66
N VAL K 39 11.79 13.02 -24.39
CA VAL K 39 10.92 12.23 -23.55
C VAL K 39 10.01 13.17 -22.77
N TYR K 40 8.70 12.92 -22.84
CA TYR K 40 7.70 13.70 -22.13
C TYR K 40 6.98 12.82 -21.14
N TYR K 41 6.82 13.32 -19.91
CA TYR K 41 6.11 12.62 -18.85
C TYR K 41 4.92 13.47 -18.44
N GLY K 42 3.74 12.89 -18.47
CA GLY K 42 2.50 13.59 -18.26
C GLY K 42 1.72 13.74 -19.55
N VAL K 43 1.95 12.87 -20.51
CA VAL K 43 1.32 12.93 -21.84
C VAL K 43 -0.16 12.58 -21.72
N PRO K 44 -1.09 13.42 -22.24
CA PRO K 44 -2.54 13.11 -22.09
C PRO K 44 -3.03 12.05 -23.07
N VAL K 45 -2.55 10.82 -22.93
CA VAL K 45 -3.01 9.70 -23.76
C VAL K 45 -3.46 8.58 -22.84
N TRP K 46 -4.18 7.63 -23.44
CA TRP K 46 -4.73 6.52 -22.69
C TRP K 46 -4.85 5.29 -23.58
N LYS K 47 -4.99 4.15 -22.91
CA LYS K 47 -5.20 2.84 -23.52
C LYS K 47 -6.44 2.22 -22.90
N ASP K 48 -7.12 1.37 -23.66
CA ASP K 48 -8.22 0.62 -23.09
C ASP K 48 -7.69 -0.36 -22.06
N ALA K 49 -8.39 -0.48 -20.93
CA ALA K 49 -7.93 -1.37 -19.87
C ALA K 49 -9.13 -1.86 -19.07
N GLU K 50 -8.96 -3.02 -18.43
CA GLU K 50 -9.93 -3.62 -17.54
C GLU K 50 -9.34 -3.74 -16.14
N THR K 51 -9.90 -3.00 -15.19
CA THR K 51 -9.41 -2.99 -13.81
C THR K 51 -10.58 -3.06 -12.84
N THR K 52 -10.24 -3.19 -11.57
CA THR K 52 -11.24 -3.05 -10.51
C THR K 52 -11.47 -1.57 -10.25
N LEU K 53 -12.66 -1.27 -9.71
CA LEU K 53 -13.06 0.09 -9.39
C LEU K 53 -13.44 0.21 -7.92
N PHE K 54 -13.29 1.41 -7.38
CA PHE K 54 -13.70 1.72 -6.03
C PHE K 54 -15.21 1.94 -5.96
N CYS K 55 -15.83 1.45 -4.91
CA CYS K 55 -17.21 1.75 -4.60
C CYS K 55 -17.28 3.03 -3.78
N ALA K 56 -18.18 3.93 -4.15
CA ALA K 56 -18.37 5.17 -3.41
C ALA K 56 -19.85 5.47 -3.33
N SER K 57 -20.24 6.18 -2.27
CA SER K 57 -21.63 6.54 -2.05
C SER K 57 -21.68 7.82 -1.22
N ASP K 58 -22.88 8.38 -1.10
CA ASP K 58 -23.14 9.58 -0.29
C ASP K 58 -22.47 9.54 1.07
N ALA K 74 -16.45 -2.26 2.18
CA ALA K 74 -17.14 -0.98 2.40
C ALA K 74 -16.87 -0.02 1.26
N CYS K 75 -17.72 1.00 1.16
CA CYS K 75 -17.62 2.02 0.13
C CYS K 75 -17.15 3.32 0.76
N VAL K 76 -16.42 4.12 -0.01
CA VAL K 76 -15.84 5.37 0.48
C VAL K 76 -16.85 6.49 0.28
N SER K 77 -17.08 7.28 1.32
CA SER K 77 -17.99 8.41 1.19
C SER K 77 -17.44 9.42 0.19
N THR K 78 -18.33 9.97 -0.63
CA THR K 78 -17.95 10.94 -1.64
C THR K 78 -17.89 12.36 -1.08
N ASP K 79 -17.14 13.19 -1.79
CA ASP K 79 -17.08 14.63 -1.61
C ASP K 79 -17.99 15.20 -2.68
N PRO K 80 -18.20 16.52 -2.76
CA PRO K 80 -18.79 17.06 -3.98
C PRO K 80 -17.87 16.78 -5.16
N ASN K 81 -18.48 16.53 -6.32
CA ASN K 81 -17.75 16.08 -7.50
C ASN K 81 -18.13 16.90 -8.72
N PRO K 82 -17.55 18.10 -8.87
CA PRO K 82 -17.71 18.86 -10.12
C PRO K 82 -16.68 18.50 -11.18
N GLN K 83 -15.87 17.46 -10.96
CA GLN K 83 -14.70 17.17 -11.79
C GLN K 83 -15.11 16.34 -13.02
N GLU K 84 -15.76 17.02 -13.96
CA GLU K 84 -16.06 16.47 -15.28
C GLU K 84 -15.35 17.37 -16.28
N ILE K 85 -14.33 16.85 -16.94
CA ILE K 85 -13.48 17.64 -17.82
C ILE K 85 -13.87 17.31 -19.25
N HIS K 86 -14.43 18.28 -19.95
CA HIS K 86 -14.81 18.06 -21.34
C HIS K 86 -13.57 17.94 -22.21
N LEU K 87 -13.54 16.93 -23.08
CA LEU K 87 -12.41 16.71 -23.98
C LEU K 87 -12.86 17.17 -25.37
N GLU K 88 -12.43 18.36 -25.75
CA GLU K 88 -12.77 18.90 -27.06
C GLU K 88 -11.96 18.19 -28.13
N ASN K 89 -12.57 18.00 -29.30
CA ASN K 89 -11.93 17.38 -30.45
C ASN K 89 -11.37 15.99 -30.14
N VAL K 90 -12.08 15.23 -29.32
CA VAL K 90 -11.68 13.87 -28.96
C VAL K 90 -12.82 12.95 -29.37
N THR K 91 -12.50 11.99 -30.23
CA THR K 91 -13.43 10.94 -30.64
C THR K 91 -12.91 9.63 -30.05
N GLU K 92 -13.76 8.95 -29.28
CA GLU K 92 -13.36 7.73 -28.58
C GLU K 92 -14.35 6.63 -28.95
N GLU K 93 -13.83 5.47 -29.31
CA GLU K 93 -14.70 4.36 -29.70
C GLU K 93 -15.15 3.62 -28.45
N PHE K 94 -16.47 3.52 -28.28
CA PHE K 94 -17.09 2.85 -27.14
C PHE K 94 -17.67 1.52 -27.60
N ASN K 95 -17.77 0.59 -26.66
CA ASN K 95 -18.43 -0.70 -26.91
C ASN K 95 -19.02 -1.15 -25.58
N MET K 96 -20.34 -0.95 -25.42
CA MET K 96 -20.96 -1.26 -24.14
C MET K 96 -21.03 -2.76 -23.84
N TRP K 97 -20.85 -3.61 -24.84
CA TRP K 97 -20.92 -5.06 -24.65
C TRP K 97 -19.56 -5.69 -24.37
N LYS K 98 -18.49 -4.89 -24.34
CA LYS K 98 -17.15 -5.32 -23.96
C LYS K 98 -16.68 -4.52 -22.76
N ASN K 99 -17.59 -3.85 -22.07
CA ASN K 99 -17.28 -2.97 -20.95
C ASN K 99 -17.19 -3.80 -19.68
N ASN K 100 -15.99 -3.90 -19.11
CA ASN K 100 -15.77 -4.71 -17.93
C ASN K 100 -16.39 -4.09 -16.68
N MET K 101 -16.91 -2.86 -16.76
CA MET K 101 -17.56 -2.27 -15.61
C MET K 101 -18.84 -3.02 -15.27
N VAL K 102 -19.46 -3.63 -16.26
CA VAL K 102 -20.67 -4.41 -16.04
C VAL K 102 -20.36 -5.67 -15.26
N GLU K 103 -19.26 -6.34 -15.59
CA GLU K 103 -18.90 -7.55 -14.86
C GLU K 103 -18.49 -7.22 -13.44
N GLN K 104 -17.76 -6.12 -13.25
CA GLN K 104 -17.37 -5.74 -11.89
C GLN K 104 -18.58 -5.32 -11.07
N MET K 105 -19.51 -4.59 -11.66
CA MET K 105 -20.73 -4.23 -10.94
C MET K 105 -21.56 -5.47 -10.58
N HIS K 106 -21.69 -6.40 -11.52
CA HIS K 106 -22.42 -7.64 -11.24
C HIS K 106 -21.78 -8.41 -10.09
N GLU K 107 -20.46 -8.56 -10.12
CA GLU K 107 -19.78 -9.26 -9.05
C GLU K 107 -19.92 -8.53 -7.72
N ASP K 108 -19.88 -7.20 -7.74
CA ASP K 108 -20.04 -6.44 -6.51
C ASP K 108 -21.45 -6.56 -5.94
N ILE K 109 -22.47 -6.60 -6.80
CA ILE K 109 -23.84 -6.80 -6.31
C ILE K 109 -23.99 -8.19 -5.71
N ILE K 110 -23.42 -9.21 -6.36
CA ILE K 110 -23.48 -10.57 -5.79
C ILE K 110 -22.77 -10.61 -4.44
N SER K 111 -21.59 -9.99 -4.35
CA SER K 111 -20.83 -9.99 -3.11
C SER K 111 -21.58 -9.27 -1.99
N LEU K 112 -22.13 -8.09 -2.29
CA LEU K 112 -22.87 -7.34 -1.27
C LEU K 112 -24.12 -8.10 -0.84
N TRP K 113 -24.81 -8.73 -1.79
CA TRP K 113 -25.99 -9.51 -1.45
C TRP K 113 -25.62 -10.68 -0.52
N ASP K 114 -24.58 -11.43 -0.89
CA ASP K 114 -24.17 -12.57 -0.07
C ASP K 114 -23.70 -12.13 1.31
N GLN K 115 -23.01 -11.01 1.38
CA GLN K 115 -22.54 -10.52 2.68
C GLN K 115 -23.71 -10.06 3.54
N SER K 116 -24.72 -9.45 2.93
CA SER K 116 -25.87 -8.98 3.71
C SER K 116 -26.64 -10.12 4.34
N LEU K 117 -26.71 -11.28 3.70
CA LEU K 117 -27.47 -12.42 4.22
C LEU K 117 -26.70 -13.31 5.18
N LYS K 118 -25.40 -13.07 5.40
CA LYS K 118 -24.68 -13.93 6.35
C LYS K 118 -25.14 -13.72 7.78
N PRO K 119 -25.13 -12.50 8.34
CA PRO K 119 -25.54 -12.35 9.75
C PRO K 119 -27.05 -12.25 9.92
N CYS K 120 -27.76 -13.28 9.46
CA CYS K 120 -29.22 -13.28 9.47
C CYS K 120 -29.69 -14.67 9.88
N VAL K 121 -31.00 -14.76 10.13
CA VAL K 121 -31.59 -15.97 10.69
C VAL K 121 -31.70 -17.04 9.62
N LYS K 122 -31.21 -18.24 9.92
CA LYS K 122 -31.37 -19.38 9.04
C LYS K 122 -32.70 -20.05 9.37
N LEU K 123 -33.38 -20.53 8.32
CA LEU K 123 -34.68 -21.19 8.47
C LEU K 123 -34.57 -22.71 8.29
N THR K 124 -33.38 -23.26 8.48
CA THR K 124 -33.21 -24.71 8.51
C THR K 124 -34.17 -25.40 9.47
N PRO K 125 -34.40 -24.92 10.70
CA PRO K 125 -35.39 -25.59 11.57
C PRO K 125 -36.81 -25.62 11.04
N LEU K 126 -37.17 -24.82 10.04
CA LEU K 126 -38.55 -24.79 9.54
C LEU K 126 -38.80 -25.70 8.36
N CYS K 127 -37.82 -26.51 7.94
CA CYS K 127 -38.06 -27.51 6.91
C CYS K 127 -38.67 -28.74 7.59
N VAL K 128 -39.91 -28.58 8.04
CA VAL K 128 -40.55 -29.58 8.89
C VAL K 128 -41.67 -30.34 8.19
N GLY K 129 -42.39 -29.72 7.26
CA GLY K 129 -43.59 -30.31 6.70
C GLY K 129 -44.80 -29.59 7.24
N LEU K 130 -45.63 -29.04 6.35
CA LEU K 130 -46.74 -28.18 6.73
C LEU K 130 -48.07 -28.90 6.53
N GLN K 131 -49.03 -28.59 7.41
CA GLN K 131 -50.42 -29.03 7.24
C GLN K 131 -51.22 -27.80 6.81
N CYS K 132 -51.53 -27.73 5.52
CA CYS K 132 -52.11 -26.54 4.91
C CYS K 132 -53.56 -26.77 4.50
N THR K 133 -54.41 -25.78 4.80
CA THR K 133 -55.80 -25.77 4.39
C THR K 133 -56.09 -24.46 3.65
N ASN K 134 -57.25 -24.36 3.04
CA ASN K 134 -57.65 -23.13 2.37
C ASN K 134 -57.88 -22.02 3.38
N VAL K 135 -57.53 -20.79 2.98
CA VAL K 135 -57.66 -19.65 3.87
C VAL K 135 -59.14 -19.32 4.07
N THR K 136 -59.56 -19.29 5.34
CA THR K 136 -60.95 -19.03 5.72
C THR K 136 -61.18 -17.53 5.85
N ASN K 137 -61.24 -16.86 4.70
CA ASN K 137 -61.37 -15.41 4.66
C ASN K 137 -62.17 -15.04 3.42
N ASN K 138 -62.37 -13.73 3.23
CA ASN K 138 -63.18 -13.23 2.11
C ASN K 138 -62.31 -13.19 0.86
N ILE K 139 -62.65 -14.02 -0.11
CA ILE K 139 -61.87 -14.19 -1.34
C ILE K 139 -62.52 -13.34 -2.42
N THR K 140 -61.74 -12.44 -3.01
CA THR K 140 -62.21 -11.57 -4.07
C THR K 140 -61.73 -12.05 -5.43
N ASP K 141 -62.67 -12.19 -6.36
CA ASP K 141 -62.45 -12.56 -7.76
C ASP K 141 -61.54 -13.78 -7.96
N ASP K 142 -60.39 -13.62 -8.65
CA ASP K 142 -59.54 -14.75 -9.04
C ASP K 142 -58.41 -15.04 -8.04
N MET K 143 -58.33 -14.31 -6.93
CA MET K 143 -57.27 -14.53 -5.96
C MET K 143 -57.68 -15.67 -5.04
N ARG K 144 -57.70 -16.88 -5.61
CA ARG K 144 -58.15 -18.07 -4.92
C ARG K 144 -57.21 -19.22 -5.25
N GLY K 145 -56.85 -19.98 -4.22
CA GLY K 145 -55.93 -21.09 -4.36
C GLY K 145 -54.48 -20.68 -4.32
N GLU K 146 -54.19 -19.38 -4.20
CA GLU K 146 -52.83 -18.86 -4.21
C GLU K 146 -52.27 -18.63 -2.81
N LEU K 147 -53.06 -18.86 -1.77
CA LEU K 147 -52.65 -18.60 -0.40
C LEU K 147 -53.24 -19.69 0.48
N LYS K 148 -52.42 -20.29 1.33
CA LYS K 148 -52.83 -21.39 2.20
C LYS K 148 -52.52 -21.08 3.65
N ASN K 149 -53.39 -21.57 4.52
CA ASN K 149 -53.24 -21.45 5.98
C ASN K 149 -52.56 -22.72 6.46
N CYS K 150 -51.26 -22.62 6.75
CA CYS K 150 -50.40 -23.76 7.05
C CYS K 150 -50.01 -23.77 8.51
N SER K 151 -50.20 -24.90 9.17
CA SER K 151 -49.79 -25.12 10.55
C SER K 151 -48.58 -26.05 10.58
N PHE K 152 -47.71 -25.82 11.56
CA PHE K 152 -46.52 -26.65 11.67
C PHE K 152 -45.98 -26.63 13.09
N ASN K 153 -45.16 -27.63 13.38
CA ASN K 153 -44.46 -27.78 14.67
C ASN K 153 -43.09 -27.14 14.57
N ALA K 154 -42.94 -25.96 15.14
CA ALA K 154 -41.69 -25.20 15.09
C ALA K 154 -40.90 -25.39 16.37
N THR K 155 -39.58 -25.26 16.25
CA THR K 155 -38.68 -25.26 17.38
C THR K 155 -38.80 -23.90 18.08
N THR K 156 -38.21 -23.79 19.26
CA THR K 156 -38.34 -22.56 20.03
C THR K 156 -37.03 -22.27 20.78
N GLU K 157 -37.12 -21.39 21.77
CA GLU K 157 -35.93 -20.95 22.50
C GLU K 157 -35.22 -22.12 23.17
N LEU K 158 -35.99 -23.07 23.69
CA LEU K 158 -35.47 -24.19 24.46
C LEU K 158 -35.60 -25.47 23.66
N ARG K 159 -34.53 -26.26 23.59
CA ARG K 159 -34.54 -27.51 22.80
C ARG K 159 -35.61 -28.46 23.34
N ASN K 160 -35.87 -28.39 24.66
CA ASN K 160 -36.87 -29.25 25.27
C ASN K 160 -38.24 -29.06 24.65
N LYS K 161 -38.68 -27.81 24.47
CA LYS K 161 -40.04 -27.52 24.07
C LYS K 161 -40.15 -27.28 22.56
N ARG K 162 -41.40 -27.24 22.09
CA ARG K 162 -41.65 -26.91 20.68
C ARG K 162 -42.81 -25.90 20.68
N GLN K 163 -43.49 -25.72 19.55
CA GLN K 163 -44.64 -24.84 19.50
C GLN K 163 -45.45 -25.08 18.24
N LYS K 164 -46.76 -24.88 18.33
CA LYS K 164 -47.65 -25.02 17.20
C LYS K 164 -47.85 -23.64 16.59
N VAL K 165 -47.45 -23.48 15.33
CA VAL K 165 -47.41 -22.19 14.66
C VAL K 165 -48.32 -22.25 13.45
N TYR K 166 -49.11 -21.20 13.26
CA TYR K 166 -50.01 -21.06 12.12
C TYR K 166 -49.56 -19.85 11.31
N SER K 167 -49.50 -20.00 9.99
CA SER K 167 -49.05 -18.90 9.16
C SER K 167 -49.71 -19.02 7.80
N LEU K 168 -49.70 -17.91 7.05
CA LEU K 168 -50.24 -17.88 5.70
C LEU K 168 -49.08 -17.88 4.71
N PHE K 169 -48.98 -18.95 3.93
CA PHE K 169 -47.95 -19.06 2.91
C PHE K 169 -48.58 -18.99 1.53
N TYR K 170 -47.85 -18.41 0.59
CA TYR K 170 -48.32 -18.36 -0.78
C TYR K 170 -48.17 -19.73 -1.41
N ARG K 171 -49.06 -20.03 -2.36
CA ARG K 171 -48.99 -21.31 -3.04
C ARG K 171 -47.66 -21.47 -3.76
N LEU K 172 -47.07 -20.39 -4.25
CA LEU K 172 -45.78 -20.47 -4.92
C LEU K 172 -44.63 -20.77 -3.99
N ASP K 173 -44.81 -20.61 -2.68
CA ASP K 173 -43.77 -20.86 -1.70
C ASP K 173 -43.82 -22.27 -1.13
N ILE K 174 -44.81 -23.06 -1.49
CA ILE K 174 -45.02 -24.40 -0.96
C ILE K 174 -45.13 -25.36 -2.13
N VAL K 175 -44.80 -26.62 -1.87
CA VAL K 175 -44.87 -27.69 -2.86
C VAL K 175 -45.65 -28.84 -2.23
N PRO K 176 -46.55 -29.51 -2.97
CA PRO K 176 -47.22 -30.68 -2.41
C PRO K 176 -46.23 -31.75 -1.99
N MET K 177 -46.50 -32.35 -0.84
CA MET K 177 -45.69 -33.40 -0.27
C MET K 177 -46.65 -34.41 0.33
N VAL K 178 -46.23 -35.68 0.39
CA VAL K 178 -47.10 -36.75 0.86
C VAL K 178 -46.57 -37.26 2.20
N ASP K 179 -47.43 -37.19 3.21
CA ASP K 179 -47.14 -37.70 4.54
C ASP K 179 -48.47 -38.04 5.19
N LEU K 180 -48.41 -38.57 6.41
CA LEU K 180 -49.64 -38.91 7.11
C LEU K 180 -50.30 -37.68 7.73
N TRP K 181 -49.51 -36.77 8.29
CA TRP K 181 -50.03 -35.62 9.02
C TRP K 181 -49.78 -34.27 8.34
N THR K 182 -49.12 -34.24 7.19
CA THR K 182 -48.79 -33.00 6.51
C THR K 182 -49.14 -33.10 5.03
N ASN K 183 -49.32 -31.94 4.39
CA ASN K 183 -49.67 -31.85 2.98
C ASN K 183 -48.63 -31.15 2.12
N TYR K 184 -47.88 -30.19 2.65
CA TYR K 184 -46.96 -29.38 1.85
C TYR K 184 -45.65 -29.16 2.59
N ARG K 185 -44.64 -28.77 1.83
CA ARG K 185 -43.37 -28.33 2.41
C ARG K 185 -42.89 -27.08 1.66
N LEU K 186 -41.92 -26.39 2.24
CA LEU K 186 -41.37 -25.20 1.58
C LEU K 186 -40.65 -25.58 0.31
N ILE K 187 -40.80 -24.74 -0.72
CA ILE K 187 -40.33 -25.06 -2.07
C ILE K 187 -38.82 -25.29 -2.11
N SER K 188 -38.05 -24.53 -1.33
CA SER K 188 -36.59 -24.64 -1.42
C SER K 188 -35.96 -25.63 -0.46
N CYS K 189 -36.70 -26.20 0.49
CA CYS K 189 -36.07 -27.15 1.40
C CYS K 189 -35.65 -28.42 0.69
N ASN K 190 -36.24 -28.71 -0.48
CA ASN K 190 -35.87 -29.88 -1.25
C ASN K 190 -34.49 -29.75 -1.89
N THR K 191 -34.05 -28.53 -2.21
CA THR K 191 -32.82 -28.32 -2.98
C THR K 191 -31.76 -27.48 -2.29
N SER K 192 -32.11 -26.60 -1.37
CA SER K 192 -31.10 -25.69 -0.85
C SER K 192 -31.48 -25.13 0.51
N ALA K 193 -30.47 -24.56 1.17
CA ALA K 193 -30.67 -23.87 2.43
C ALA K 193 -31.41 -22.55 2.21
N ILE K 194 -32.28 -22.22 3.16
CA ILE K 194 -33.07 -20.99 3.15
C ILE K 194 -32.56 -20.11 4.27
N THR K 195 -32.18 -18.88 3.94
CA THR K 195 -31.74 -17.88 4.89
C THR K 195 -32.78 -16.77 4.93
N GLN K 196 -33.24 -16.42 6.12
CA GLN K 196 -34.19 -15.32 6.24
C GLN K 196 -33.45 -14.00 6.11
N ALA K 197 -33.99 -13.09 5.30
CA ALA K 197 -33.40 -11.78 5.20
C ALA K 197 -33.58 -11.04 6.51
N CYS K 198 -32.56 -10.30 6.92
CA CYS K 198 -32.63 -9.54 8.15
C CYS K 198 -33.71 -8.46 8.02
N PRO K 199 -34.64 -8.34 8.97
CA PRO K 199 -35.66 -7.27 8.84
C PRO K 199 -35.09 -5.87 8.97
N LYS K 200 -33.88 -5.73 9.53
CA LYS K 200 -33.26 -4.43 9.72
C LYS K 200 -32.49 -3.95 8.49
N VAL K 201 -32.39 -4.77 7.44
CA VAL K 201 -31.65 -4.45 6.23
C VAL K 201 -32.66 -4.11 5.15
N SER K 202 -32.65 -2.86 4.70
CA SER K 202 -33.57 -2.40 3.67
C SER K 202 -33.15 -2.90 2.29
N PHE K 203 -34.15 -3.14 1.45
CA PHE K 203 -33.96 -3.51 0.05
C PHE K 203 -34.06 -2.31 -0.87
N GLU K 204 -34.16 -1.10 -0.34
CA GLU K 204 -34.22 0.09 -1.17
C GLU K 204 -32.88 0.28 -1.89
N PRO K 205 -32.86 0.44 -3.22
CA PRO K 205 -31.59 0.64 -3.90
C PRO K 205 -31.02 2.01 -3.58
N ILE K 206 -29.72 2.05 -3.32
CA ILE K 206 -28.99 3.28 -3.03
C ILE K 206 -28.04 3.52 -4.19
N PRO K 207 -27.99 4.73 -4.78
CA PRO K 207 -27.08 4.96 -5.92
C PRO K 207 -25.64 4.68 -5.55
N ILE K 208 -24.97 3.89 -6.39
CA ILE K 208 -23.58 3.47 -6.19
C ILE K 208 -22.75 4.12 -7.28
N HIS K 209 -21.65 4.76 -6.87
CA HIS K 209 -20.69 5.38 -7.76
C HIS K 209 -19.49 4.47 -7.91
N TYR K 210 -19.07 4.22 -9.15
CA TYR K 210 -17.85 3.47 -9.42
C TYR K 210 -16.76 4.45 -9.82
N CYS K 211 -15.67 4.46 -9.05
CA CYS K 211 -14.61 5.44 -9.17
C CYS K 211 -13.34 4.74 -9.63
N ALA K 212 -12.65 5.31 -10.60
CA ALA K 212 -11.43 4.69 -11.08
C ALA K 212 -10.28 4.88 -10.09
N PRO K 213 -9.37 3.92 -9.99
CA PRO K 213 -8.17 4.13 -9.17
C PRO K 213 -7.23 5.12 -9.82
N ALA K 214 -6.30 5.63 -9.01
CA ALA K 214 -5.31 6.58 -9.50
C ALA K 214 -4.51 5.96 -10.62
N GLY K 215 -4.27 6.75 -11.66
CA GLY K 215 -3.64 6.30 -12.88
C GLY K 215 -4.61 5.89 -13.97
N PHE K 216 -5.90 5.84 -13.67
CA PHE K 216 -6.95 5.44 -14.59
C PHE K 216 -8.01 6.53 -14.59
N ALA K 217 -8.83 6.54 -15.63
CA ALA K 217 -9.91 7.52 -15.73
C ALA K 217 -11.10 6.87 -16.42
N ILE K 218 -12.27 7.46 -16.23
CA ILE K 218 -13.50 6.97 -16.85
C ILE K 218 -13.92 8.01 -17.88
N LEU K 219 -14.10 7.55 -19.11
CA LEU K 219 -14.56 8.41 -20.18
C LEU K 219 -16.07 8.24 -20.29
N LYS K 220 -16.78 9.35 -20.37
CA LYS K 220 -18.23 9.39 -20.47
C LYS K 220 -18.61 9.91 -21.84
N CYS K 221 -19.48 9.18 -22.52
CA CYS K 221 -19.99 9.57 -23.83
C CYS K 221 -21.26 10.37 -23.63
N LYS K 222 -21.27 11.61 -24.09
CA LYS K 222 -22.40 12.50 -23.94
C LYS K 222 -23.19 12.68 -25.22
N ASP K 223 -22.89 11.89 -26.24
CA ASP K 223 -23.62 11.99 -27.51
C ASP K 223 -25.09 11.70 -27.29
N LYS K 224 -25.94 12.48 -27.94
CA LYS K 224 -27.36 12.21 -27.99
C LYS K 224 -27.60 11.16 -29.08
N LYS K 225 -28.63 10.35 -28.88
CA LYS K 225 -28.97 9.29 -29.83
C LYS K 225 -27.78 8.33 -30.03
N PHE K 226 -27.08 8.04 -28.95
CA PHE K 226 -25.92 7.17 -28.98
C PHE K 226 -26.35 5.73 -28.75
N ASN K 227 -26.00 4.85 -29.69
CA ASN K 227 -26.50 3.48 -29.66
C ASN K 227 -25.60 2.51 -28.90
N GLY K 228 -24.65 3.03 -28.12
CA GLY K 228 -23.84 2.20 -27.25
C GLY K 228 -22.60 1.59 -27.85
N THR K 229 -22.29 1.89 -29.11
CA THR K 229 -21.11 1.33 -29.76
C THR K 229 -20.68 2.28 -30.86
N GLY K 230 -19.37 2.27 -31.14
CA GLY K 230 -18.83 3.09 -32.20
C GLY K 230 -18.23 4.38 -31.68
N PRO K 231 -17.79 5.24 -32.61
CA PRO K 231 -17.14 6.50 -32.20
C PRO K 231 -18.11 7.43 -31.49
N CYS K 232 -17.64 7.99 -30.37
CA CYS K 232 -18.35 8.99 -29.60
C CYS K 232 -17.57 10.28 -29.72
N GLN K 233 -18.24 11.35 -30.15
CA GLN K 233 -17.60 12.63 -30.39
C GLN K 233 -17.63 13.57 -29.20
N ASN K 234 -18.66 13.49 -28.36
CA ASN K 234 -18.80 14.34 -27.17
C ASN K 234 -18.37 13.50 -25.97
N VAL K 235 -17.09 13.63 -25.59
CA VAL K 235 -16.47 12.78 -24.58
C VAL K 235 -15.95 13.65 -23.44
N SER K 236 -16.20 13.20 -22.21
CA SER K 236 -15.70 13.88 -21.02
C SER K 236 -14.98 12.89 -20.12
N THR K 237 -14.10 13.40 -19.28
CA THR K 237 -13.34 12.61 -18.33
C THR K 237 -13.94 12.82 -16.94
N VAL K 238 -14.23 11.72 -16.27
CA VAL K 238 -14.70 11.74 -14.89
C VAL K 238 -13.84 10.75 -14.10
N GLN K 239 -13.83 10.95 -12.79
CA GLN K 239 -13.21 10.00 -11.88
C GLN K 239 -14.22 9.02 -11.32
N CYS K 240 -15.46 9.47 -11.11
CA CYS K 240 -16.55 8.65 -10.59
C CYS K 240 -17.74 8.77 -11.51
N THR K 241 -18.50 7.69 -11.63
CA THR K 241 -19.71 7.70 -12.41
C THR K 241 -20.83 8.41 -11.66
N HIS K 242 -21.94 8.65 -12.36
CA HIS K 242 -23.12 9.18 -11.70
C HIS K 242 -23.68 8.11 -10.78
N GLY K 243 -24.64 8.50 -9.94
CA GLY K 243 -25.20 7.56 -9.01
C GLY K 243 -26.10 6.61 -9.76
N ILE K 244 -25.77 5.32 -9.73
CA ILE K 244 -26.50 4.29 -10.46
C ILE K 244 -27.23 3.46 -9.42
N LYS K 245 -28.55 3.47 -9.48
CA LYS K 245 -29.31 2.66 -8.55
C LYS K 245 -29.26 1.20 -9.00
N PRO K 246 -28.85 0.26 -8.14
CA PRO K 246 -28.85 -1.15 -8.58
C PRO K 246 -30.25 -1.73 -8.52
N VAL K 247 -31.12 -1.22 -9.38
CA VAL K 247 -32.51 -1.66 -9.42
C VAL K 247 -32.56 -3.00 -10.14
N VAL K 248 -33.19 -3.98 -9.50
CA VAL K 248 -33.31 -5.32 -10.05
C VAL K 248 -34.73 -5.49 -10.58
N SER K 249 -34.82 -5.82 -11.86
CA SER K 249 -36.09 -6.04 -12.55
C SER K 249 -35.77 -6.95 -13.72
N THR K 250 -36.81 -7.43 -14.41
CA THR K 250 -36.54 -8.30 -15.57
C THR K 250 -37.02 -7.72 -16.89
N GLN K 251 -38.32 -7.75 -17.13
CA GLN K 251 -38.82 -7.34 -18.43
C GLN K 251 -38.74 -5.83 -18.65
N LEU K 252 -39.06 -5.07 -17.61
CA LEU K 252 -39.04 -3.62 -17.66
C LEU K 252 -37.88 -3.12 -16.81
N LEU K 253 -37.25 -2.04 -17.26
CA LEU K 253 -36.18 -1.39 -16.52
C LEU K 253 -36.81 -0.24 -15.74
N LEU K 254 -36.72 -0.30 -14.42
CA LEU K 254 -37.33 0.69 -13.55
C LEU K 254 -36.30 1.64 -12.98
N ASN K 255 -36.72 2.89 -12.78
CA ASN K 255 -35.94 3.90 -12.08
C ASN K 255 -34.55 4.08 -12.69
N GLY K 256 -34.46 4.03 -14.01
CA GLY K 256 -33.23 4.23 -14.73
C GLY K 256 -33.14 5.60 -15.36
N SER K 257 -32.22 5.74 -16.31
CA SER K 257 -32.03 6.98 -17.03
C SER K 257 -32.90 7.00 -18.28
N LEU K 258 -33.34 8.19 -18.65
CA LEU K 258 -34.09 8.42 -19.88
C LEU K 258 -33.18 8.98 -20.96
N ALA K 259 -33.51 8.64 -22.20
CA ALA K 259 -32.77 9.17 -23.35
C ALA K 259 -33.06 10.65 -23.54
N GLU K 260 -32.06 11.37 -24.04
CA GLU K 260 -32.18 12.82 -24.18
C GLU K 260 -33.17 13.20 -25.27
N GLU K 261 -33.16 12.51 -26.42
CA GLU K 261 -33.94 12.94 -27.57
C GLU K 261 -35.01 11.94 -28.00
N GLU K 262 -34.72 10.65 -28.03
CA GLU K 262 -35.67 9.68 -28.56
C GLU K 262 -35.35 8.30 -28.00
N VAL K 263 -36.26 7.37 -28.27
CA VAL K 263 -36.06 5.99 -27.84
C VAL K 263 -34.84 5.44 -28.55
N ILE K 264 -33.93 4.82 -27.78
CA ILE K 264 -32.68 4.30 -28.31
C ILE K 264 -32.74 2.78 -28.23
N ILE K 265 -32.58 2.13 -29.37
CA ILE K 265 -32.58 0.68 -29.50
C ILE K 265 -31.13 0.24 -29.53
N ARG K 266 -30.70 -0.53 -28.53
CA ARG K 266 -29.32 -0.97 -28.42
C ARG K 266 -29.27 -2.50 -28.43
N SER K 267 -28.43 -3.07 -29.29
CA SER K 267 -28.24 -4.51 -29.30
C SER K 267 -26.83 -4.80 -29.79
N GLU K 268 -26.27 -5.89 -29.27
CA GLU K 268 -24.94 -6.31 -29.71
C GLU K 268 -24.94 -6.67 -31.18
N ASN K 269 -26.00 -7.35 -31.64
CA ASN K 269 -26.14 -7.74 -33.03
C ASN K 269 -27.63 -7.66 -33.34
N ILE K 270 -28.03 -6.65 -34.12
CA ILE K 270 -29.44 -6.43 -34.35
C ILE K 270 -30.03 -7.52 -35.24
N THR K 271 -29.25 -8.05 -36.18
CA THR K 271 -29.69 -9.16 -37.04
C THR K 271 -29.36 -10.50 -36.39
N ASN K 272 -29.81 -10.66 -35.15
CA ASN K 272 -29.56 -11.88 -34.38
C ASN K 272 -30.66 -11.96 -33.33
N ASN K 273 -31.56 -12.93 -33.47
CA ASN K 273 -32.67 -13.02 -32.55
C ASN K 273 -32.24 -13.49 -31.17
N ALA K 274 -31.04 -14.05 -31.04
CA ALA K 274 -30.59 -14.58 -29.75
C ALA K 274 -29.98 -13.51 -28.86
N LYS K 275 -29.86 -12.26 -29.31
CA LYS K 275 -29.29 -11.18 -28.53
C LYS K 275 -30.41 -10.29 -28.00
N ASN K 276 -30.27 -9.88 -26.74
CA ASN K 276 -31.27 -9.02 -26.12
C ASN K 276 -31.18 -7.60 -26.67
N ILE K 277 -32.35 -6.99 -26.85
CA ILE K 277 -32.49 -5.62 -27.31
C ILE K 277 -32.84 -4.78 -26.09
N LEU K 278 -32.01 -3.80 -25.78
CA LEU K 278 -32.24 -2.88 -24.67
C LEU K 278 -32.82 -1.60 -25.25
N VAL K 279 -34.04 -1.27 -24.85
CA VAL K 279 -34.76 -0.12 -25.36
C VAL K 279 -34.76 0.92 -24.25
N GLN K 280 -34.10 2.05 -24.46
CA GLN K 280 -34.08 3.12 -23.48
C GLN K 280 -35.06 4.19 -23.94
N LEU K 281 -36.04 4.48 -23.11
CA LEU K 281 -37.08 5.44 -23.45
C LEU K 281 -36.60 6.85 -23.13
N ASN K 282 -37.13 7.82 -23.87
CA ASN K 282 -36.86 9.21 -23.57
C ASN K 282 -37.84 9.80 -22.57
N THR K 283 -39.01 9.19 -22.43
CA THR K 283 -39.98 9.56 -21.42
C THR K 283 -40.30 8.32 -20.63
N SER K 284 -40.53 8.49 -19.33
CA SER K 284 -40.84 7.35 -18.49
C SER K 284 -42.33 7.07 -18.53
N VAL K 285 -42.69 5.84 -18.17
CA VAL K 285 -44.10 5.45 -18.02
C VAL K 285 -44.28 5.12 -16.55
N GLN K 286 -45.23 5.79 -15.91
CA GLN K 286 -45.40 5.61 -14.48
C GLN K 286 -46.20 4.34 -14.23
N ILE K 287 -45.70 3.48 -13.34
CA ILE K 287 -46.36 2.22 -13.01
C ILE K 287 -46.59 2.19 -11.50
N ASN K 288 -47.85 2.00 -11.11
CA ASN K 288 -48.24 1.97 -9.70
C ASN K 288 -48.52 0.52 -9.32
N CYS K 289 -47.61 -0.08 -8.56
CA CYS K 289 -47.72 -1.47 -8.13
C CYS K 289 -48.23 -1.49 -6.71
N THR K 290 -49.13 -2.43 -6.39
CA THR K 290 -49.65 -2.48 -5.04
C THR K 290 -50.09 -3.90 -4.63
N ARG K 291 -50.05 -4.10 -3.32
CA ARG K 291 -50.58 -5.26 -2.60
C ARG K 291 -51.63 -4.64 -1.67
N PRO K 292 -52.92 -4.63 -2.08
CA PRO K 292 -53.92 -3.85 -1.34
C PRO K 292 -54.35 -4.42 0.02
N ASN K 293 -54.14 -5.70 0.32
CA ASN K 293 -54.68 -6.28 1.54
C ASN K 293 -53.86 -5.90 2.78
N ASN K 294 -54.53 -5.81 3.93
CA ASN K 294 -53.87 -5.34 5.15
C ASN K 294 -53.24 -6.52 5.86
N ASN K 295 -52.01 -6.84 5.49
CA ASN K 295 -51.30 -8.00 6.01
C ASN K 295 -50.79 -7.73 7.42
N THR K 296 -51.22 -8.56 8.39
CA THR K 296 -50.78 -8.46 9.77
C THR K 296 -49.71 -9.52 10.01
N VAL K 297 -48.52 -9.05 10.40
CA VAL K 297 -47.31 -9.87 10.52
C VAL K 297 -47.08 -10.20 11.99
N LYS K 298 -46.78 -11.46 12.26
CA LYS K 298 -46.45 -11.98 13.58
C LYS K 298 -45.04 -12.54 13.53
N SER K 299 -44.44 -12.76 14.71
CA SER K 299 -43.10 -13.32 14.77
C SER K 299 -42.98 -14.31 15.92
N ILE K 300 -42.08 -15.28 15.74
CA ILE K 300 -41.75 -16.28 16.74
C ILE K 300 -40.24 -16.42 16.80
N ARG K 301 -39.76 -16.95 17.92
CA ARG K 301 -38.38 -17.36 18.04
C ARG K 301 -38.28 -18.85 17.77
N ILE K 302 -37.29 -19.24 16.97
CA ILE K 302 -37.05 -20.62 16.58
C ILE K 302 -35.72 -21.14 17.12
N GLY K 303 -35.09 -20.40 18.02
CA GLY K 303 -33.82 -20.77 18.59
C GLY K 303 -33.29 -19.63 19.41
N PRO K 304 -32.11 -19.80 20.00
CA PRO K 304 -31.58 -18.71 20.82
C PRO K 304 -31.14 -17.53 19.97
N GLY K 305 -31.98 -16.50 19.92
CA GLY K 305 -31.72 -15.33 19.10
C GLY K 305 -32.13 -15.46 17.64
N GLN K 306 -32.83 -16.52 17.28
CA GLN K 306 -33.27 -16.77 15.91
C GLN K 306 -34.75 -16.44 15.81
N ALA K 307 -35.08 -15.25 15.31
CA ALA K 307 -36.46 -14.78 15.23
C ALA K 307 -36.97 -14.96 13.81
N PHE K 308 -38.11 -15.65 13.68
CA PHE K 308 -38.74 -15.91 12.40
C PHE K 308 -39.98 -15.04 12.23
N TYR K 309 -40.08 -14.38 11.08
CA TYR K 309 -41.22 -13.52 10.77
C TYR K 309 -42.08 -14.18 9.70
N TYR K 310 -43.40 -14.11 9.89
CA TYR K 310 -44.33 -14.78 9.00
C TYR K 310 -45.64 -14.00 8.99
N THR K 311 -46.43 -14.25 7.96
CA THR K 311 -47.75 -13.63 7.89
C THR K 311 -48.65 -14.23 8.95
N GLY K 312 -49.22 -13.38 9.77
CA GLY K 312 -50.12 -13.81 10.82
C GLY K 312 -51.52 -13.95 10.30
N ASP K 313 -52.06 -12.87 9.77
CA ASP K 313 -53.42 -12.87 9.25
C ASP K 313 -53.54 -11.78 8.20
N ILE K 314 -54.71 -11.70 7.58
CA ILE K 314 -55.03 -10.67 6.61
C ILE K 314 -56.27 -9.97 7.10
N ILE K 315 -56.16 -8.66 7.26
CA ILE K 315 -57.29 -7.81 7.59
C ILE K 315 -57.85 -7.27 6.29
N GLY K 316 -59.16 -7.40 6.14
CA GLY K 316 -59.87 -7.03 4.94
C GLY K 316 -59.89 -8.15 3.93
N ASP K 317 -60.35 -7.80 2.74
CA ASP K 317 -60.49 -8.77 1.67
C ASP K 317 -59.12 -9.19 1.16
N ILE K 318 -59.05 -10.40 0.62
CA ILE K 318 -57.86 -10.90 -0.04
C ILE K 318 -58.04 -10.61 -1.53
N ARG K 319 -57.15 -9.79 -2.08
CA ARG K 319 -57.21 -9.37 -3.46
C ARG K 319 -55.85 -9.60 -4.09
N GLN K 320 -55.84 -9.77 -5.41
CA GLN K 320 -54.58 -10.00 -6.11
C GLN K 320 -53.79 -8.70 -6.20
N ALA K 321 -52.48 -8.79 -6.00
CA ALA K 321 -51.63 -7.64 -6.18
C ALA K 321 -51.62 -7.28 -7.66
N HIS K 322 -51.42 -6.00 -7.97
CA HIS K 322 -51.53 -5.59 -9.37
C HIS K 322 -50.73 -4.33 -9.62
N CYS K 323 -50.50 -4.06 -10.91
CA CYS K 323 -49.88 -2.82 -11.37
C CYS K 323 -50.80 -2.09 -12.31
N ASN K 324 -50.86 -0.78 -12.15
CA ASN K 324 -51.62 0.10 -13.02
C ASN K 324 -50.65 0.90 -13.87
N VAL K 325 -50.73 0.71 -15.19
CA VAL K 325 -49.93 1.43 -16.17
C VAL K 325 -50.90 2.16 -17.09
N SER K 326 -50.70 3.48 -17.26
CA SER K 326 -51.59 4.28 -18.09
C SER K 326 -51.62 3.77 -19.52
N LYS K 327 -52.83 3.62 -20.06
CA LYS K 327 -52.99 3.01 -21.37
C LYS K 327 -52.50 3.91 -22.49
N ALA K 328 -52.86 5.20 -22.46
CA ALA K 328 -52.45 6.09 -23.54
C ALA K 328 -50.95 6.30 -23.54
N THR K 329 -50.35 6.44 -22.36
CA THR K 329 -48.91 6.65 -22.27
C THR K 329 -48.17 5.42 -22.76
N TRP K 330 -48.62 4.23 -22.35
CA TRP K 330 -47.98 3.01 -22.81
C TRP K 330 -48.16 2.81 -24.32
N ASN K 331 -49.35 3.14 -24.83
CA ASN K 331 -49.58 3.00 -26.27
C ASN K 331 -48.65 3.91 -27.07
N GLU K 332 -48.47 5.15 -26.62
CA GLU K 332 -47.52 6.04 -27.29
C GLU K 332 -46.09 5.53 -27.16
N THR K 333 -45.74 4.97 -26.01
CA THR K 333 -44.41 4.41 -25.82
C THR K 333 -44.17 3.27 -26.80
N LEU K 334 -45.15 2.39 -26.98
CA LEU K 334 -44.99 1.32 -27.95
C LEU K 334 -44.93 1.87 -29.36
N GLY K 335 -45.66 2.93 -29.66
CA GLY K 335 -45.54 3.54 -30.99
C GLY K 335 -44.14 4.06 -31.27
N LYS K 336 -43.51 4.68 -30.27
CA LYS K 336 -42.14 5.15 -30.43
C LYS K 336 -41.16 3.99 -30.59
N VAL K 337 -41.35 2.93 -29.83
CA VAL K 337 -40.48 1.76 -29.96
C VAL K 337 -40.66 1.13 -31.34
N VAL K 338 -41.89 1.07 -31.83
CA VAL K 338 -42.16 0.52 -33.15
C VAL K 338 -41.50 1.35 -34.25
N LYS K 339 -41.56 2.69 -34.15
CA LYS K 339 -40.87 3.50 -35.14
C LYS K 339 -39.36 3.26 -35.13
N GLN K 340 -38.77 3.15 -33.93
CA GLN K 340 -37.33 2.93 -33.87
C GLN K 340 -36.95 1.53 -34.32
N LEU K 341 -37.83 0.54 -34.10
CA LEU K 341 -37.56 -0.80 -34.63
C LEU K 341 -37.71 -0.84 -36.14
N ARG K 342 -38.68 -0.10 -36.69
CA ARG K 342 -38.83 -0.02 -38.14
C ARG K 342 -37.60 0.63 -38.78
N LYS K 343 -36.96 1.56 -38.08
CA LYS K 343 -35.71 2.11 -38.60
C LYS K 343 -34.62 1.06 -38.79
N HIS K 344 -34.70 -0.08 -38.09
CA HIS K 344 -33.72 -1.15 -38.23
C HIS K 344 -34.21 -2.35 -39.02
N PHE K 345 -35.53 -2.58 -39.06
CA PHE K 345 -36.12 -3.75 -39.72
C PHE K 345 -36.93 -3.46 -40.97
N GLY K 346 -37.16 -2.19 -41.32
CA GLY K 346 -37.91 -1.84 -42.51
C GLY K 346 -39.20 -1.09 -42.24
N ASN K 347 -39.51 -0.11 -43.09
CA ASN K 347 -40.69 0.72 -42.90
C ASN K 347 -41.99 -0.06 -43.13
N ASN K 348 -41.96 -1.11 -43.94
CA ASN K 348 -43.14 -1.89 -44.28
C ASN K 348 -43.22 -3.22 -43.52
N THR K 349 -42.40 -3.39 -42.49
CA THR K 349 -42.41 -4.61 -41.69
C THR K 349 -43.45 -4.45 -40.58
N ILE K 350 -44.31 -5.45 -40.45
CA ILE K 350 -45.35 -5.43 -39.41
C ILE K 350 -44.70 -5.85 -38.11
N ILE K 351 -44.85 -5.02 -37.08
CA ILE K 351 -44.28 -5.29 -35.76
C ILE K 351 -45.43 -5.58 -34.81
N ARG K 352 -45.35 -6.73 -34.15
CA ARG K 352 -46.32 -7.15 -33.16
C ARG K 352 -45.60 -7.57 -31.90
N PHE K 353 -46.29 -7.47 -30.77
CA PHE K 353 -45.76 -7.83 -29.46
C PHE K 353 -46.59 -8.96 -28.87
N ALA K 354 -45.92 -9.84 -28.12
CA ALA K 354 -46.56 -10.94 -27.44
C ALA K 354 -45.83 -11.17 -26.13
N GLN K 355 -46.48 -11.89 -25.22
CA GLN K 355 -45.83 -12.16 -23.95
C GLN K 355 -44.77 -13.23 -24.13
N SER K 356 -44.09 -13.57 -23.04
CA SER K 356 -43.00 -14.54 -23.13
C SER K 356 -43.53 -15.90 -23.56
N SER K 357 -42.74 -16.61 -24.35
CA SER K 357 -43.17 -17.89 -24.88
C SER K 357 -43.14 -19.00 -23.84
N GLY K 358 -42.35 -18.84 -22.79
CA GLY K 358 -42.24 -19.88 -21.79
C GLY K 358 -41.08 -19.62 -20.87
N GLY K 359 -40.92 -20.52 -19.91
CA GLY K 359 -39.91 -20.42 -18.88
C GLY K 359 -40.53 -20.25 -17.52
N ASP K 360 -39.68 -20.04 -16.52
CA ASP K 360 -40.14 -19.91 -15.15
C ASP K 360 -40.56 -18.46 -14.90
N LEU K 361 -41.00 -18.19 -13.67
CA LEU K 361 -41.49 -16.85 -13.33
C LEU K 361 -40.41 -15.78 -13.48
N GLU K 362 -39.15 -16.14 -13.25
CA GLU K 362 -38.09 -15.14 -13.35
C GLU K 362 -37.92 -14.58 -14.76
N VAL K 363 -38.40 -15.27 -15.79
CA VAL K 363 -38.29 -14.79 -17.16
C VAL K 363 -39.63 -14.55 -17.84
N THR K 364 -40.71 -15.23 -17.42
CA THR K 364 -42.00 -15.04 -18.06
C THR K 364 -42.81 -13.89 -17.47
N THR K 365 -42.47 -13.43 -16.28
CA THR K 365 -43.13 -12.32 -15.62
C THR K 365 -42.14 -11.19 -15.38
N HIS K 366 -42.70 -10.04 -15.03
CA HIS K 366 -41.93 -8.88 -14.61
C HIS K 366 -41.68 -8.99 -13.10
N SER K 367 -40.46 -9.34 -12.74
CA SER K 367 -40.08 -9.64 -11.37
C SER K 367 -39.37 -8.44 -10.76
N PHE K 368 -39.93 -7.88 -9.68
CA PHE K 368 -39.30 -6.71 -9.09
C PHE K 368 -39.61 -6.61 -7.60
N ASN K 369 -38.80 -5.82 -6.92
CA ASN K 369 -38.92 -5.58 -5.49
C ASN K 369 -39.76 -4.31 -5.27
N CYS K 370 -40.92 -4.48 -4.67
CA CYS K 370 -41.84 -3.38 -4.33
C CYS K 370 -41.89 -3.27 -2.82
N GLY K 371 -41.09 -2.36 -2.27
CA GLY K 371 -41.14 -2.10 -0.85
C GLY K 371 -40.72 -3.24 0.03
N GLY K 372 -39.88 -4.14 -0.48
CA GLY K 372 -39.48 -5.34 0.23
C GLY K 372 -40.22 -6.60 -0.16
N GLU K 373 -41.34 -6.51 -0.86
CA GLU K 373 -42.03 -7.69 -1.34
C GLU K 373 -41.60 -7.97 -2.78
N PHE K 374 -41.60 -9.24 -3.16
CA PHE K 374 -41.17 -9.65 -4.49
C PHE K 374 -42.38 -9.98 -5.35
N PHE K 375 -42.65 -9.08 -6.31
CA PHE K 375 -43.78 -9.13 -7.21
C PHE K 375 -43.35 -9.79 -8.50
N TYR K 376 -44.24 -10.59 -9.08
CA TYR K 376 -44.06 -11.28 -10.36
C TYR K 376 -45.29 -10.98 -11.20
N CYS K 377 -45.25 -9.89 -11.96
CA CYS K 377 -46.40 -9.35 -12.64
C CYS K 377 -46.54 -9.87 -14.07
N ASN K 378 -47.78 -10.09 -14.48
CA ASN K 378 -48.12 -10.58 -15.81
C ASN K 378 -48.14 -9.40 -16.78
N THR K 379 -47.21 -9.38 -17.73
CA THR K 379 -47.09 -8.27 -18.67
C THR K 379 -47.80 -8.52 -19.98
N SER K 380 -48.66 -9.54 -20.06
CA SER K 380 -49.42 -9.76 -21.29
C SER K 380 -50.39 -8.63 -21.57
N GLY K 381 -50.71 -7.80 -20.57
CA GLY K 381 -51.55 -6.65 -20.83
C GLY K 381 -50.83 -5.48 -21.46
N LEU K 382 -49.50 -5.53 -21.52
CA LEU K 382 -48.69 -4.48 -22.13
C LEU K 382 -48.16 -4.88 -23.50
N PHE K 383 -47.57 -6.07 -23.59
CA PHE K 383 -46.98 -6.55 -24.84
C PHE K 383 -47.98 -7.41 -25.61
N ASN K 384 -49.06 -6.77 -26.01
CA ASN K 384 -50.15 -7.40 -26.78
C ASN K 384 -50.66 -6.40 -27.79
N SER K 385 -50.01 -6.36 -28.97
CA SER K 385 -50.42 -5.43 -30.00
C SER K 385 -49.84 -5.88 -31.34
N THR K 386 -50.51 -5.46 -32.40
CA THR K 386 -49.98 -5.61 -33.75
C THR K 386 -50.06 -4.24 -34.42
N TRP K 387 -48.93 -3.78 -34.95
CA TRP K 387 -48.81 -2.47 -35.56
C TRP K 387 -48.69 -2.55 -37.08
N SER K 404 -56.83 2.67 -17.89
CA SER K 404 -55.59 2.12 -17.33
C SER K 404 -55.51 0.61 -17.56
N ILE K 405 -54.29 0.14 -17.74
CA ILE K 405 -54.01 -1.28 -17.94
C ILE K 405 -53.64 -1.86 -16.57
N THR K 406 -54.36 -2.90 -16.17
CA THR K 406 -54.15 -3.57 -14.89
C THR K 406 -53.45 -4.89 -15.16
N LEU K 407 -52.29 -5.08 -14.53
CA LEU K 407 -51.48 -6.28 -14.67
C LEU K 407 -51.57 -7.10 -13.39
N PRO K 408 -52.07 -8.33 -13.40
CA PRO K 408 -52.08 -9.12 -12.16
C PRO K 408 -50.68 -9.54 -11.76
N CYS K 409 -50.45 -9.64 -10.45
CA CYS K 409 -49.15 -9.99 -9.92
C CYS K 409 -49.25 -11.08 -8.88
N ARG K 410 -48.29 -11.99 -8.92
CA ARG K 410 -48.09 -12.99 -7.90
C ARG K 410 -47.01 -12.48 -6.97
N ILE K 411 -46.99 -12.96 -5.73
CA ILE K 411 -46.00 -12.55 -4.75
C ILE K 411 -45.29 -13.80 -4.24
N LYS K 412 -43.97 -13.75 -4.16
CA LYS K 412 -43.19 -14.85 -3.61
C LYS K 412 -42.40 -14.40 -2.39
N GLN K 413 -42.17 -15.33 -1.48
CA GLN K 413 -41.35 -15.11 -0.30
C GLN K 413 -39.99 -15.81 -0.35
N ILE K 414 -39.89 -16.95 -1.02
CA ILE K 414 -38.65 -17.68 -1.15
C ILE K 414 -38.09 -17.36 -2.53
N ILE K 415 -36.99 -16.61 -2.55
CA ILE K 415 -36.45 -16.00 -3.76
C ILE K 415 -35.09 -16.62 -4.06
N ASN K 416 -34.86 -16.92 -5.34
CA ASN K 416 -33.60 -17.47 -5.85
C ASN K 416 -33.10 -16.52 -6.94
N MET K 417 -32.33 -15.51 -6.54
CA MET K 417 -31.93 -14.48 -7.47
C MET K 417 -30.71 -14.90 -8.28
N TRP K 418 -30.59 -14.31 -9.47
CA TRP K 418 -29.45 -14.50 -10.37
C TRP K 418 -29.24 -15.95 -10.75
N GLN K 419 -30.34 -16.69 -10.92
CA GLN K 419 -30.33 -18.08 -11.35
C GLN K 419 -29.50 -18.99 -10.45
N ARG K 420 -29.31 -18.63 -9.19
CA ARG K 420 -28.58 -19.48 -8.26
C ARG K 420 -29.56 -20.43 -7.56
N ILE K 421 -29.06 -21.61 -7.23
CA ILE K 421 -29.85 -22.66 -6.58
C ILE K 421 -29.48 -22.80 -5.11
N GLY K 422 -28.19 -22.85 -4.81
CA GLY K 422 -27.76 -23.25 -3.47
C GLY K 422 -28.09 -22.28 -2.35
N GLN K 423 -28.37 -21.02 -2.66
CA GLN K 423 -28.65 -20.00 -1.65
C GLN K 423 -30.06 -19.44 -1.84
N ALA K 424 -31.04 -19.97 -1.10
CA ALA K 424 -32.39 -19.44 -1.18
C ALA K 424 -32.54 -18.41 -0.07
N MET K 425 -33.33 -17.37 -0.35
CA MET K 425 -33.57 -16.30 0.60
C MET K 425 -35.06 -16.22 0.86
N TYR K 426 -35.42 -16.01 2.12
CA TYR K 426 -36.80 -15.84 2.55
C TYR K 426 -37.02 -14.37 2.88
N ALA K 427 -37.91 -13.74 2.13
CA ALA K 427 -38.23 -12.33 2.38
C ALA K 427 -39.36 -12.28 3.40
N PRO K 428 -39.15 -11.72 4.61
CA PRO K 428 -40.24 -11.70 5.58
C PRO K 428 -41.34 -10.76 5.13
N PRO K 429 -42.60 -11.04 5.50
CA PRO K 429 -43.69 -10.14 5.11
C PRO K 429 -43.60 -8.83 5.87
N ILE K 430 -44.10 -7.77 5.24
CA ILE K 430 -44.06 -6.42 5.78
C ILE K 430 -45.48 -5.98 6.11
N GLN K 431 -45.64 -5.45 7.32
CA GLN K 431 -46.94 -5.07 7.86
C GLN K 431 -47.66 -4.04 6.99
N GLY K 432 -48.93 -4.30 6.74
CA GLY K 432 -49.80 -3.35 6.07
C GLY K 432 -49.91 -3.47 4.57
N VAL K 433 -50.50 -2.42 4.02
CA VAL K 433 -50.82 -2.31 2.60
C VAL K 433 -49.62 -1.68 1.92
N ILE K 434 -49.17 -2.28 0.80
CA ILE K 434 -47.94 -1.85 0.15
C ILE K 434 -48.29 -1.24 -1.20
N ARG K 435 -47.77 -0.03 -1.44
CA ARG K 435 -47.87 0.61 -2.74
C ARG K 435 -46.51 1.21 -3.06
N CYS K 436 -46.06 1.03 -4.30
CA CYS K 436 -44.83 1.63 -4.77
C CYS K 436 -45.09 2.18 -6.17
N VAL K 437 -44.48 3.31 -6.48
CA VAL K 437 -44.62 3.98 -7.77
C VAL K 437 -43.25 4.01 -8.41
N SER K 438 -43.13 3.41 -9.59
CA SER K 438 -41.86 3.32 -10.30
C SER K 438 -42.00 3.97 -11.67
N ASN K 439 -40.85 4.34 -12.22
CA ASN K 439 -40.75 4.89 -13.56
C ASN K 439 -40.20 3.81 -14.46
N ILE K 440 -40.93 3.46 -15.52
CA ILE K 440 -40.45 2.53 -16.53
C ILE K 440 -39.64 3.37 -17.49
N THR K 441 -38.33 3.14 -17.52
CA THR K 441 -37.41 3.91 -18.34
C THR K 441 -36.86 3.10 -19.49
N GLY K 442 -37.04 1.78 -19.49
CA GLY K 442 -36.55 0.97 -20.58
C GLY K 442 -37.16 -0.42 -20.55
N LEU K 443 -36.96 -1.11 -21.66
CA LEU K 443 -37.49 -2.45 -21.90
C LEU K 443 -36.34 -3.36 -22.32
N ILE K 444 -36.50 -4.66 -22.06
CA ILE K 444 -35.67 -5.68 -22.66
C ILE K 444 -36.58 -6.51 -23.56
N LEU K 445 -36.26 -6.53 -24.86
CA LEU K 445 -37.02 -7.27 -25.85
C LEU K 445 -36.14 -8.32 -26.51
N THR K 446 -36.78 -9.40 -26.98
CA THR K 446 -36.15 -10.43 -27.79
C THR K 446 -37.04 -10.62 -29.01
N ARG K 447 -36.52 -11.35 -29.99
CA ARG K 447 -37.21 -11.62 -31.24
C ARG K 447 -37.44 -13.11 -31.42
N ASP K 448 -38.52 -13.42 -32.14
CA ASP K 448 -38.79 -14.81 -32.52
C ASP K 448 -37.88 -15.25 -33.66
N GLY K 449 -37.58 -14.35 -34.59
CA GLY K 449 -36.76 -14.71 -35.73
C GLY K 449 -37.53 -15.51 -36.77
N GLY K 450 -36.76 -16.19 -37.62
CA GLY K 450 -37.35 -16.97 -38.70
C GLY K 450 -37.96 -16.11 -39.79
N SER K 454 -41.81 -13.75 -44.77
CA SER K 454 -41.54 -13.29 -43.41
C SER K 454 -41.45 -11.77 -43.35
N THR K 455 -42.59 -11.10 -43.49
CA THR K 455 -42.67 -9.64 -43.47
C THR K 455 -43.11 -9.11 -42.11
N THR K 456 -43.36 -9.98 -41.13
CA THR K 456 -43.81 -9.59 -39.81
C THR K 456 -42.79 -10.09 -38.80
N GLU K 457 -42.40 -9.22 -37.86
CA GLU K 457 -41.43 -9.54 -36.83
C GLU K 457 -42.09 -9.38 -35.48
N THR K 458 -42.01 -10.44 -34.65
CA THR K 458 -42.64 -10.49 -33.35
C THR K 458 -41.60 -10.30 -32.25
N PHE K 459 -41.88 -9.38 -31.33
CA PHE K 459 -41.02 -9.09 -30.20
C PHE K 459 -41.69 -9.55 -28.91
N ARG K 460 -40.89 -10.08 -28.00
CA ARG K 460 -41.37 -10.56 -26.71
C ARG K 460 -40.50 -9.99 -25.60
N PRO K 461 -41.01 -9.85 -24.38
CA PRO K 461 -40.14 -9.42 -23.28
C PRO K 461 -39.02 -10.41 -23.00
N GLY K 462 -37.87 -9.85 -22.59
CA GLY K 462 -36.73 -10.62 -22.18
C GLY K 462 -36.44 -10.42 -20.70
N GLY K 463 -35.29 -10.93 -20.28
CA GLY K 463 -34.91 -10.83 -18.88
C GLY K 463 -33.98 -11.97 -18.50
N GLY K 464 -33.94 -12.23 -17.19
CA GLY K 464 -33.12 -13.28 -16.65
C GLY K 464 -31.69 -12.87 -16.33
N ASP K 465 -30.97 -12.38 -17.33
CA ASP K 465 -29.58 -11.95 -17.15
C ASP K 465 -29.59 -10.52 -16.64
N MET K 466 -29.28 -10.33 -15.36
CA MET K 466 -29.37 -9.00 -14.76
C MET K 466 -28.27 -8.08 -15.25
N ARG K 467 -27.24 -8.59 -15.93
CA ARG K 467 -26.23 -7.71 -16.48
C ARG K 467 -26.81 -6.80 -17.56
N ASP K 468 -27.91 -7.22 -18.19
CA ASP K 468 -28.60 -6.36 -19.14
C ASP K 468 -29.35 -5.23 -18.46
N ASN K 469 -29.53 -5.27 -17.14
CA ASN K 469 -30.10 -4.17 -16.39
C ASN K 469 -29.07 -3.14 -15.96
N TRP K 470 -27.79 -3.46 -16.09
CA TRP K 470 -26.69 -2.58 -15.73
C TRP K 470 -25.93 -2.10 -16.96
N ARG K 471 -26.00 -2.85 -18.06
CA ARG K 471 -25.54 -2.30 -19.33
C ARG K 471 -26.41 -1.13 -19.74
N SER K 472 -27.67 -1.11 -19.28
CA SER K 472 -28.56 0.01 -19.57
C SER K 472 -28.13 1.29 -18.89
N GLU K 473 -27.27 1.21 -17.88
CA GLU K 473 -26.68 2.36 -17.22
C GLU K 473 -25.20 2.52 -17.50
N LEU K 474 -24.45 1.43 -17.49
CA LEU K 474 -23.03 1.46 -17.81
C LEU K 474 -22.79 1.26 -19.30
N TYR K 475 -23.43 2.10 -20.12
CA TYR K 475 -23.24 2.08 -21.57
C TYR K 475 -22.43 3.26 -22.05
N LYS K 476 -22.43 4.36 -21.30
CA LYS K 476 -21.73 5.57 -21.68
C LYS K 476 -20.37 5.68 -21.01
N TYR K 477 -19.99 4.73 -20.16
CA TYR K 477 -18.74 4.80 -19.41
C TYR K 477 -17.75 3.76 -19.91
N LYS K 478 -16.49 4.17 -19.98
CA LYS K 478 -15.40 3.32 -20.38
C LYS K 478 -14.24 3.58 -19.44
N VAL K 479 -13.53 2.53 -19.04
CA VAL K 479 -12.37 2.67 -18.17
C VAL K 479 -11.13 2.65 -19.05
N VAL K 480 -10.27 3.66 -18.90
CA VAL K 480 -9.04 3.76 -19.66
C VAL K 480 -7.87 3.98 -18.71
N LYS K 481 -6.73 3.42 -19.09
CA LYS K 481 -5.47 3.57 -18.37
C LYS K 481 -4.71 4.75 -18.94
N ILE K 482 -4.18 5.60 -18.07
CA ILE K 482 -3.41 6.76 -18.49
C ILE K 482 -1.96 6.34 -18.67
N GLU K 483 -1.37 6.71 -19.80
CA GLU K 483 0.00 6.34 -20.17
C GLU K 483 0.78 7.66 -20.27
N PRO K 484 1.25 8.20 -19.14
CA PRO K 484 1.79 9.58 -19.15
C PRO K 484 3.12 9.71 -19.86
N LEU K 485 3.80 8.62 -20.19
CA LEU K 485 5.14 8.66 -20.75
C LEU K 485 5.08 8.48 -22.25
N GLY K 486 5.84 9.30 -22.98
CA GLY K 486 5.90 9.18 -24.43
C GLY K 486 7.12 9.87 -24.96
N VAL K 487 7.37 9.69 -26.26
CA VAL K 487 8.54 10.23 -26.92
C VAL K 487 8.08 10.98 -28.16
N ALA K 488 8.86 12.00 -28.55
CA ALA K 488 8.51 12.75 -29.75
C ALA K 488 9.76 13.43 -30.28
N PRO K 489 9.87 13.66 -31.59
CA PRO K 489 11.03 14.39 -32.10
C PRO K 489 10.95 15.88 -31.81
N THR K 490 12.09 16.43 -31.42
CA THR K 490 12.28 17.86 -31.27
C THR K 490 13.68 18.16 -31.78
N ARG K 491 14.06 19.43 -31.77
CA ARG K 491 15.43 19.79 -32.12
C ARG K 491 16.32 19.89 -30.89
N CYS K 492 15.88 19.37 -29.76
CA CYS K 492 16.56 19.56 -28.49
C CYS K 492 17.58 18.44 -28.28
N LYS K 493 18.85 18.80 -28.31
CA LYS K 493 19.97 17.88 -28.09
C LYS K 493 20.51 18.09 -26.68
N ARG K 494 20.61 17.00 -25.92
CA ARG K 494 21.11 17.11 -24.54
C ARG K 494 22.54 17.64 -24.48
N ARG K 495 23.41 17.14 -25.36
CA ARG K 495 24.82 17.53 -25.36
C ARG K 495 25.53 16.95 -26.58
N SER L 8 -4.76 24.96 -17.29
CA SER L 8 -6.00 25.25 -16.57
C SER L 8 -7.19 24.55 -17.19
N LEU L 9 -6.95 23.56 -18.05
CA LEU L 9 -8.02 22.83 -18.73
C LEU L 9 -8.48 21.62 -17.94
N GLY L 10 -7.83 21.27 -16.84
CA GLY L 10 -8.20 20.10 -16.09
C GLY L 10 -7.45 18.86 -16.54
N PHE L 11 -7.70 17.77 -15.82
CA PHE L 11 -7.03 16.51 -16.11
C PHE L 11 -7.45 16.01 -17.48
N LEU L 12 -6.48 15.79 -18.36
CA LEU L 12 -6.69 15.39 -19.75
C LEU L 12 -7.46 16.41 -20.57
N GLY L 13 -7.60 17.65 -20.09
CA GLY L 13 -8.34 18.64 -20.88
C GLY L 13 -7.67 18.91 -22.21
N ALA L 14 -6.35 18.73 -22.26
CA ALA L 14 -5.55 18.93 -23.45
C ALA L 14 -5.46 17.67 -24.31
N ALA L 15 -6.21 16.63 -23.98
CA ALA L 15 -6.12 15.36 -24.71
C ALA L 15 -6.43 15.55 -26.19
N GLY L 16 -7.35 16.45 -26.51
CA GLY L 16 -7.67 16.75 -27.88
C GLY L 16 -6.93 17.93 -28.46
N SER L 17 -6.03 18.54 -27.69
CA SER L 17 -5.22 19.64 -28.18
C SER L 17 -4.01 19.10 -28.94
N THR L 18 -3.35 19.98 -29.67
CA THR L 18 -2.17 19.56 -30.40
C THR L 18 -1.03 19.29 -29.43
N MET L 19 -0.03 18.54 -29.91
CA MET L 19 1.07 18.14 -29.06
C MET L 19 1.84 19.34 -28.51
N GLY L 20 2.03 20.36 -29.34
CA GLY L 20 2.69 21.57 -28.87
C GLY L 20 1.90 22.30 -27.81
N ALA L 21 0.58 22.26 -27.88
CA ALA L 21 -0.25 22.89 -26.86
C ALA L 21 -0.43 21.97 -25.66
N ALA L 22 -0.52 20.66 -25.90
CA ALA L 22 -0.71 19.72 -24.81
C ALA L 22 0.54 19.57 -23.94
N SER L 23 1.73 19.89 -24.47
CA SER L 23 2.94 19.82 -23.67
C SER L 23 3.01 20.88 -22.57
N MET L 24 2.11 21.85 -22.55
CA MET L 24 2.08 22.85 -21.49
C MET L 24 1.29 22.39 -20.28
N THR L 25 0.68 21.20 -20.32
CA THR L 25 -0.17 20.67 -19.26
C THR L 25 0.42 19.41 -18.64
N LEU L 26 1.73 19.22 -18.72
CA LEU L 26 2.35 18.00 -18.22
C LEU L 26 2.19 17.84 -16.71
N THR L 27 2.19 18.94 -15.96
CA THR L 27 2.00 18.83 -14.52
C THR L 27 0.55 18.53 -14.14
N VAL L 28 -0.41 18.89 -14.99
CA VAL L 28 -1.81 18.62 -14.68
C VAL L 28 -2.08 17.12 -14.76
N GLN L 29 -1.53 16.45 -15.76
CA GLN L 29 -1.66 15.00 -15.83
C GLN L 29 -0.74 14.30 -14.84
N ALA L 30 0.47 14.83 -14.63
CA ALA L 30 1.40 14.19 -13.72
C ALA L 30 0.89 14.16 -12.29
N ARG L 31 0.23 15.22 -11.83
CA ARG L 31 -0.20 15.27 -10.44
C ARG L 31 -1.41 14.42 -10.13
N ASN L 32 -2.05 13.81 -11.14
CA ASN L 32 -3.21 12.95 -10.96
C ASN L 32 -2.90 11.47 -11.14
N LEU L 33 -1.61 11.10 -11.11
CA LEU L 33 -1.22 9.71 -11.27
C LEU L 33 -1.16 8.96 -9.95
N LEU L 34 -0.94 9.67 -8.84
CA LEU L 34 -0.89 9.05 -7.52
C LEU L 34 -2.21 9.11 -6.77
N SER L 35 -3.06 10.09 -7.05
CA SER L 35 -4.33 10.20 -6.33
C SER L 35 -5.30 11.08 -7.11
N GLY L 61 -11.90 -4.57 0.76
CA GLY L 61 -10.68 -4.11 1.40
C GLY L 61 -9.43 -4.45 0.59
N ILE L 62 -9.20 -5.74 0.37
CA ILE L 62 -8.02 -6.14 -0.40
C ILE L 62 -8.13 -5.70 -1.85
N LYS L 63 -9.36 -5.52 -2.34
CA LYS L 63 -9.56 -5.01 -3.70
C LYS L 63 -8.97 -3.61 -3.83
N GLN L 64 -9.15 -2.78 -2.79
CA GLN L 64 -8.68 -1.41 -2.85
C GLN L 64 -7.17 -1.34 -2.62
N LEU L 65 -6.63 -2.24 -1.80
CA LEU L 65 -5.18 -2.30 -1.65
C LEU L 65 -4.52 -2.78 -2.95
N GLN L 66 -5.15 -3.71 -3.65
CA GLN L 66 -4.61 -4.11 -4.94
C GLN L 66 -4.63 -2.94 -5.92
N ALA L 67 -5.71 -2.15 -5.91
CA ALA L 67 -5.75 -0.99 -6.78
C ALA L 67 -4.68 0.03 -6.43
N ARG L 68 -4.47 0.28 -5.13
CA ARG L 68 -3.46 1.26 -4.72
C ARG L 68 -2.05 0.78 -5.02
N VAL L 69 -1.78 -0.50 -4.78
CA VAL L 69 -0.46 -1.06 -5.05
C VAL L 69 -0.19 -1.04 -6.55
N LEU L 70 -1.18 -1.36 -7.37
CA LEU L 70 -0.96 -1.30 -8.82
C LEU L 70 -0.70 0.13 -9.28
N ALA L 71 -1.40 1.11 -8.72
CA ALA L 71 -1.11 2.50 -9.08
C ALA L 71 0.32 2.89 -8.68
N VAL L 72 0.76 2.47 -7.51
CA VAL L 72 2.13 2.77 -7.07
C VAL L 72 3.14 2.06 -7.97
N GLU L 73 2.89 0.80 -8.31
CA GLU L 73 3.81 0.06 -9.17
C GLU L 73 3.92 0.67 -10.56
N HIS L 74 2.80 1.14 -11.12
CA HIS L 74 2.88 1.78 -12.44
C HIS L 74 3.65 3.09 -12.37
N TYR L 75 3.40 3.88 -11.33
CA TYR L 75 4.15 5.12 -11.15
C TYR L 75 5.65 4.84 -11.01
N LEU L 76 6.01 3.88 -10.16
CA LEU L 76 7.42 3.60 -9.95
C LEU L 76 8.09 3.01 -11.17
N ARG L 77 7.38 2.19 -11.96
CA ARG L 77 7.99 1.70 -13.19
C ARG L 77 8.24 2.84 -14.15
N ASP L 78 7.33 3.81 -14.23
CA ASP L 78 7.57 4.95 -15.11
C ASP L 78 8.71 5.82 -14.60
N GLN L 79 8.80 6.02 -13.29
CA GLN L 79 9.89 6.84 -12.73
C GLN L 79 11.24 6.15 -12.85
N GLN L 80 11.27 4.83 -12.67
CA GLN L 80 12.53 4.10 -12.86
C GLN L 80 12.95 4.15 -14.31
N LEU L 81 12.00 4.02 -15.22
CA LEU L 81 12.32 4.07 -16.63
C LEU L 81 12.85 5.45 -17.03
N LEU L 82 12.27 6.51 -16.47
CA LEU L 82 12.85 7.83 -16.69
C LEU L 82 14.24 7.96 -16.09
N GLY L 83 14.46 7.39 -14.91
CA GLY L 83 15.78 7.46 -14.29
C GLY L 83 16.84 6.74 -15.09
N ILE L 84 16.51 5.59 -15.66
CA ILE L 84 17.45 4.83 -16.48
C ILE L 84 17.90 5.66 -17.67
N TRP L 85 17.00 6.47 -18.22
CA TRP L 85 17.30 7.32 -19.37
C TRP L 85 18.03 8.61 -18.99
N GLY L 86 18.26 8.88 -17.72
CA GLY L 86 18.85 10.13 -17.30
C GLY L 86 17.88 11.29 -17.28
N CYS L 87 16.59 11.00 -17.16
CA CYS L 87 15.52 11.99 -17.21
C CYS L 87 14.85 12.19 -15.85
N SER L 88 15.45 11.70 -14.77
CA SER L 88 14.82 11.80 -13.46
C SER L 88 14.66 13.26 -13.04
N GLY L 89 13.47 13.57 -12.51
CA GLY L 89 13.18 14.90 -12.02
C GLY L 89 12.72 15.88 -13.07
N LYS L 90 12.57 15.47 -14.33
CA LYS L 90 12.15 16.34 -15.41
C LYS L 90 10.92 15.76 -16.11
N LEU L 91 10.04 16.65 -16.53
CA LEU L 91 8.88 16.28 -17.34
C LEU L 91 9.17 16.40 -18.83
N ILE L 92 10.05 17.29 -19.23
CA ILE L 92 10.52 17.42 -20.60
C ILE L 92 12.01 17.12 -20.54
N CYS L 93 12.42 15.98 -21.09
CA CYS L 93 13.80 15.51 -21.03
C CYS L 93 14.35 15.40 -22.44
N CYS L 94 15.39 16.17 -22.72
CA CYS L 94 16.07 16.11 -24.01
C CYS L 94 17.14 15.03 -23.94
N THR L 95 17.33 14.32 -25.05
CA THR L 95 18.24 13.18 -25.10
C THR L 95 19.22 13.34 -26.24
N ASN L 96 20.14 12.38 -26.36
CA ASN L 96 21.14 12.33 -27.42
C ASN L 96 20.85 11.22 -28.43
N VAL L 97 19.61 10.74 -28.52
CA VAL L 97 19.25 9.70 -29.47
C VAL L 97 18.73 10.38 -30.73
N PRO L 98 19.38 10.22 -31.89
CA PRO L 98 18.85 10.83 -33.11
C PRO L 98 17.52 10.18 -33.48
N TRP L 99 16.68 10.97 -34.14
CA TRP L 99 15.41 10.45 -34.60
C TRP L 99 15.61 9.74 -35.93
N ASN L 100 15.08 8.53 -36.02
CA ASN L 100 15.18 7.71 -37.21
C ASN L 100 13.98 8.04 -38.09
N SER L 101 14.25 8.46 -39.32
CA SER L 101 13.16 8.83 -40.21
C SER L 101 12.25 7.65 -40.53
N SER L 102 12.69 6.41 -40.27
CA SER L 102 11.82 5.26 -40.48
C SER L 102 10.79 5.12 -39.37
N TRP L 103 11.01 5.71 -38.19
CA TRP L 103 10.00 5.67 -37.14
C TRP L 103 8.82 6.55 -37.51
N SER L 104 9.10 7.74 -38.04
CA SER L 104 8.09 8.66 -38.51
C SER L 104 8.78 9.66 -39.41
N ASN L 105 8.24 9.88 -40.61
CA ASN L 105 8.83 10.80 -41.58
C ASN L 105 8.12 12.15 -41.59
N ARG L 106 7.35 12.46 -40.55
CA ARG L 106 6.69 13.75 -40.46
C ARG L 106 7.66 14.78 -39.91
N ASN L 107 7.47 16.03 -40.33
CA ASN L 107 8.27 17.12 -39.81
C ASN L 107 7.60 17.74 -38.60
N LEU L 108 8.30 18.68 -37.98
CA LEU L 108 7.81 19.30 -36.74
C LEU L 108 6.52 20.08 -36.97
N SER L 109 6.34 20.65 -38.16
CA SER L 109 5.12 21.42 -38.42
C SER L 109 3.90 20.53 -38.47
N GLU L 110 4.06 19.21 -38.62
CA GLU L 110 2.96 18.26 -38.61
C GLU L 110 2.79 17.58 -37.27
N ILE L 111 3.89 17.18 -36.63
CA ILE L 111 3.80 16.44 -35.38
C ILE L 111 3.30 17.35 -34.26
N TRP L 112 3.86 18.54 -34.15
CA TRP L 112 3.55 19.39 -33.01
C TRP L 112 2.38 20.34 -33.22
N ASP L 113 2.08 20.73 -34.46
CA ASP L 113 1.04 21.72 -34.73
C ASP L 113 -0.28 21.15 -35.22
N ASN L 114 -0.28 19.99 -35.91
CA ASN L 114 -1.51 19.44 -36.49
C ASN L 114 -1.73 17.99 -36.06
N MET L 115 -1.20 17.58 -34.91
CA MET L 115 -1.37 16.22 -34.43
C MET L 115 -1.52 16.25 -32.92
N THR L 116 -2.34 15.35 -32.39
CA THR L 116 -2.53 15.18 -30.96
C THR L 116 -1.64 14.06 -30.46
N TRP L 117 -1.49 13.97 -29.14
CA TRP L 117 -0.64 12.93 -28.59
C TRP L 117 -1.23 11.54 -28.79
N LEU L 118 -2.56 11.42 -28.87
CA LEU L 118 -3.17 10.11 -29.09
C LEU L 118 -2.83 9.58 -30.49
N GLN L 119 -2.90 10.44 -31.50
CA GLN L 119 -2.58 10.01 -32.85
C GLN L 119 -1.10 9.68 -32.96
N TRP L 120 -0.26 10.48 -32.32
CA TRP L 120 1.17 10.20 -32.32
C TRP L 120 1.46 8.88 -31.64
N ASP L 121 0.80 8.62 -30.50
CA ASP L 121 0.99 7.35 -29.82
C ASP L 121 0.56 6.19 -30.70
N LYS L 122 -0.53 6.34 -31.43
CA LYS L 122 -0.93 5.29 -32.37
C LYS L 122 0.09 5.09 -33.47
N GLU L 123 0.76 6.16 -33.92
CA GLU L 123 1.75 6.00 -34.97
C GLU L 123 3.09 5.45 -34.49
N ILE L 124 3.50 5.75 -33.26
CA ILE L 124 4.83 5.42 -32.76
C ILE L 124 4.87 4.14 -31.93
N SER L 125 3.72 3.61 -31.50
CA SER L 125 3.68 2.46 -30.60
C SER L 125 4.42 1.24 -31.15
N ASN L 126 4.49 1.09 -32.46
CA ASN L 126 5.28 0.00 -33.03
C ASN L 126 6.78 0.18 -32.78
N TYR L 127 7.24 1.41 -32.57
CA TYR L 127 8.67 1.70 -32.43
C TYR L 127 9.10 2.15 -31.05
N THR L 128 8.22 2.16 -30.04
CA THR L 128 8.63 2.70 -28.75
C THR L 128 9.59 1.81 -27.99
N GLN L 129 9.62 0.49 -28.24
CA GLN L 129 10.60 -0.35 -27.55
C GLN L 129 12.00 -0.17 -28.12
N ILE L 130 12.11 0.09 -29.41
CA ILE L 130 13.41 0.38 -30.00
C ILE L 130 13.92 1.71 -29.44
N ILE L 131 13.03 2.70 -29.35
CA ILE L 131 13.41 3.99 -28.80
C ILE L 131 13.83 3.84 -27.34
N TYR L 132 13.08 3.06 -26.56
CA TYR L 132 13.44 2.88 -25.15
C TYR L 132 14.79 2.19 -25.00
N GLY L 133 15.05 1.18 -25.82
CA GLY L 133 16.36 0.53 -25.77
C GLY L 133 17.49 1.47 -26.14
N LEU L 134 17.27 2.30 -27.15
CA LEU L 134 18.30 3.26 -27.54
C LEU L 134 18.52 4.31 -26.45
N LEU L 135 17.46 4.74 -25.77
CA LEU L 135 17.62 5.70 -24.69
C LEU L 135 18.41 5.10 -23.53
N GLU L 136 18.14 3.85 -23.19
CA GLU L 136 18.89 3.19 -22.13
C GLU L 136 20.36 3.04 -22.49
N GLU L 137 20.65 2.63 -23.72
CA GLU L 137 22.05 2.46 -24.10
C GLU L 137 22.77 3.80 -24.16
N SER L 138 22.09 4.84 -24.66
CA SER L 138 22.70 6.16 -24.71
C SER L 138 23.01 6.68 -23.32
N GLN L 139 22.11 6.50 -22.35
CA GLN L 139 22.42 6.95 -21.00
C GLN L 139 23.54 6.14 -20.38
N ASN L 140 23.63 4.84 -20.65
CA ASN L 140 24.75 4.09 -20.10
C ASN L 140 26.09 4.59 -20.65
N GLN L 141 26.12 4.92 -21.95
CA GLN L 141 27.34 5.47 -22.53
C GLN L 141 27.64 6.86 -21.95
N GLN L 142 26.60 7.66 -21.73
CA GLN L 142 26.79 8.98 -21.14
C GLN L 142 27.33 8.89 -19.72
N GLU L 143 26.84 7.94 -18.92
CA GLU L 143 27.35 7.78 -17.56
C GLU L 143 28.80 7.35 -17.56
N LYS L 144 29.19 6.45 -18.46
CA LYS L 144 30.61 6.08 -18.52
C LYS L 144 31.47 7.26 -18.97
N ASN L 145 30.99 8.06 -19.92
CA ASN L 145 31.77 9.20 -20.36
C ASN L 145 31.89 10.25 -19.25
N GLU L 146 30.83 10.47 -18.50
CA GLU L 146 30.90 11.43 -17.38
C GLU L 146 31.84 10.93 -16.30
N GLN L 147 31.81 9.64 -15.99
CA GLN L 147 32.72 9.11 -14.98
C GLN L 147 34.17 9.26 -15.42
N ASP L 148 34.45 9.03 -16.70
CA ASP L 148 35.83 9.18 -17.18
C ASP L 148 36.25 10.65 -17.21
N LEU L 149 35.34 11.55 -17.55
CA LEU L 149 35.65 12.99 -17.52
C LEU L 149 35.90 13.48 -16.10
N LEU L 150 35.17 12.95 -15.12
CA LEU L 150 35.40 13.32 -13.72
C LEU L 150 36.62 12.63 -13.13
N ALA L 151 37.25 11.71 -13.85
CA ALA L 151 38.48 11.04 -13.40
C ALA L 151 39.75 11.72 -13.91
N LEU L 152 39.63 12.85 -14.60
CA LEU L 152 40.80 13.60 -15.06
C LEU L 152 41.17 14.59 -13.97
N ASP L 153 42.39 14.48 -13.47
CA ASP L 153 42.84 15.30 -12.36
C ASP L 153 43.05 16.75 -12.80
N GLU M 33 47.73 7.14 -3.33
CA GLU M 33 46.76 7.00 -4.42
C GLU M 33 45.45 7.66 -4.01
N ASN M 34 44.93 8.52 -4.89
CA ASN M 34 43.71 9.28 -4.62
C ASN M 34 42.49 8.51 -5.12
N LEU M 35 41.93 7.67 -4.24
CA LEU M 35 40.74 6.91 -4.52
C LEU M 35 39.56 7.52 -3.78
N TRP M 36 38.40 7.46 -4.41
CA TRP M 36 37.17 8.06 -3.91
C TRP M 36 36.05 7.02 -3.94
N VAL M 37 35.08 7.20 -3.05
CA VAL M 37 33.92 6.31 -3.00
C VAL M 37 33.02 6.62 -4.18
N THR M 38 32.67 5.59 -4.95
CA THR M 38 31.73 5.70 -6.04
C THR M 38 30.56 4.77 -5.72
N VAL M 39 29.35 5.30 -5.83
CA VAL M 39 28.14 4.56 -5.51
C VAL M 39 27.60 3.97 -6.79
N TYR M 40 27.29 2.68 -6.76
CA TYR M 40 26.70 1.96 -7.89
C TYR M 40 25.35 1.41 -7.48
N TYR M 41 24.40 1.49 -8.40
CA TYR M 41 23.07 0.93 -8.21
C TYR M 41 22.82 -0.04 -9.35
N GLY M 42 22.42 -1.26 -9.00
CA GLY M 42 22.27 -2.32 -9.98
C GLY M 42 23.40 -3.31 -9.84
N VAL M 43 23.93 -3.42 -8.64
CA VAL M 43 25.08 -4.30 -8.38
C VAL M 43 24.60 -5.76 -8.36
N PRO M 44 25.18 -6.67 -9.16
CA PRO M 44 24.68 -8.06 -9.20
C PRO M 44 25.15 -8.92 -8.02
N VAL M 45 24.70 -8.58 -6.81
CA VAL M 45 25.02 -9.35 -5.61
C VAL M 45 23.71 -9.71 -4.91
N TRP M 46 23.79 -10.70 -4.03
CA TRP M 46 22.63 -11.18 -3.32
C TRP M 46 23.02 -11.70 -1.95
N LYS M 47 22.02 -11.80 -1.08
CA LYS M 47 22.15 -12.31 0.27
C LYS M 47 21.09 -13.37 0.50
N ASP M 48 21.36 -14.32 1.39
CA ASP M 48 20.30 -15.24 1.80
C ASP M 48 19.19 -14.46 2.48
N ALA M 49 17.94 -14.82 2.17
CA ALA M 49 16.79 -14.12 2.71
C ALA M 49 15.62 -15.08 2.82
N GLU M 50 14.67 -14.71 3.68
CA GLU M 50 13.42 -15.42 3.88
C GLU M 50 12.27 -14.47 3.54
N THR M 51 11.49 -14.83 2.52
CA THR M 51 10.35 -14.03 2.11
C THR M 51 9.20 -14.96 1.74
N THR M 52 8.08 -14.36 1.35
CA THR M 52 6.89 -15.08 0.92
C THR M 52 6.91 -15.18 -0.60
N LEU M 53 6.83 -16.41 -1.11
CA LEU M 53 6.78 -16.68 -2.52
C LEU M 53 5.32 -16.82 -2.92
N PHE M 54 5.01 -16.52 -4.18
CA PHE M 54 3.64 -16.65 -4.66
C PHE M 54 3.55 -17.77 -5.68
N CYS M 55 2.34 -18.29 -5.86
CA CYS M 55 2.12 -19.44 -6.72
C CYS M 55 1.76 -19.00 -8.14
N ALA M 56 2.17 -19.83 -9.09
CA ALA M 56 1.84 -19.65 -10.49
C ALA M 56 1.63 -21.02 -11.13
N SER M 57 0.86 -21.02 -12.22
CA SER M 57 0.57 -22.25 -12.95
C SER M 57 -0.16 -21.94 -14.25
N GLN M 83 13.64 -17.71 -19.38
CA GLN M 83 13.44 -17.33 -17.99
C GLN M 83 14.66 -17.66 -17.13
N GLU M 84 15.33 -18.77 -17.45
CA GLU M 84 16.48 -19.24 -16.70
C GLU M 84 17.73 -18.59 -17.25
N ILE M 85 18.47 -17.90 -16.39
CA ILE M 85 19.71 -17.22 -16.76
C ILE M 85 20.86 -17.96 -16.08
N HIS M 86 21.72 -18.57 -16.88
CA HIS M 86 22.87 -19.26 -16.32
C HIS M 86 23.87 -18.27 -15.77
N LEU M 87 24.39 -18.56 -14.58
CA LEU M 87 25.38 -17.72 -13.90
C LEU M 87 26.73 -18.38 -14.08
N GLU M 88 27.60 -17.77 -14.87
CA GLU M 88 28.93 -18.32 -15.12
C GLU M 88 29.88 -17.87 -14.02
N ASN M 89 30.86 -18.73 -13.73
CA ASN M 89 31.94 -18.45 -12.79
C ASN M 89 31.42 -18.09 -11.40
N VAL M 90 30.40 -18.82 -10.92
CA VAL M 90 29.88 -18.61 -9.58
C VAL M 90 29.90 -19.93 -8.83
N THR M 91 29.95 -19.82 -7.51
CA THR M 91 29.78 -20.93 -6.59
C THR M 91 28.81 -20.45 -5.52
N GLU M 92 27.80 -21.26 -5.22
CA GLU M 92 26.78 -20.89 -4.25
C GLU M 92 26.57 -22.04 -3.28
N GLU M 93 26.51 -21.74 -2.00
CA GLU M 93 26.31 -22.77 -0.99
C GLU M 93 24.82 -22.99 -0.78
N PHE M 94 24.40 -24.24 -0.89
CA PHE M 94 23.01 -24.65 -0.71
C PHE M 94 22.92 -25.50 0.55
N ASN M 95 21.73 -25.49 1.16
CA ASN M 95 21.45 -26.35 2.31
C ASN M 95 19.96 -26.68 2.25
N MET M 96 19.62 -27.88 1.76
CA MET M 96 18.22 -28.23 1.58
C MET M 96 17.48 -28.42 2.88
N TRP M 97 18.17 -28.59 4.01
CA TRP M 97 17.53 -28.84 5.29
C TRP M 97 17.26 -27.56 6.08
N LYS M 98 17.68 -26.41 5.55
CA LYS M 98 17.42 -25.10 6.14
C LYS M 98 16.67 -24.21 5.15
N ASN M 99 16.08 -24.82 4.13
CA ASN M 99 15.44 -24.11 3.03
C ASN M 99 14.03 -23.72 3.45
N ASN M 100 13.77 -22.43 3.58
CA ASN M 100 12.49 -21.96 4.12
C ASN M 100 11.34 -22.12 3.13
N MET M 101 11.60 -22.48 1.86
CA MET M 101 10.47 -22.67 0.96
C MET M 101 9.88 -24.06 1.11
N VAL M 102 10.54 -24.95 1.84
CA VAL M 102 9.96 -26.25 2.14
C VAL M 102 8.86 -26.09 3.17
N GLU M 103 9.15 -25.33 4.22
CA GLU M 103 8.14 -25.03 5.22
C GLU M 103 7.05 -24.15 4.63
N GLN M 104 7.42 -23.23 3.74
CA GLN M 104 6.40 -22.39 3.13
C GLN M 104 5.47 -23.20 2.22
N MET M 105 6.02 -24.13 1.44
CA MET M 105 5.17 -24.99 0.61
C MET M 105 4.30 -25.88 1.48
N HIS M 106 4.83 -26.39 2.59
CA HIS M 106 4.04 -27.24 3.47
C HIS M 106 2.87 -26.48 4.07
N GLU M 107 3.12 -25.27 4.59
CA GLU M 107 2.03 -24.49 5.16
C GLU M 107 1.04 -24.07 4.08
N ASP M 108 1.53 -23.75 2.88
CA ASP M 108 0.64 -23.35 1.80
C ASP M 108 -0.26 -24.50 1.36
N ILE M 109 0.28 -25.72 1.28
CA ILE M 109 -0.54 -26.87 0.90
C ILE M 109 -1.57 -27.17 1.98
N ILE M 110 -1.19 -27.10 3.26
CA ILE M 110 -2.18 -27.32 4.31
C ILE M 110 -3.29 -26.29 4.24
N SER M 111 -2.92 -25.02 4.03
CA SER M 111 -3.92 -23.95 3.92
C SER M 111 -4.83 -24.16 2.72
N LEU M 112 -4.28 -24.54 1.57
CA LEU M 112 -5.12 -24.78 0.40
C LEU M 112 -6.04 -25.97 0.60
N TRP M 113 -5.57 -27.03 1.27
CA TRP M 113 -6.42 -28.18 1.56
C TRP M 113 -7.59 -27.78 2.46
N ASP M 114 -7.30 -26.99 3.50
CA ASP M 114 -8.36 -26.54 4.39
C ASP M 114 -9.34 -25.61 3.69
N GLN M 115 -8.84 -24.73 2.81
CA GLN M 115 -9.74 -23.86 2.07
C GLN M 115 -10.61 -24.65 1.10
N SER M 116 -10.05 -25.69 0.49
CA SER M 116 -10.85 -26.49 -0.43
C SER M 116 -11.93 -27.27 0.29
N LEU M 117 -11.66 -27.74 1.51
CA LEU M 117 -12.66 -28.52 2.24
C LEU M 117 -13.62 -27.69 3.08
N LYS M 118 -13.30 -26.42 3.35
CA LYS M 118 -14.19 -25.61 4.18
C LYS M 118 -15.60 -25.49 3.61
N PRO M 119 -15.83 -25.10 2.34
CA PRO M 119 -17.21 -25.01 1.84
C PRO M 119 -17.77 -26.35 1.38
N CYS M 120 -17.87 -27.30 2.31
CA CYS M 120 -18.30 -28.65 1.97
C CYS M 120 -19.19 -29.18 3.09
N VAL M 121 -19.75 -30.37 2.85
CA VAL M 121 -20.77 -30.96 3.71
C VAL M 121 -20.12 -31.48 4.99
N LYS M 122 -20.66 -31.07 6.14
CA LYS M 122 -20.25 -31.61 7.43
C LYS M 122 -21.09 -32.84 7.74
N LEU M 123 -20.44 -33.96 8.01
CA LEU M 123 -21.15 -35.22 8.23
C LEU M 123 -21.42 -35.44 9.72
N THR M 124 -21.98 -34.42 10.37
CA THR M 124 -22.44 -34.58 11.74
C THR M 124 -23.72 -35.42 11.80
N PRO M 125 -24.74 -35.19 10.95
CA PRO M 125 -25.91 -36.08 10.93
C PRO M 125 -25.64 -37.58 10.80
N LEU M 126 -24.46 -37.98 10.31
CA LEU M 126 -24.18 -39.38 10.01
C LEU M 126 -23.19 -40.00 10.98
N CYS M 127 -23.12 -39.47 12.21
CA CYS M 127 -22.29 -40.01 13.26
C CYS M 127 -23.12 -40.88 14.23
N VAL M 128 -24.20 -41.47 13.72
CA VAL M 128 -25.05 -42.29 14.57
C VAL M 128 -24.38 -43.65 14.69
N GLY M 129 -24.90 -44.51 15.55
CA GLY M 129 -24.40 -45.86 15.64
C GLY M 129 -24.91 -46.70 14.49
N LEU M 130 -24.02 -47.53 13.95
CA LEU M 130 -24.31 -48.37 12.79
C LEU M 130 -24.64 -49.79 13.20
N GLN M 131 -25.49 -50.44 12.40
CA GLN M 131 -25.76 -51.87 12.52
C GLN M 131 -25.04 -52.57 11.38
N CYS M 132 -23.87 -53.12 11.66
CA CYS M 132 -22.97 -53.69 10.66
C CYS M 132 -23.00 -55.21 10.72
N THR M 133 -23.11 -55.83 9.56
CA THR M 133 -23.06 -57.28 9.40
C THR M 133 -22.03 -57.61 8.33
N ASN M 134 -21.82 -58.89 8.07
CA ASN M 134 -20.87 -59.31 7.06
C ASN M 134 -21.45 -59.08 5.67
N VAL M 135 -20.58 -58.71 4.74
CA VAL M 135 -20.98 -58.57 3.34
C VAL M 135 -21.27 -59.94 2.77
N THR M 136 -22.41 -60.07 2.08
CA THR M 136 -22.91 -61.33 1.56
C THR M 136 -22.43 -61.69 0.17
N ASN M 137 -21.55 -60.90 -0.43
CA ASN M 137 -21.07 -61.18 -1.78
C ASN M 137 -19.96 -62.23 -1.72
N ASN M 138 -19.40 -62.56 -2.89
CA ASN M 138 -18.37 -63.58 -2.99
C ASN M 138 -17.04 -62.95 -2.61
N ILE M 139 -16.57 -63.27 -1.41
CA ILE M 139 -15.41 -62.64 -0.79
C ILE M 139 -14.28 -63.65 -0.73
N THR M 140 -13.11 -63.24 -1.22
CA THR M 140 -11.91 -64.07 -1.16
C THR M 140 -11.32 -64.05 0.24
N ASP M 141 -10.33 -64.93 0.46
CA ASP M 141 -9.72 -65.04 1.78
C ASP M 141 -9.06 -63.74 2.21
N ASP M 142 -8.45 -63.02 1.27
CA ASP M 142 -7.75 -61.78 1.61
C ASP M 142 -8.69 -60.67 2.06
N MET M 143 -9.98 -60.73 1.71
CA MET M 143 -10.94 -59.68 2.02
C MET M 143 -11.89 -60.06 3.15
N ARG M 144 -11.65 -61.15 3.86
CA ARG M 144 -12.55 -61.53 4.94
C ARG M 144 -12.37 -60.55 6.09
N GLY M 145 -13.47 -59.95 6.53
CA GLY M 145 -13.42 -58.97 7.60
C GLY M 145 -13.05 -57.57 7.19
N GLU M 146 -12.74 -57.33 5.90
CA GLU M 146 -12.33 -56.01 5.47
C GLU M 146 -13.51 -55.09 5.21
N LEU M 147 -14.65 -55.63 4.79
CA LEU M 147 -15.84 -54.86 4.47
C LEU M 147 -16.99 -55.25 5.40
N LYS M 148 -17.80 -54.26 5.74
CA LYS M 148 -19.01 -54.47 6.51
C LYS M 148 -20.19 -53.79 5.81
N ASN M 149 -21.34 -54.45 5.88
CA ASN M 149 -22.61 -53.95 5.36
C ASN M 149 -23.36 -53.32 6.54
N CYS M 150 -23.34 -51.99 6.60
CA CYS M 150 -23.84 -51.24 7.76
C CYS M 150 -25.11 -50.50 7.40
N SER M 151 -26.18 -50.77 8.13
CA SER M 151 -27.46 -50.08 8.01
C SER M 151 -27.64 -49.14 9.19
N PHE M 152 -28.29 -48.00 8.95
CA PHE M 152 -28.42 -46.98 9.97
C PHE M 152 -29.49 -45.98 9.55
N ASN M 153 -30.07 -45.33 10.56
CA ASN M 153 -31.00 -44.23 10.33
C ASN M 153 -30.21 -42.99 9.98
N ALA M 154 -30.74 -42.18 9.07
CA ALA M 154 -30.04 -41.00 8.59
C ALA M 154 -31.03 -39.86 8.39
N THR M 155 -30.62 -38.66 8.75
CA THR M 155 -31.46 -37.49 8.61
C THR M 155 -31.79 -37.25 7.13
N THR M 156 -32.84 -36.47 6.90
CA THR M 156 -33.32 -36.17 5.57
C THR M 156 -33.39 -34.65 5.39
N GLU M 157 -33.86 -34.23 4.23
CA GLU M 157 -34.09 -32.80 3.98
C GLU M 157 -35.14 -32.22 4.92
N LEU M 158 -36.00 -33.07 5.48
CA LEU M 158 -37.01 -32.65 6.44
C LEU M 158 -36.46 -32.87 7.84
N ARG M 159 -36.86 -32.00 8.77
CA ARG M 159 -36.26 -32.01 10.09
C ARG M 159 -36.59 -33.27 10.89
N ASN M 160 -37.76 -33.88 10.66
CA ASN M 160 -38.20 -35.01 11.48
C ASN M 160 -38.27 -36.35 10.74
N LYS M 161 -38.31 -36.35 9.42
CA LYS M 161 -38.25 -37.60 8.67
C LYS M 161 -36.84 -38.17 8.69
N ARG M 162 -36.71 -39.47 8.98
CA ARG M 162 -35.43 -40.15 9.03
C ARG M 162 -35.52 -41.39 8.15
N GLN M 163 -34.55 -41.55 7.24
CA GLN M 163 -34.53 -42.65 6.29
C GLN M 163 -33.60 -43.76 6.75
N LYS M 164 -34.01 -45.01 6.52
CA LYS M 164 -33.18 -46.17 6.85
C LYS M 164 -32.33 -46.52 5.63
N VAL M 165 -31.03 -46.28 5.71
CA VAL M 165 -30.13 -46.49 4.57
C VAL M 165 -29.06 -47.49 4.95
N TYR M 166 -28.57 -48.21 3.94
CA TYR M 166 -27.46 -49.14 4.10
C TYR M 166 -26.30 -48.68 3.23
N SER M 167 -25.10 -49.03 3.66
CA SER M 167 -23.90 -48.66 2.93
C SER M 167 -22.82 -49.67 3.29
N LEU M 168 -21.77 -49.69 2.49
CA LEU M 168 -20.61 -50.53 2.75
C LEU M 168 -19.50 -49.68 3.31
N PHE M 169 -18.89 -50.12 4.41
CA PHE M 169 -17.75 -49.45 5.00
C PHE M 169 -16.58 -50.41 5.09
N TYR M 170 -15.39 -49.84 5.14
CA TYR M 170 -14.20 -50.62 5.43
C TYR M 170 -14.06 -50.74 6.94
N ARG M 171 -13.46 -51.84 7.38
CA ARG M 171 -13.27 -52.06 8.80
C ARG M 171 -12.45 -50.95 9.44
N LEU M 172 -11.51 -50.36 8.69
CA LEU M 172 -10.69 -49.29 9.23
C LEU M 172 -11.44 -47.98 9.42
N ASP M 173 -12.65 -47.86 8.86
CA ASP M 173 -13.45 -46.65 9.00
C ASP M 173 -14.40 -46.69 10.17
N ILE M 174 -14.58 -47.86 10.80
CA ILE M 174 -15.57 -48.06 11.85
C ILE M 174 -14.87 -48.64 13.06
N VAL M 175 -15.45 -48.41 14.23
CA VAL M 175 -14.95 -48.90 15.51
C VAL M 175 -16.11 -49.59 16.23
N PRO M 176 -15.92 -50.77 16.80
CA PRO M 176 -17.02 -51.43 17.51
C PRO M 176 -17.35 -50.73 18.82
N MET M 177 -18.61 -50.84 19.22
CA MET M 177 -19.08 -50.35 20.50
C MET M 177 -20.18 -51.27 20.99
N VAL M 178 -20.43 -51.24 22.29
CA VAL M 178 -21.46 -52.05 22.91
C VAL M 178 -22.70 -51.17 23.05
N ASP M 179 -23.80 -51.61 22.46
CA ASP M 179 -25.05 -50.86 22.48
C ASP M 179 -26.21 -51.83 22.32
N LEU M 180 -27.42 -51.30 22.34
CA LEU M 180 -28.63 -52.09 22.15
C LEU M 180 -29.03 -52.03 20.68
N TRP M 181 -28.98 -53.17 20.00
CA TRP M 181 -29.27 -53.30 18.58
C TRP M 181 -28.33 -52.48 17.70
N THR M 182 -27.16 -52.10 18.21
CA THR M 182 -26.17 -51.36 17.44
C THR M 182 -24.80 -51.88 17.85
N ASN M 183 -23.86 -51.97 16.90
CA ASN M 183 -22.53 -52.50 17.21
C ASN M 183 -21.33 -51.73 16.66
N TYR M 184 -21.50 -50.72 15.82
CA TYR M 184 -20.36 -49.96 15.30
C TYR M 184 -20.70 -48.48 15.20
N ARG M 185 -19.65 -47.65 15.23
CA ARG M 185 -19.75 -46.23 14.96
C ARG M 185 -18.56 -45.80 14.11
N LEU M 186 -18.63 -44.60 13.55
CA LEU M 186 -17.50 -44.08 12.79
C LEU M 186 -16.32 -43.80 13.72
N ILE M 187 -15.12 -44.11 13.22
CA ILE M 187 -13.90 -43.97 14.01
C ILE M 187 -13.65 -42.55 14.49
N SER M 188 -14.08 -41.55 13.72
CA SER M 188 -13.76 -40.16 14.00
C SER M 188 -14.86 -39.42 14.76
N CYS M 189 -15.89 -40.11 15.23
CA CYS M 189 -16.93 -39.40 15.99
C CYS M 189 -16.41 -38.80 17.27
N ASN M 190 -15.58 -39.51 18.02
CA ASN M 190 -15.05 -39.00 19.27
C ASN M 190 -13.78 -38.21 19.02
N THR M 191 -13.79 -36.94 19.43
CA THR M 191 -12.73 -35.93 19.37
C THR M 191 -12.52 -35.30 17.98
N SER M 192 -13.31 -35.64 16.96
CA SER M 192 -13.07 -35.09 15.63
C SER M 192 -14.38 -34.81 14.92
N ALA M 193 -14.35 -33.80 14.07
CA ALA M 193 -15.43 -33.48 13.15
C ALA M 193 -15.09 -34.04 11.79
N ILE M 194 -16.09 -34.54 11.08
CA ILE M 194 -15.92 -35.18 9.78
C ILE M 194 -16.52 -34.27 8.73
N THR M 195 -15.70 -33.90 7.75
CA THR M 195 -16.12 -33.07 6.62
C THR M 195 -16.01 -33.93 5.37
N GLN M 196 -17.06 -33.98 4.57
CA GLN M 196 -17.01 -34.72 3.32
C GLN M 196 -16.34 -33.85 2.26
N ALA M 197 -15.42 -34.45 1.51
CA ALA M 197 -14.80 -33.71 0.42
C ALA M 197 -15.85 -33.44 -0.66
N CYS M 198 -15.83 -32.23 -1.19
CA CYS M 198 -16.76 -31.91 -2.26
C CYS M 198 -16.40 -32.69 -3.52
N PRO M 199 -17.36 -33.33 -4.21
CA PRO M 199 -17.01 -34.04 -5.45
C PRO M 199 -16.44 -33.14 -6.53
N LYS M 200 -16.71 -31.84 -6.50
CA LYS M 200 -16.15 -30.95 -7.53
C LYS M 200 -14.67 -30.68 -7.31
N VAL M 201 -14.14 -30.97 -6.13
CA VAL M 201 -12.73 -30.72 -5.82
C VAL M 201 -11.95 -31.98 -6.14
N SER M 202 -10.98 -31.86 -7.03
CA SER M 202 -10.14 -32.98 -7.44
C SER M 202 -8.90 -33.06 -6.54
N PHE M 203 -8.43 -34.29 -6.35
CA PHE M 203 -7.23 -34.58 -5.59
C PHE M 203 -6.03 -34.89 -6.48
N GLU M 204 -6.16 -34.66 -7.78
CA GLU M 204 -5.03 -34.91 -8.68
C GLU M 204 -3.99 -33.82 -8.52
N PRO M 205 -2.72 -34.15 -8.23
CA PRO M 205 -1.70 -33.10 -8.11
C PRO M 205 -1.54 -32.32 -9.41
N ILE M 206 -1.55 -31.01 -9.29
CA ILE M 206 -1.37 -30.08 -10.41
C ILE M 206 -0.06 -29.34 -10.15
N PRO M 207 0.87 -29.28 -11.11
CA PRO M 207 2.16 -28.62 -10.85
C PRO M 207 2.01 -27.18 -10.38
N ILE M 208 2.76 -26.83 -9.33
CA ILE M 208 2.73 -25.51 -8.72
C ILE M 208 4.12 -24.92 -8.89
N HIS M 209 4.19 -23.70 -9.40
CA HIS M 209 5.44 -22.96 -9.56
C HIS M 209 5.52 -21.92 -8.46
N TYR M 210 6.61 -21.95 -7.68
CA TYR M 210 6.84 -20.94 -6.64
C TYR M 210 7.73 -19.85 -7.18
N CYS M 211 7.23 -18.62 -7.15
CA CYS M 211 7.85 -17.47 -7.78
C CYS M 211 8.27 -16.47 -6.71
N ALA M 212 9.44 -15.88 -6.91
CA ALA M 212 10.00 -14.87 -6.02
C ALA M 212 9.33 -13.51 -6.23
N PRO M 213 9.17 -12.71 -5.17
CA PRO M 213 8.79 -11.32 -5.37
C PRO M 213 9.88 -10.54 -6.09
N ALA M 214 9.48 -9.44 -6.71
CA ALA M 214 10.44 -8.55 -7.34
C ALA M 214 11.42 -8.06 -6.28
N GLY M 215 12.70 -8.02 -6.65
CA GLY M 215 13.76 -7.73 -5.71
C GLY M 215 14.42 -8.97 -5.14
N PHE M 216 13.86 -10.14 -5.39
CA PHE M 216 14.36 -11.43 -4.96
C PHE M 216 14.56 -12.30 -6.19
N ALA M 217 15.34 -13.36 -6.03
CA ALA M 217 15.59 -14.31 -7.11
C ALA M 217 15.71 -15.70 -6.52
N ILE M 218 15.48 -16.72 -7.33
CA ILE M 218 15.63 -18.10 -6.90
C ILE M 218 16.83 -18.67 -7.63
N LEU M 219 17.78 -19.21 -6.87
CA LEU M 219 18.97 -19.83 -7.45
C LEU M 219 18.73 -21.32 -7.50
N LYS M 220 19.00 -21.91 -8.66
CA LYS M 220 18.85 -23.32 -8.94
C LYS M 220 20.21 -23.96 -9.08
N CYS M 221 20.42 -25.09 -8.43
CA CYS M 221 21.65 -25.86 -8.53
C CYS M 221 21.45 -26.97 -9.56
N LYS M 222 22.26 -26.94 -10.62
CA LYS M 222 22.19 -27.92 -11.68
C LYS M 222 23.35 -28.92 -11.64
N ASP M 223 24.15 -28.92 -10.57
CA ASP M 223 25.22 -29.90 -10.45
C ASP M 223 24.66 -31.31 -10.39
N LYS M 224 25.32 -32.22 -11.08
CA LYS M 224 25.00 -33.63 -11.00
C LYS M 224 25.63 -34.21 -9.74
N LYS M 225 25.00 -35.24 -9.19
CA LYS M 225 25.48 -35.92 -7.99
C LYS M 225 25.60 -34.94 -6.83
N PHE M 226 24.65 -34.01 -6.74
CA PHE M 226 24.61 -33.02 -5.67
C PHE M 226 23.83 -33.59 -4.50
N ASN M 227 24.46 -33.63 -3.32
CA ASN M 227 23.86 -34.28 -2.18
C ASN M 227 22.93 -33.38 -1.39
N GLY M 228 22.65 -32.18 -1.88
CA GLY M 228 21.73 -31.27 -1.25
C GLY M 228 22.34 -30.21 -0.36
N THR M 229 23.62 -30.31 -0.05
CA THR M 229 24.28 -29.33 0.80
C THR M 229 25.70 -29.09 0.32
N GLY M 230 26.18 -27.86 0.52
CA GLY M 230 27.52 -27.49 0.15
C GLY M 230 27.57 -26.65 -1.10
N PRO M 231 28.77 -26.43 -1.63
CA PRO M 231 28.92 -25.57 -2.81
C PRO M 231 28.33 -26.21 -4.07
N CYS M 232 27.79 -25.36 -4.94
CA CYS M 232 27.26 -25.75 -6.23
C CYS M 232 27.84 -24.80 -7.26
N GLN M 233 28.33 -25.36 -8.37
CA GLN M 233 28.93 -24.60 -9.46
C GLN M 233 28.00 -24.34 -10.63
N ASN M 234 27.16 -25.29 -11.01
CA ASN M 234 26.21 -25.09 -12.12
C ASN M 234 24.96 -24.42 -11.56
N VAL M 235 25.10 -23.13 -11.29
CA VAL M 235 24.06 -22.33 -10.66
C VAL M 235 23.41 -21.47 -11.73
N SER M 236 22.07 -21.37 -11.68
CA SER M 236 21.32 -20.52 -12.58
C SER M 236 20.28 -19.75 -11.79
N THR M 237 19.87 -18.60 -12.33
CA THR M 237 18.87 -17.74 -11.72
C THR M 237 17.54 -17.90 -12.42
N VAL M 238 16.48 -18.15 -11.65
CA VAL M 238 15.12 -18.25 -12.17
C VAL M 238 14.20 -17.34 -11.37
N GLN M 239 13.11 -16.96 -12.04
CA GLN M 239 12.01 -16.24 -11.40
C GLN M 239 11.09 -17.20 -10.65
N CYS M 240 10.90 -18.40 -11.18
CA CYS M 240 9.99 -19.38 -10.61
C CYS M 240 10.63 -20.75 -10.73
N THR M 241 10.17 -21.67 -9.88
CA THR M 241 10.61 -23.04 -9.92
C THR M 241 9.94 -23.79 -11.07
N HIS M 242 10.42 -25.00 -11.34
CA HIS M 242 9.76 -25.85 -12.30
C HIS M 242 8.43 -26.33 -11.71
N GLY M 243 7.66 -27.04 -12.53
CA GLY M 243 6.38 -27.50 -12.06
C GLY M 243 6.55 -28.69 -11.14
N ILE M 244 6.23 -28.49 -9.87
CA ILE M 244 6.36 -29.52 -8.84
C ILE M 244 4.96 -29.97 -8.49
N LYS M 245 4.71 -31.26 -8.65
CA LYS M 245 3.41 -31.79 -8.30
C LYS M 245 3.31 -31.96 -6.79
N PRO M 246 2.25 -31.44 -6.13
CA PRO M 246 2.15 -31.66 -4.67
C PRO M 246 1.65 -33.06 -4.36
N VAL M 247 2.48 -34.06 -4.63
CA VAL M 247 2.11 -35.45 -4.44
C VAL M 247 2.20 -35.78 -2.96
N VAL M 248 1.15 -36.38 -2.42
CA VAL M 248 1.08 -36.76 -1.02
C VAL M 248 1.32 -38.26 -0.95
N SER M 249 2.40 -38.65 -0.28
CA SER M 249 2.73 -40.06 -0.17
C SER M 249 3.68 -40.27 0.99
N THR M 250 3.82 -41.51 1.41
CA THR M 250 4.85 -41.88 2.38
C THR M 250 5.69 -43.02 1.81
N GLN M 251 6.91 -43.11 2.32
CA GLN M 251 7.90 -44.15 2.06
C GLN M 251 8.44 -44.18 0.64
N LEU M 252 7.60 -43.96 -0.36
CA LEU M 252 8.01 -43.83 -1.75
C LEU M 252 7.58 -42.46 -2.25
N LEU M 253 8.44 -41.77 -2.99
CA LEU M 253 8.07 -40.41 -3.38
C LEU M 253 7.05 -40.37 -4.51
N LEU M 254 6.88 -41.46 -5.24
CA LEU M 254 5.99 -41.52 -6.42
C LEU M 254 6.44 -40.45 -7.41
N ASN M 255 5.50 -39.76 -8.08
CA ASN M 255 5.87 -38.87 -9.19
C ASN M 255 6.76 -37.73 -8.71
N GLY M 256 7.85 -37.53 -9.43
CA GLY M 256 8.81 -36.50 -9.07
C GLY M 256 9.96 -36.49 -10.04
N SER M 257 11.01 -35.76 -9.69
CA SER M 257 12.17 -35.65 -10.56
C SER M 257 13.14 -36.78 -10.30
N LEU M 258 13.85 -37.17 -11.36
CA LEU M 258 14.87 -38.20 -11.31
C LEU M 258 16.26 -37.59 -11.25
N ALA M 259 17.19 -38.33 -10.66
CA ALA M 259 18.58 -37.90 -10.63
C ALA M 259 19.18 -37.98 -12.03
N GLU M 260 20.18 -37.13 -12.28
CA GLU M 260 20.72 -36.99 -13.62
C GLU M 260 21.50 -38.23 -14.06
N GLU M 261 22.38 -38.75 -13.20
CA GLU M 261 23.24 -39.87 -13.58
C GLU M 261 23.29 -41.01 -12.58
N GLU M 262 23.19 -40.71 -11.28
CA GLU M 262 23.31 -41.74 -10.26
C GLU M 262 22.30 -41.50 -9.15
N VAL M 263 22.03 -42.56 -8.39
CA VAL M 263 21.16 -42.46 -7.23
C VAL M 263 21.84 -41.56 -6.21
N ILE M 264 21.09 -40.60 -5.68
CA ILE M 264 21.63 -39.60 -4.75
C ILE M 264 20.97 -39.85 -3.40
N ILE M 265 21.79 -40.05 -2.37
CA ILE M 265 21.32 -40.30 -1.02
C ILE M 265 21.64 -39.06 -0.18
N ARG M 266 20.60 -38.45 0.37
CA ARG M 266 20.68 -37.17 1.06
C ARG M 266 20.20 -37.33 2.50
N SER M 267 20.99 -36.86 3.46
CA SER M 267 20.56 -36.85 4.84
C SER M 267 21.22 -35.68 5.56
N GLU M 268 20.52 -35.15 6.56
CA GLU M 268 21.04 -34.03 7.32
C GLU M 268 22.34 -34.41 8.03
N ASN M 269 22.39 -35.61 8.59
CA ASN M 269 23.58 -36.12 9.24
C ASN M 269 23.58 -37.62 8.96
N ILE M 270 24.53 -38.08 8.15
CA ILE M 270 24.53 -39.46 7.69
C ILE M 270 24.72 -40.46 8.82
N THR M 271 25.21 -40.03 9.98
CA THR M 271 25.41 -40.92 11.12
C THR M 271 24.37 -40.74 12.21
N ASN M 272 23.36 -39.89 12.00
CA ASN M 272 22.31 -39.67 12.97
C ASN M 272 21.13 -40.54 12.56
N ASN M 273 20.79 -41.52 13.39
CA ASN M 273 19.73 -42.46 13.06
C ASN M 273 18.35 -41.85 13.22
N ALA M 274 18.23 -40.67 13.81
CA ALA M 274 16.96 -40.00 13.97
C ALA M 274 16.58 -39.14 12.77
N LYS M 275 17.44 -39.04 11.77
CA LYS M 275 17.22 -38.20 10.61
C LYS M 275 16.80 -39.06 9.42
N ASN M 276 15.98 -38.49 8.55
CA ASN M 276 15.49 -39.19 7.37
C ASN M 276 16.55 -39.19 6.27
N ILE M 277 16.59 -40.29 5.54
CA ILE M 277 17.44 -40.48 4.38
C ILE M 277 16.53 -40.41 3.16
N LEU M 278 16.77 -39.46 2.28
CA LEU M 278 16.00 -39.31 1.06
C LEU M 278 16.84 -39.89 -0.08
N VAL M 279 16.30 -40.91 -0.73
CA VAL M 279 16.98 -41.58 -1.83
C VAL M 279 16.28 -41.14 -3.09
N GLN M 280 16.97 -40.42 -3.96
CA GLN M 280 16.43 -39.98 -5.23
C GLN M 280 17.04 -40.85 -6.31
N LEU M 281 16.17 -41.56 -7.04
CA LEU M 281 16.59 -42.49 -8.07
C LEU M 281 16.80 -41.77 -9.38
N ASN M 282 17.70 -42.30 -10.21
CA ASN M 282 17.92 -41.77 -11.55
C ASN M 282 17.04 -42.46 -12.60
N THR M 283 16.29 -43.47 -12.20
CA THR M 283 15.35 -44.17 -13.06
C THR M 283 14.05 -44.28 -12.29
N SER M 284 12.96 -44.47 -13.01
CA SER M 284 11.66 -44.61 -12.37
C SER M 284 11.27 -46.07 -12.38
N VAL M 285 10.46 -46.45 -11.40
CA VAL M 285 9.93 -47.81 -11.32
C VAL M 285 8.42 -47.69 -11.42
N GLN M 286 7.82 -48.39 -12.37
CA GLN M 286 6.37 -48.30 -12.47
C GLN M 286 5.76 -49.18 -11.41
N ILE M 287 4.75 -48.63 -10.73
CA ILE M 287 3.99 -49.37 -9.74
C ILE M 287 2.53 -49.29 -10.17
N ASN M 288 1.92 -50.44 -10.42
CA ASN M 288 0.55 -50.53 -10.92
C ASN M 288 -0.39 -50.82 -9.76
N CYS M 289 -1.13 -49.79 -9.33
CA CYS M 289 -1.99 -49.85 -8.16
C CYS M 289 -3.43 -49.93 -8.62
N THR M 290 -4.21 -50.84 -8.03
CA THR M 290 -5.60 -50.98 -8.44
C THR M 290 -6.49 -51.36 -7.28
N ARG M 291 -7.77 -50.99 -7.45
CA ARG M 291 -8.88 -51.32 -6.57
C ARG M 291 -9.86 -51.98 -7.55
N PRO M 292 -9.78 -53.30 -7.74
CA PRO M 292 -10.52 -53.95 -8.83
C PRO M 292 -12.02 -53.99 -8.61
N ASN M 293 -12.51 -53.75 -7.39
CA ASN M 293 -13.91 -53.91 -7.09
C ASN M 293 -14.76 -52.87 -7.80
N ASN M 294 -15.77 -53.34 -8.53
CA ASN M 294 -16.64 -52.47 -9.32
C ASN M 294 -17.75 -51.93 -8.42
N ASN M 295 -17.36 -50.98 -7.57
CA ASN M 295 -18.31 -50.39 -6.64
C ASN M 295 -19.36 -49.59 -7.40
N THR M 296 -20.61 -49.72 -6.97
CA THR M 296 -21.72 -48.91 -7.47
C THR M 296 -22.10 -47.97 -6.33
N VAL M 297 -21.94 -46.67 -6.60
CA VAL M 297 -22.03 -45.60 -5.61
C VAL M 297 -23.43 -45.02 -5.62
N LYS M 298 -24.02 -44.88 -4.44
CA LYS M 298 -25.32 -44.29 -4.23
C LYS M 298 -25.14 -43.02 -3.41
N SER M 299 -26.16 -42.17 -3.40
CA SER M 299 -26.12 -40.94 -2.62
C SER M 299 -27.49 -40.68 -2.03
N ILE M 300 -27.50 -40.01 -0.88
CA ILE M 300 -28.71 -39.62 -0.18
C ILE M 300 -28.60 -38.16 0.24
N ARG M 301 -29.76 -37.54 0.42
CA ARG M 301 -29.84 -36.19 0.96
C ARG M 301 -30.01 -36.26 2.46
N ILE M 302 -29.14 -35.55 3.19
CA ILE M 302 -29.18 -35.52 4.65
C ILE M 302 -29.63 -34.18 5.20
N GLY M 303 -29.85 -33.17 4.35
CA GLY M 303 -30.29 -31.88 4.80
C GLY M 303 -30.67 -30.98 3.64
N PRO M 304 -30.92 -29.70 3.92
CA PRO M 304 -31.38 -28.82 2.85
C PRO M 304 -30.26 -28.48 1.89
N GLY M 305 -29.98 -29.41 0.97
CA GLY M 305 -28.89 -29.30 0.04
C GLY M 305 -27.62 -30.00 0.46
N GLN M 306 -27.66 -30.82 1.50
CA GLN M 306 -26.50 -31.56 2.01
C GLN M 306 -26.62 -32.99 1.52
N ALA M 307 -25.76 -33.38 0.59
CA ALA M 307 -25.78 -34.71 -0.01
C ALA M 307 -24.59 -35.51 0.48
N PHE M 308 -24.84 -36.77 0.81
CA PHE M 308 -23.83 -37.71 1.28
C PHE M 308 -23.64 -38.81 0.25
N TYR M 309 -22.39 -39.14 -0.07
CA TYR M 309 -22.05 -40.17 -1.03
C TYR M 309 -21.44 -41.37 -0.31
N TYR M 310 -21.82 -42.56 -0.74
CA TYR M 310 -21.39 -43.79 -0.08
C TYR M 310 -21.39 -44.92 -1.08
N THR M 311 -20.69 -46.00 -0.73
CA THR M 311 -20.68 -47.18 -1.57
C THR M 311 -22.01 -47.89 -1.36
N GLY M 312 -22.73 -48.12 -2.45
CA GLY M 312 -24.01 -48.78 -2.38
C GLY M 312 -23.84 -50.28 -2.40
N ASP M 313 -23.17 -50.78 -3.44
CA ASP M 313 -22.94 -52.21 -3.55
C ASP M 313 -21.67 -52.43 -4.35
N ILE M 314 -21.31 -53.70 -4.53
CA ILE M 314 -20.18 -54.10 -5.36
C ILE M 314 -20.72 -55.03 -6.42
N ILE M 315 -20.51 -54.71 -7.69
CA ILE M 315 -20.94 -55.54 -8.80
C ILE M 315 -19.84 -56.56 -9.05
N GLY M 316 -20.20 -57.84 -9.06
CA GLY M 316 -19.24 -58.89 -9.26
C GLY M 316 -18.54 -59.27 -7.96
N ASP M 317 -17.48 -60.06 -8.13
CA ASP M 317 -16.73 -60.59 -6.99
C ASP M 317 -15.93 -59.48 -6.30
N ILE M 318 -15.63 -59.70 -5.03
CA ILE M 318 -14.84 -58.77 -4.23
C ILE M 318 -13.42 -59.28 -4.14
N ARG M 319 -12.46 -58.46 -4.56
CA ARG M 319 -11.04 -58.78 -4.55
C ARG M 319 -10.31 -57.66 -3.83
N GLN M 320 -9.12 -57.98 -3.32
CA GLN M 320 -8.33 -57.02 -2.57
C GLN M 320 -7.60 -56.06 -3.51
N ALA M 321 -7.60 -54.79 -3.14
CA ALA M 321 -6.79 -53.79 -3.83
C ALA M 321 -5.32 -54.11 -3.61
N HIS M 322 -4.50 -53.84 -4.61
CA HIS M 322 -3.10 -54.23 -4.49
C HIS M 322 -2.26 -53.37 -5.43
N CYS M 323 -0.94 -53.44 -5.24
CA CYS M 323 0.02 -52.76 -6.09
C CYS M 323 1.04 -53.75 -6.61
N ASN M 324 1.38 -53.62 -7.88
CA ASN M 324 2.32 -54.51 -8.56
C ASN M 324 3.60 -53.74 -8.86
N VAL M 325 4.72 -54.24 -8.34
CA VAL M 325 6.05 -53.68 -8.59
C VAL M 325 6.89 -54.78 -9.22
N SER M 326 7.46 -54.51 -10.40
CA SER M 326 8.24 -55.51 -11.11
C SER M 326 9.43 -56.00 -10.31
N LYS M 327 9.62 -57.32 -10.29
CA LYS M 327 10.68 -57.93 -9.49
C LYS M 327 12.06 -57.49 -9.96
N ALA M 328 12.30 -57.54 -11.28
CA ALA M 328 13.63 -57.25 -11.79
C ALA M 328 13.95 -55.77 -11.67
N THR M 329 12.99 -54.89 -11.98
CA THR M 329 13.23 -53.46 -11.92
C THR M 329 13.47 -53.02 -10.50
N TRP M 330 12.66 -53.49 -9.57
CA TRP M 330 12.86 -53.16 -8.16
C TRP M 330 14.17 -53.74 -7.63
N ASN M 331 14.52 -54.96 -8.04
CA ASN M 331 15.76 -55.54 -7.57
C ASN M 331 16.96 -54.75 -8.07
N GLU M 332 16.89 -54.25 -9.31
CA GLU M 332 17.96 -53.38 -9.81
C GLU M 332 18.01 -52.07 -9.05
N THR M 333 16.84 -51.52 -8.72
CA THR M 333 16.80 -50.29 -7.93
C THR M 333 17.41 -50.50 -6.56
N LEU M 334 17.12 -51.63 -5.92
CA LEU M 334 17.71 -51.92 -4.62
C LEU M 334 19.22 -52.11 -4.75
N GLY M 335 19.68 -52.75 -5.82
CA GLY M 335 21.12 -52.86 -6.01
C GLY M 335 21.79 -51.51 -6.15
N LYS M 336 21.16 -50.59 -6.88
CA LYS M 336 21.72 -49.25 -7.03
C LYS M 336 21.76 -48.51 -5.69
N VAL M 337 20.68 -48.62 -4.92
CA VAL M 337 20.62 -47.94 -3.62
C VAL M 337 21.64 -48.53 -2.67
N VAL M 338 21.79 -49.86 -2.66
CA VAL M 338 22.76 -50.50 -1.79
C VAL M 338 24.18 -50.09 -2.14
N LYS M 339 24.51 -50.03 -3.44
CA LYS M 339 25.85 -49.58 -3.81
C LYS M 339 26.08 -48.13 -3.38
N GLN M 340 25.07 -47.28 -3.53
CA GLN M 340 25.24 -45.89 -3.13
C GLN M 340 25.35 -45.78 -1.60
N LEU M 341 24.63 -46.62 -0.86
CA LEU M 341 24.78 -46.64 0.60
C LEU M 341 26.15 -47.14 1.02
N ARG M 342 26.68 -48.15 0.32
CA ARG M 342 28.03 -48.63 0.62
C ARG M 342 29.07 -47.55 0.37
N LYS M 343 28.83 -46.67 -0.60
CA LYS M 343 29.73 -45.53 -0.79
C LYS M 343 29.79 -44.63 0.44
N HIS M 344 28.79 -44.67 1.32
CA HIS M 344 28.78 -43.85 2.53
C HIS M 344 29.09 -44.62 3.82
N PHE M 345 28.76 -45.92 3.90
CA PHE M 345 28.92 -46.69 5.12
C PHE M 345 29.99 -47.76 5.06
N GLY M 346 30.62 -47.99 3.90
CA GLY M 346 31.69 -48.98 3.79
C GLY M 346 31.39 -50.13 2.84
N ASN M 347 32.39 -50.51 2.04
CA ASN M 347 32.19 -51.58 1.07
C ASN M 347 32.02 -52.95 1.71
N ASN M 348 32.46 -53.12 2.96
CA ASN M 348 32.35 -54.39 3.67
C ASN M 348 31.23 -54.40 4.71
N THR M 349 30.35 -53.40 4.69
CA THR M 349 29.20 -53.34 5.58
C THR M 349 28.01 -53.96 4.85
N ILE M 350 27.32 -54.87 5.52
CA ILE M 350 26.16 -55.53 4.92
C ILE M 350 24.96 -54.61 5.07
N ILE M 351 24.27 -54.36 3.96
CA ILE M 351 23.08 -53.52 3.93
C ILE M 351 21.87 -54.45 3.95
N ARG M 352 20.98 -54.24 4.91
CA ARG M 352 19.78 -55.03 5.07
C ARG M 352 18.56 -54.12 5.03
N PHE M 353 17.49 -54.63 4.42
CA PHE M 353 16.20 -53.96 4.41
C PHE M 353 15.22 -54.75 5.26
N ALA M 354 14.27 -54.04 5.88
CA ALA M 354 13.27 -54.66 6.72
C ALA M 354 11.97 -53.89 6.60
N GLN M 355 10.89 -54.54 7.01
CA GLN M 355 9.57 -53.91 6.94
C GLN M 355 9.44 -52.83 8.00
N SER M 356 8.72 -51.77 7.65
CA SER M 356 8.47 -50.70 8.61
C SER M 356 7.59 -51.22 9.73
N SER M 357 7.87 -50.78 10.95
CA SER M 357 7.09 -51.17 12.11
C SER M 357 7.11 -50.06 13.15
N GLY M 358 5.98 -49.87 13.82
CA GLY M 358 5.84 -48.86 14.84
C GLY M 358 5.02 -47.68 14.36
N GLY M 359 4.05 -47.25 15.16
CA GLY M 359 3.17 -46.18 14.76
C GLY M 359 1.94 -46.69 14.03
N ASP M 360 1.20 -45.74 13.47
CA ASP M 360 -0.06 -46.04 12.81
C ASP M 360 0.16 -46.32 11.32
N LEU M 361 -0.94 -46.54 10.59
CA LEU M 361 -0.85 -46.89 9.18
C LEU M 361 -0.20 -45.79 8.36
N GLU M 362 -0.35 -44.52 8.77
CA GLU M 362 0.22 -43.43 8.00
C GLU M 362 1.75 -43.49 7.94
N VAL M 363 2.39 -44.12 8.93
CA VAL M 363 3.85 -44.21 8.96
C VAL M 363 4.36 -45.63 8.74
N THR M 364 3.56 -46.66 9.03
CA THR M 364 4.01 -48.04 8.86
C THR M 364 3.77 -48.58 7.45
N THR M 365 2.88 -47.97 6.68
CA THR M 365 2.55 -48.40 5.34
C THR M 365 2.82 -47.28 4.33
N HIS M 366 2.70 -47.64 3.06
CA HIS M 366 2.83 -46.72 1.94
C HIS M 366 1.46 -46.11 1.70
N SER M 367 1.28 -44.88 2.16
CA SER M 367 0.02 -44.16 2.03
C SER M 367 0.05 -43.30 0.78
N PHE M 368 -1.01 -43.35 -0.01
CA PHE M 368 -1.06 -42.46 -1.17
C PHE M 368 -2.50 -42.32 -1.65
N ASN M 369 -2.73 -41.27 -2.43
CA ASN M 369 -4.01 -41.02 -3.07
C ASN M 369 -3.95 -41.54 -4.51
N CYS M 370 -4.78 -42.54 -4.81
CA CYS M 370 -4.85 -43.15 -6.14
C CYS M 370 -6.28 -43.04 -6.67
N GLY M 371 -6.46 -42.18 -7.67
CA GLY M 371 -7.74 -42.09 -8.33
C GLY M 371 -8.86 -41.55 -7.47
N GLY M 372 -8.53 -40.85 -6.39
CA GLY M 372 -9.51 -40.38 -5.44
C GLY M 372 -9.66 -41.21 -4.19
N GLU M 373 -9.06 -42.41 -4.12
CA GLU M 373 -9.16 -43.24 -2.92
C GLU M 373 -7.80 -43.38 -2.26
N PHE M 374 -7.81 -43.51 -0.94
CA PHE M 374 -6.58 -43.53 -0.16
C PHE M 374 -6.17 -44.97 0.13
N PHE M 375 -5.01 -45.33 -0.41
CA PHE M 375 -4.41 -46.66 -0.35
C PHE M 375 -3.31 -46.69 0.69
N TYR M 376 -3.22 -47.81 1.41
CA TYR M 376 -2.21 -48.08 2.43
C TYR M 376 -1.59 -49.44 2.13
N CYS M 377 -0.54 -49.45 1.32
CA CYS M 377 0.09 -50.67 0.84
C CYS M 377 1.21 -51.10 1.80
N ASN M 378 1.24 -52.41 2.08
CA ASN M 378 2.15 -52.93 3.11
C ASN M 378 3.61 -52.70 2.75
N THR M 379 3.99 -52.94 1.49
CA THR M 379 5.37 -52.87 0.98
C THR M 379 6.27 -53.92 1.61
N SER M 380 5.71 -54.91 2.33
CA SER M 380 6.54 -55.89 3.00
C SER M 380 7.36 -56.71 2.02
N GLY M 381 6.90 -56.82 0.78
CA GLY M 381 7.60 -57.55 -0.25
C GLY M 381 8.65 -56.78 -0.99
N LEU M 382 8.83 -55.49 -0.69
CA LEU M 382 9.85 -54.66 -1.32
C LEU M 382 11.09 -54.53 -0.47
N PHE M 383 10.96 -54.59 0.85
CA PHE M 383 12.07 -54.35 1.76
C PHE M 383 12.35 -55.56 2.64
N ASN M 384 12.38 -56.76 2.04
CA ASN M 384 12.62 -58.00 2.76
C ASN M 384 14.03 -58.56 2.56
N SER M 385 14.71 -58.17 1.49
CA SER M 385 15.98 -58.80 1.16
C SER M 385 17.13 -58.26 2.01
N THR M 386 18.21 -59.04 2.05
CA THR M 386 19.46 -58.68 2.72
C THR M 386 20.60 -58.78 1.72
N TRP M 387 21.44 -57.77 1.68
CA TRP M 387 22.54 -57.68 0.72
C TRP M 387 23.89 -57.89 1.39
N SER M 404 6.61 -60.31 -10.69
CA SER M 404 5.97 -59.14 -10.10
C SER M 404 5.66 -59.33 -8.63
N ILE M 405 6.08 -58.37 -7.82
CA ILE M 405 5.79 -58.36 -6.39
C ILE M 405 4.42 -57.73 -6.20
N THR M 406 3.54 -58.46 -5.52
CA THR M 406 2.19 -58.01 -5.25
C THR M 406 2.14 -57.54 -3.81
N LEU M 407 1.70 -56.30 -3.61
CA LEU M 407 1.61 -55.68 -2.31
C LEU M 407 0.14 -55.56 -1.92
N PRO M 408 -0.33 -56.20 -0.86
CA PRO M 408 -1.70 -55.95 -0.40
C PRO M 408 -1.84 -54.50 0.03
N CYS M 409 -2.99 -53.90 -0.29
CA CYS M 409 -3.25 -52.51 0.06
C CYS M 409 -4.62 -52.42 0.72
N ARG M 410 -4.68 -51.69 1.83
CA ARG M 410 -5.93 -51.39 2.50
C ARG M 410 -6.44 -50.06 2.00
N ILE M 411 -7.75 -49.87 2.04
CA ILE M 411 -8.39 -48.65 1.56
C ILE M 411 -9.09 -47.99 2.74
N LYS M 412 -8.93 -46.68 2.88
CA LYS M 412 -9.65 -45.93 3.90
C LYS M 412 -10.48 -44.82 3.30
N GLN M 413 -11.58 -44.49 3.99
CA GLN M 413 -12.45 -43.40 3.60
C GLN M 413 -12.37 -42.19 4.51
N ILE M 414 -12.13 -42.37 5.81
CA ILE M 414 -12.02 -41.26 6.75
C ILE M 414 -10.53 -41.05 7.00
N ILE M 415 -10.01 -39.91 6.54
CA ILE M 415 -8.57 -39.66 6.47
C ILE M 415 -8.23 -38.47 7.36
N ASN M 416 -7.23 -38.66 8.23
CA ASN M 416 -6.65 -37.59 9.04
C ASN M 416 -5.33 -37.21 8.38
N MET M 417 -5.36 -36.16 7.57
CA MET M 417 -4.17 -35.76 6.82
C MET M 417 -3.31 -34.78 7.59
N TRP M 418 -2.02 -34.77 7.22
CA TRP M 418 -1.01 -33.85 7.73
C TRP M 418 -0.75 -34.05 9.21
N GLN M 419 -0.90 -35.29 9.69
CA GLN M 419 -0.62 -35.66 11.08
C GLN M 419 -1.34 -34.74 12.07
N ARG M 420 -2.66 -34.62 11.91
CA ARG M 420 -3.47 -33.75 12.75
C ARG M 420 -4.61 -34.52 13.38
N ILE M 421 -5.09 -33.99 14.50
CA ILE M 421 -6.18 -34.57 15.28
C ILE M 421 -7.29 -33.54 15.39
N GLY M 422 -8.53 -33.98 15.14
CA GLY M 422 -9.71 -33.15 15.29
C GLY M 422 -10.36 -32.69 14.00
N GLN M 423 -9.68 -32.81 12.86
CA GLN M 423 -10.23 -32.43 11.56
C GLN M 423 -10.09 -33.61 10.61
N ALA M 424 -11.16 -34.39 10.43
CA ALA M 424 -11.13 -35.58 9.59
C ALA M 424 -11.89 -35.31 8.29
N MET M 425 -11.37 -35.86 7.21
CA MET M 425 -12.00 -35.78 5.90
C MET M 425 -12.57 -37.15 5.55
N TYR M 426 -13.77 -37.15 4.98
CA TYR M 426 -14.39 -38.35 4.43
C TYR M 426 -14.20 -38.34 2.93
N ALA M 427 -13.51 -39.34 2.40
CA ALA M 427 -13.27 -39.43 0.97
C ALA M 427 -14.43 -40.19 0.34
N PRO M 428 -15.27 -39.56 -0.50
CA PRO M 428 -16.39 -40.29 -1.07
C PRO M 428 -15.88 -41.33 -2.05
N PRO M 429 -16.58 -42.46 -2.21
CA PRO M 429 -16.11 -43.48 -3.14
C PRO M 429 -16.26 -43.03 -4.59
N ILE M 430 -15.41 -43.58 -5.45
CA ILE M 430 -15.39 -43.28 -6.87
C ILE M 430 -16.06 -44.43 -7.60
N GLN M 431 -17.06 -44.10 -8.42
CA GLN M 431 -17.79 -45.10 -9.18
C GLN M 431 -16.88 -45.87 -10.13
N GLY M 432 -17.00 -47.19 -10.11
CA GLY M 432 -16.24 -48.06 -10.99
C GLY M 432 -14.94 -48.58 -10.40
N VAL M 433 -14.09 -49.06 -11.30
CA VAL M 433 -12.83 -49.72 -11.00
C VAL M 433 -11.70 -48.72 -11.07
N ILE M 434 -10.79 -48.76 -10.10
CA ILE M 434 -9.67 -47.82 -10.06
C ILE M 434 -8.40 -48.54 -10.45
N ARG M 435 -7.67 -47.98 -11.40
CA ARG M 435 -6.33 -48.44 -11.75
C ARG M 435 -5.50 -47.22 -12.12
N CYS M 436 -4.27 -47.17 -11.60
CA CYS M 436 -3.35 -46.12 -11.97
C CYS M 436 -1.94 -46.65 -11.85
N VAL M 437 -1.04 -46.10 -12.67
CA VAL M 437 0.36 -46.49 -12.67
C VAL M 437 1.17 -45.26 -12.30
N SER M 438 1.99 -45.38 -11.25
CA SER M 438 2.82 -44.29 -10.78
C SER M 438 4.29 -44.59 -11.01
N ASN M 439 5.07 -43.52 -11.11
CA ASN M 439 6.51 -43.62 -11.30
C ASN M 439 7.18 -43.41 -9.95
N ILE M 440 7.75 -44.46 -9.39
CA ILE M 440 8.49 -44.33 -8.14
C ILE M 440 9.83 -43.71 -8.50
N THR M 441 10.06 -42.50 -7.99
CA THR M 441 11.25 -41.73 -8.24
C THR M 441 12.14 -41.60 -7.01
N GLY M 442 11.75 -42.18 -5.87
CA GLY M 442 12.57 -42.07 -4.69
C GLY M 442 11.93 -42.74 -3.49
N LEU M 443 12.75 -42.89 -2.46
CA LEU M 443 12.41 -43.57 -1.22
C LEU M 443 12.72 -42.65 -0.05
N ILE M 444 11.99 -42.84 1.04
CA ILE M 444 12.32 -42.22 2.32
C ILE M 444 12.66 -43.37 3.26
N LEU M 445 13.93 -43.48 3.63
CA LEU M 445 14.45 -44.56 4.45
C LEU M 445 14.94 -43.98 5.78
N THR M 446 14.94 -44.80 6.81
CA THR M 446 15.53 -44.47 8.09
C THR M 446 16.46 -45.60 8.50
N ARG M 447 17.40 -45.26 9.37
CA ARG M 447 18.34 -46.22 9.92
C ARG M 447 17.78 -46.82 11.20
N ASP M 448 18.10 -48.10 11.41
CA ASP M 448 17.67 -48.78 12.63
C ASP M 448 18.63 -48.44 13.76
N SER M 454 27.33 -51.35 13.68
CA SER M 454 27.96 -52.67 13.85
C SER M 454 28.37 -53.22 12.48
N THR M 455 28.47 -54.54 12.35
CA THR M 455 28.86 -55.14 11.09
C THR M 455 27.79 -54.93 10.03
N THR M 456 26.52 -55.09 10.40
CA THR M 456 25.39 -54.97 9.48
C THR M 456 24.47 -53.86 10.00
N GLU M 457 24.07 -52.98 9.09
CA GLU M 457 23.14 -51.90 9.40
C GLU M 457 21.86 -52.12 8.59
N THR M 458 20.71 -51.92 9.25
CA THR M 458 19.41 -52.20 8.68
C THR M 458 18.65 -50.91 8.44
N PHE M 459 18.07 -50.79 7.23
CA PHE M 459 17.30 -49.63 6.82
C PHE M 459 15.83 -50.03 6.69
N ARG M 460 14.94 -49.15 7.12
CA ARG M 460 13.50 -49.38 7.01
C ARG M 460 12.81 -48.18 6.39
N PRO M 461 11.75 -48.39 5.60
CA PRO M 461 10.94 -47.24 5.17
C PRO M 461 10.29 -46.58 6.36
N GLY M 462 10.09 -45.27 6.25
CA GLY M 462 9.40 -44.56 7.31
C GLY M 462 9.46 -43.07 7.10
N GLY M 463 8.77 -42.36 7.99
CA GLY M 463 8.71 -40.91 7.99
C GLY M 463 7.36 -40.40 7.52
N GLY M 464 6.66 -39.73 8.43
CA GLY M 464 5.36 -39.13 8.16
C GLY M 464 5.36 -37.61 8.26
N ASP M 465 6.53 -36.98 8.33
CA ASP M 465 6.59 -35.54 8.55
C ASP M 465 5.94 -34.77 7.41
N MET M 466 5.96 -35.32 6.20
CA MET M 466 5.43 -34.74 4.97
C MET M 466 6.18 -33.50 4.51
N ARG M 467 7.29 -33.14 5.16
CA ARG M 467 8.15 -32.09 4.65
C ARG M 467 9.25 -32.67 3.78
N ASP M 468 9.35 -34.00 3.71
CA ASP M 468 10.33 -34.66 2.86
C ASP M 468 9.84 -34.77 1.43
N ASN M 469 8.53 -34.80 1.23
CA ASN M 469 7.99 -34.92 -0.12
C ASN M 469 7.99 -33.58 -0.84
N TRP M 470 8.38 -32.52 -0.15
CA TRP M 470 8.57 -31.19 -0.71
C TRP M 470 10.04 -30.86 -0.77
N ARG M 471 10.75 -31.16 0.32
CA ARG M 471 12.19 -30.98 0.37
C ARG M 471 12.91 -31.80 -0.69
N SER M 472 12.41 -33.00 -0.99
CA SER M 472 13.03 -33.84 -2.00
C SER M 472 12.91 -33.29 -3.41
N GLU M 473 12.04 -32.31 -3.64
CA GLU M 473 11.94 -31.61 -4.92
C GLU M 473 12.53 -30.21 -4.88
N LEU M 474 12.45 -29.55 -3.74
CA LEU M 474 12.92 -28.19 -3.52
C LEU M 474 14.38 -28.13 -3.10
N TYR M 475 15.07 -29.26 -3.04
CA TYR M 475 16.44 -29.32 -2.57
C TYR M 475 17.39 -28.49 -3.42
N LYS M 476 17.07 -28.23 -4.68
CA LYS M 476 17.96 -27.51 -5.58
C LYS M 476 17.70 -26.02 -5.65
N TYR M 477 16.74 -25.48 -4.89
CA TYR M 477 16.38 -24.08 -4.98
C TYR M 477 16.62 -23.35 -3.66
N LYS M 478 17.05 -22.10 -3.77
CA LYS M 478 17.15 -21.21 -2.61
C LYS M 478 16.68 -19.82 -3.01
N VAL M 479 16.12 -19.08 -2.05
CA VAL M 479 15.67 -17.71 -2.26
C VAL M 479 16.75 -16.76 -1.78
N VAL M 480 17.13 -15.80 -2.63
CA VAL M 480 18.10 -14.79 -2.27
C VAL M 480 17.50 -13.42 -2.56
N LYS M 481 17.85 -12.47 -1.71
CA LYS M 481 17.48 -11.07 -1.85
C LYS M 481 18.56 -10.34 -2.62
N ILE M 482 18.16 -9.51 -3.56
CA ILE M 482 19.09 -8.73 -4.37
C ILE M 482 19.39 -7.45 -3.63
N GLU M 483 20.68 -7.10 -3.56
CA GLU M 483 21.17 -5.92 -2.86
C GLU M 483 21.81 -5.04 -3.93
N PRO M 484 21.01 -4.29 -4.70
CA PRO M 484 21.55 -3.61 -5.88
C PRO M 484 22.45 -2.44 -5.58
N LEU M 485 22.51 -1.97 -4.34
CA LEU M 485 23.26 -0.78 -3.97
C LEU M 485 24.60 -1.20 -3.41
N GLY M 486 25.67 -0.52 -3.83
CA GLY M 486 26.98 -0.83 -3.31
C GLY M 486 27.94 0.30 -3.61
N VAL M 487 29.14 0.19 -3.05
CA VAL M 487 30.17 1.22 -3.18
C VAL M 487 31.46 0.56 -3.62
N ALA M 488 32.33 1.35 -4.24
CA ALA M 488 33.64 0.84 -4.63
C ALA M 488 34.58 2.00 -4.85
N PRO M 489 35.89 1.82 -4.65
CA PRO M 489 36.82 2.91 -4.96
C PRO M 489 37.03 3.07 -6.46
N THR M 490 37.07 4.33 -6.89
CA THR M 490 37.44 4.69 -8.26
C THR M 490 38.30 5.94 -8.16
N ARG M 491 38.82 6.39 -9.30
CA ARG M 491 39.60 7.62 -9.31
C ARG M 491 38.77 8.87 -9.61
N CYS M 492 37.46 8.73 -9.76
CA CYS M 492 36.60 9.87 -10.09
C CYS M 492 36.19 10.61 -8.84
N LYS M 493 36.05 11.93 -8.98
CA LYS M 493 35.65 12.84 -7.91
C LYS M 493 34.50 13.69 -8.39
N ARG M 494 33.55 13.95 -7.48
CA ARG M 494 32.46 14.86 -7.80
C ARG M 494 32.98 16.27 -8.04
N ARG M 495 32.42 16.92 -9.06
CA ARG M 495 32.75 18.28 -9.48
C ARG M 495 34.04 18.25 -10.29
N SER N 8 23.89 -9.38 -23.64
CA SER N 8 23.42 -8.75 -22.41
C SER N 8 23.49 -9.68 -21.20
N LEU N 9 23.55 -10.99 -21.46
CA LEU N 9 23.64 -12.06 -20.47
C LEU N 9 22.38 -12.28 -19.64
N GLY N 10 21.61 -11.23 -19.33
CA GLY N 10 20.40 -11.36 -18.54
C GLY N 10 20.60 -10.96 -17.09
N PHE N 11 19.52 -11.12 -16.34
CA PHE N 11 19.50 -10.73 -14.94
C PHE N 11 20.52 -11.53 -14.14
N LEU N 12 21.39 -10.83 -13.42
CA LEU N 12 22.50 -11.41 -12.65
C LEU N 12 23.48 -12.21 -13.51
N GLY N 13 23.43 -12.10 -14.84
CA GLY N 13 24.32 -12.93 -15.64
C GLY N 13 25.77 -12.52 -15.52
N ALA N 14 26.03 -11.34 -15.00
CA ALA N 14 27.37 -10.81 -14.77
C ALA N 14 27.79 -10.98 -13.32
N ALA N 15 27.00 -11.69 -12.51
CA ALA N 15 27.31 -11.84 -11.09
C ALA N 15 28.66 -12.50 -10.87
N GLY N 16 29.04 -13.44 -11.73
CA GLY N 16 30.32 -14.09 -11.63
C GLY N 16 31.42 -13.43 -12.42
N SER N 17 31.13 -12.34 -13.12
CA SER N 17 32.11 -11.58 -13.87
C SER N 17 32.79 -10.59 -12.94
N THR N 18 33.87 -9.98 -13.44
CA THR N 18 34.60 -9.03 -12.62
C THR N 18 33.81 -7.73 -12.48
N MET N 19 34.21 -6.93 -11.49
CA MET N 19 33.50 -5.68 -11.22
C MET N 19 33.54 -4.74 -12.42
N GLY N 20 34.65 -4.70 -13.13
CA GLY N 20 34.74 -3.81 -14.28
C GLY N 20 33.93 -4.26 -15.47
N ALA N 21 33.47 -5.51 -15.49
CA ALA N 21 32.57 -6.04 -16.51
C ALA N 21 31.13 -6.00 -16.05
N ALA N 22 30.87 -6.38 -14.80
CA ALA N 22 29.52 -6.34 -14.27
C ALA N 22 28.99 -4.93 -14.11
N SER N 23 29.87 -3.94 -13.91
CA SER N 23 29.43 -2.56 -13.77
C SER N 23 28.83 -1.97 -15.04
N MET N 24 28.97 -2.64 -16.19
CA MET N 24 28.37 -2.17 -17.43
C MET N 24 26.97 -2.73 -17.66
N THR N 25 26.45 -3.54 -16.74
CA THR N 25 25.14 -4.19 -16.87
C THR N 25 24.19 -3.75 -15.76
N LEU N 26 24.38 -2.55 -15.23
CA LEU N 26 23.59 -2.09 -14.08
C LEU N 26 22.12 -1.93 -14.43
N THR N 27 21.81 -1.57 -15.67
CA THR N 27 20.40 -1.36 -16.02
C THR N 27 19.65 -2.68 -16.10
N VAL N 28 20.35 -3.77 -16.41
CA VAL N 28 19.69 -5.07 -16.44
C VAL N 28 19.25 -5.44 -15.04
N GLN N 29 20.09 -5.15 -14.04
CA GLN N 29 19.71 -5.40 -12.66
C GLN N 29 18.62 -4.44 -12.19
N ALA N 30 18.73 -3.16 -12.59
CA ALA N 30 17.78 -2.15 -12.15
C ALA N 30 16.37 -2.43 -12.66
N ARG N 31 16.25 -2.91 -13.90
CA ARG N 31 14.92 -3.14 -14.46
C ARG N 31 14.19 -4.31 -13.84
N ASN N 32 14.87 -5.17 -13.08
CA ASN N 32 14.27 -6.35 -12.48
C ASN N 32 14.00 -6.18 -10.99
N LEU N 33 14.06 -4.97 -10.46
CA LEU N 33 13.81 -4.74 -9.04
C LEU N 33 12.35 -4.48 -8.73
N LEU N 34 11.59 -3.96 -9.69
CA LEU N 34 10.16 -3.72 -9.50
C LEU N 34 9.27 -4.80 -10.09
N SER N 35 9.72 -5.50 -11.12
CA SER N 35 8.89 -6.54 -11.73
C SER N 35 9.75 -7.55 -12.48
N GLN N 64 0.32 -12.01 -1.33
CA GLN N 64 0.90 -11.42 -2.53
C GLN N 64 1.08 -9.92 -2.34
N LEU N 65 0.09 -9.28 -1.71
CA LEU N 65 0.20 -7.84 -1.48
C LEU N 65 1.34 -7.52 -0.53
N GLN N 66 1.61 -8.39 0.44
CA GLN N 66 2.71 -8.13 1.36
C GLN N 66 4.02 -8.17 0.61
N ALA N 67 4.13 -9.07 -0.37
CA ALA N 67 5.35 -9.14 -1.17
C ALA N 67 5.51 -7.91 -2.05
N ARG N 68 4.42 -7.41 -2.64
CA ARG N 68 4.52 -6.23 -3.47
C ARG N 68 4.90 -5.01 -2.65
N VAL N 69 4.28 -4.84 -1.49
CA VAL N 69 4.61 -3.70 -0.65
C VAL N 69 6.03 -3.80 -0.13
N LEU N 70 6.48 -5.01 0.22
CA LEU N 70 7.86 -5.16 0.66
C LEU N 70 8.85 -4.81 -0.45
N ALA N 71 8.58 -5.25 -1.69
CA ALA N 71 9.46 -4.89 -2.79
C ALA N 71 9.48 -3.39 -3.04
N VAL N 72 8.31 -2.75 -2.96
CA VAL N 72 8.23 -1.30 -3.15
C VAL N 72 9.00 -0.59 -2.04
N GLU N 73 8.84 -1.04 -0.80
CA GLU N 73 9.57 -0.41 0.30
C GLU N 73 11.07 -0.56 0.14
N HIS N 74 11.55 -1.73 -0.30
CA HIS N 74 12.98 -1.90 -0.47
C HIS N 74 13.51 -1.02 -1.59
N TYR N 75 12.76 -0.93 -2.69
CA TYR N 75 13.15 -0.02 -3.78
C TYR N 75 13.21 1.42 -3.29
N LEU N 76 12.18 1.85 -2.56
CA LEU N 76 12.15 3.23 -2.07
C LEU N 76 13.22 3.50 -1.03
N ARG N 77 13.55 2.54 -0.18
CA ARG N 77 14.63 2.76 0.78
C ARG N 77 15.97 2.92 0.06
N ASP N 78 16.20 2.13 -0.99
CA ASP N 78 17.44 2.30 -1.76
C ASP N 78 17.47 3.63 -2.49
N GLN N 79 16.34 4.03 -3.08
CA GLN N 79 16.31 5.32 -3.76
C GLN N 79 16.42 6.48 -2.78
N GLN N 80 15.88 6.34 -1.57
CA GLN N 80 16.05 7.37 -0.56
C GLN N 80 17.51 7.48 -0.16
N LEU N 81 18.20 6.35 0.02
CA LEU N 81 19.62 6.43 0.33
C LEU N 81 20.39 7.09 -0.79
N LEU N 82 20.03 6.81 -2.03
CA LEU N 82 20.67 7.53 -3.13
C LEU N 82 20.33 9.02 -3.13
N GLY N 83 19.12 9.40 -2.73
CA GLY N 83 18.75 10.81 -2.70
C GLY N 83 19.28 11.60 -1.52
N ILE N 84 19.59 10.93 -0.41
CA ILE N 84 20.26 11.58 0.71
C ILE N 84 21.67 11.95 0.30
N TRP N 85 22.30 11.07 -0.46
CA TRP N 85 23.57 11.34 -1.10
C TRP N 85 23.23 12.19 -2.32
N GLY N 86 24.23 12.60 -3.09
CA GLY N 86 23.92 13.39 -4.26
C GLY N 86 23.59 12.57 -5.49
N CYS N 87 23.50 11.25 -5.33
CA CYS N 87 23.33 10.28 -6.42
C CYS N 87 21.88 10.04 -6.76
N SER N 88 21.11 11.10 -7.01
CA SER N 88 19.65 10.96 -7.12
C SER N 88 19.22 10.11 -8.30
N GLY N 89 19.52 10.55 -9.51
CA GLY N 89 19.07 9.89 -10.71
C GLY N 89 20.11 9.06 -11.44
N LYS N 90 21.24 8.78 -10.81
CA LYS N 90 22.37 8.14 -11.46
C LYS N 90 22.50 6.70 -10.99
N LEU N 91 23.00 5.83 -11.88
CA LEU N 91 23.39 4.48 -11.52
C LEU N 91 24.88 4.38 -11.21
N ILE N 92 25.70 5.24 -11.79
CA ILE N 92 27.12 5.37 -11.47
C ILE N 92 27.28 6.79 -10.98
N CYS N 93 27.73 6.95 -9.73
CA CYS N 93 27.79 8.26 -9.11
C CYS N 93 29.10 8.43 -8.36
N CYS N 94 29.85 9.47 -8.73
CA CYS N 94 31.12 9.79 -8.10
C CYS N 94 30.89 10.78 -6.97
N THR N 95 31.48 10.51 -5.82
CA THR N 95 31.28 11.31 -4.61
C THR N 95 32.59 11.96 -4.18
N ASN N 96 32.52 12.74 -3.10
CA ASN N 96 33.66 13.45 -2.53
C ASN N 96 34.22 12.78 -1.28
N VAL N 97 33.86 11.54 -1.02
CA VAL N 97 34.37 10.81 0.14
C VAL N 97 35.65 10.10 -0.29
N PRO N 98 36.81 10.39 0.32
CA PRO N 98 38.01 9.67 -0.07
C PRO N 98 37.93 8.24 0.46
N TRP N 99 38.60 7.34 -0.25
CA TRP N 99 38.62 5.95 0.18
C TRP N 99 39.69 5.76 1.23
N ASN N 100 39.32 5.12 2.32
CA ASN N 100 40.22 4.84 3.42
C ASN N 100 40.90 3.51 3.17
N SER N 101 42.22 3.48 3.32
CA SER N 101 42.94 2.22 3.13
C SER N 101 42.60 1.20 4.20
N SER N 102 42.01 1.63 5.32
CA SER N 102 41.57 0.67 6.35
C SER N 102 40.31 -0.07 5.95
N TRP N 103 39.55 0.43 4.97
CA TRP N 103 38.38 -0.29 4.49
C TRP N 103 38.79 -1.40 3.54
N SER N 104 39.67 -1.09 2.61
CA SER N 104 40.26 -2.07 1.71
C SER N 104 41.50 -1.43 1.12
N ASN N 105 42.63 -2.14 1.19
CA ASN N 105 43.91 -1.63 0.70
C ASN N 105 44.27 -2.21 -0.66
N ARG N 106 43.32 -2.78 -1.38
CA ARG N 106 43.61 -3.31 -2.70
C ARG N 106 43.71 -2.17 -3.70
N ASN N 107 44.58 -2.35 -4.69
CA ASN N 107 44.66 -1.36 -5.75
C ASN N 107 43.58 -1.64 -6.78
N LEU N 108 43.37 -0.68 -7.66
CA LEU N 108 42.28 -0.78 -8.63
C LEU N 108 42.50 -1.91 -9.62
N SER N 109 43.74 -2.29 -9.86
CA SER N 109 44.00 -3.38 -10.80
C SER N 109 43.51 -4.72 -10.27
N GLU N 110 43.22 -4.83 -8.96
CA GLU N 110 42.62 -6.02 -8.37
C GLU N 110 41.12 -5.89 -8.14
N ILE N 111 40.65 -4.73 -7.68
CA ILE N 111 39.24 -4.58 -7.37
C ILE N 111 38.39 -4.66 -8.64
N TRP N 112 38.79 -3.96 -9.68
CA TRP N 112 37.97 -3.86 -10.88
C TRP N 112 38.26 -4.90 -11.94
N ASP N 113 39.50 -5.40 -12.04
CA ASP N 113 39.88 -6.35 -13.08
C ASP N 113 39.88 -7.80 -12.63
N ASN N 114 40.09 -8.06 -11.33
CA ASN N 114 40.19 -9.42 -10.80
C ASN N 114 39.01 -9.82 -9.93
N MET N 115 38.55 -8.94 -9.05
CA MET N 115 37.54 -9.26 -8.07
C MET N 115 36.13 -9.08 -8.63
N THR N 116 35.20 -9.91 -8.16
CA THR N 116 33.79 -9.82 -8.52
C THR N 116 33.03 -9.01 -7.48
N TRP N 117 31.79 -8.64 -7.81
CA TRP N 117 31.01 -7.85 -6.87
C TRP N 117 30.61 -8.65 -5.63
N LEU N 118 30.44 -9.97 -5.74
CA LEU N 118 30.09 -10.75 -4.56
C LEU N 118 31.24 -10.80 -3.57
N GLN N 119 32.47 -11.02 -4.06
CA GLN N 119 33.62 -11.06 -3.19
C GLN N 119 33.90 -9.70 -2.60
N TRP N 120 33.76 -8.64 -3.40
CA TRP N 120 33.95 -7.29 -2.88
C TRP N 120 32.91 -6.96 -1.84
N ASP N 121 31.65 -7.31 -2.09
CA ASP N 121 30.59 -7.05 -1.12
C ASP N 121 30.86 -7.77 0.19
N LYS N 122 31.40 -8.98 0.12
CA LYS N 122 31.79 -9.67 1.35
C LYS N 122 32.95 -8.96 2.05
N GLU N 123 33.94 -8.49 1.29
CA GLU N 123 35.12 -7.90 1.91
C GLU N 123 34.80 -6.64 2.71
N ILE N 124 33.91 -5.77 2.22
CA ILE N 124 33.66 -4.48 2.86
C ILE N 124 32.32 -4.43 3.57
N SER N 125 31.73 -5.58 3.93
CA SER N 125 30.49 -5.54 4.68
C SER N 125 30.67 -4.83 6.02
N ASN N 126 31.79 -5.13 6.71
CA ASN N 126 32.02 -4.60 8.04
C ASN N 126 32.14 -3.09 8.07
N TYR N 127 32.43 -2.45 6.93
CA TYR N 127 32.59 -1.01 6.88
C TYR N 127 31.49 -0.32 6.10
N THR N 128 30.51 -1.06 5.58
CA THR N 128 29.52 -0.44 4.69
C THR N 128 28.74 0.64 5.44
N GLN N 129 28.34 0.36 6.67
CA GLN N 129 27.55 1.33 7.41
C GLN N 129 28.38 2.55 7.77
N ILE N 130 29.70 2.40 7.87
CA ILE N 130 30.52 3.58 8.07
C ILE N 130 30.52 4.43 6.81
N ILE N 131 30.71 3.77 5.65
CA ILE N 131 30.89 4.49 4.40
C ILE N 131 29.63 5.27 4.08
N TYR N 132 28.47 4.64 4.26
CA TYR N 132 27.20 5.31 3.98
C TYR N 132 27.06 6.55 4.83
N GLY N 133 27.45 6.46 6.10
CA GLY N 133 27.34 7.62 6.96
C GLY N 133 28.17 8.78 6.44
N LEU N 134 29.40 8.48 6.00
CA LEU N 134 30.24 9.55 5.50
C LEU N 134 29.66 10.14 4.24
N LEU N 135 29.03 9.30 3.40
CA LEU N 135 28.43 9.82 2.18
C LEU N 135 27.35 10.82 2.51
N GLU N 136 26.54 10.50 3.53
CA GLU N 136 25.48 11.41 3.91
C GLU N 136 26.06 12.73 4.37
N GLU N 137 27.13 12.66 5.19
CA GLU N 137 27.71 13.90 5.70
C GLU N 137 28.24 14.74 4.57
N SER N 138 28.85 14.11 3.57
CA SER N 138 29.42 14.89 2.49
C SER N 138 28.33 15.65 1.76
N GLN N 139 27.20 14.98 1.49
CA GLN N 139 26.17 15.67 0.73
C GLN N 139 25.60 16.82 1.53
N ASN N 140 25.50 16.66 2.85
CA ASN N 140 24.94 17.74 3.64
C ASN N 140 25.81 18.98 3.53
N GLN N 141 27.13 18.78 3.57
CA GLN N 141 28.02 19.92 3.46
C GLN N 141 27.90 20.54 2.07
N GLN N 142 27.81 19.67 1.07
CA GLN N 142 27.69 20.15 -0.30
C GLN N 142 26.44 20.98 -0.47
N GLU N 143 25.33 20.54 0.14
CA GLU N 143 24.09 21.28 -0.05
C GLU N 143 24.21 22.68 0.52
N LYS N 144 24.83 22.79 1.71
CA LYS N 144 24.97 24.12 2.28
C LYS N 144 25.91 24.96 1.44
N ASN N 145 26.98 24.34 0.92
CA ASN N 145 27.91 25.10 0.11
C ASN N 145 27.23 25.57 -1.16
N GLU N 146 26.38 24.71 -1.75
CA GLU N 146 25.70 25.15 -2.96
C GLU N 146 24.72 26.26 -2.62
N GLN N 147 24.05 26.12 -1.47
CA GLN N 147 23.12 27.16 -1.07
C GLN N 147 23.83 28.49 -0.85
N ASP N 148 25.09 28.45 -0.39
CA ASP N 148 25.80 29.70 -0.22
C ASP N 148 26.32 30.21 -1.56
N LEU N 149 26.75 29.30 -2.44
CA LEU N 149 27.28 29.74 -3.72
C LEU N 149 26.20 30.37 -4.58
N LEU N 150 24.97 29.85 -4.51
CA LEU N 150 23.87 30.47 -5.21
C LEU N 150 23.36 31.72 -4.51
N ALA N 151 23.85 32.01 -3.31
CA ALA N 151 23.46 33.20 -2.57
C ALA N 151 24.30 34.43 -2.89
N LEU N 152 25.34 34.28 -3.70
CA LEU N 152 26.17 35.42 -4.06
C LEU N 152 25.53 36.17 -5.21
N ASP N 153 25.36 37.48 -5.03
CA ASP N 153 24.70 38.32 -6.01
C ASP N 153 25.62 38.57 -7.18
#